data_8W0P
#
_entry.id   8W0P
#
_cell.length_a   1.00
_cell.length_b   1.00
_cell.length_c   1.00
_cell.angle_alpha   90.00
_cell.angle_beta   90.00
_cell.angle_gamma   90.00
#
_symmetry.space_group_name_H-M   'P 1'
#
loop_
_entity.id
_entity.type
_entity.pdbx_description
1 polymer RM.BsaXI
2 polymer S.BsaXI
3 non-polymer S-ADENOSYLMETHIONINE
#
loop_
_entity_poly.entity_id
_entity_poly.type
_entity_poly.pdbx_seq_one_letter_code
_entity_poly.pdbx_strand_id
1 'polypeptide(L)'
;MKNWQRIVEAKLEQQKHKVAEISLENGTVNYSKKIKHNRNLKALTGDEEIVRAFLIDRLVNELDYKPEYLETEKEYTIKG
GHSKINPRVDVLVKDDKGNPFFFIEVKAPNKFEEDKDEIEGQLFALAQAEERDFKTKVKYLVYYTVELIDDEIVDRAIII
DFEKYPTYTDWSNGGFISTGTELTAGYGEPKKQPLIKGHEKYDLRVRIDREEIEGLGRNLHNVLWGGGGTNDSEIFYSLV
NIILAKIQDEYEKEDGQEYDFQVYQYGDNVESPQKLFDRINALYKRALREQLNVTDEQKIAEDNVINRNKFPLNKLVYTV
QALESLSFLEGRNSLDGKDILGDFFESIIRDGFKQTKGQFFTPTPIVKFILYALQLDKLAIDRLNNDRELPLIIDPSAGS
GTFLIEAMKLITKEVKYKQNHKVKSSRQITKRFEELFMPDHNENKWAREYLYGCEINFDLGTASKVNMILHGDGSANIFV
QDGLLPFRFYVKETSPNYLETASPDALYGDKEVNGKFDVVVSNPPFSVDLDTQTQREVRNAFLFGDKKNSENLFIERYYQ
LLKEGGRLGVVLPESVFDTTENKYIRLFIFKYFKVKAVVSLPQVTFEPFTSTKTSLLFAQKKTKEEVEQWNELWDKYGKE
WSLLKTRINDYFSYFVKGRPLNKKWAPDVVKDIQEGNEDNIRKNIFRFLKDHIKEEDKNLEIKDLLIKYAEEISSISKHE
KETDVFGFYNAWWVFGEVAKELDYPIFMAEAENVGYKRTKKGEKPMPNDLYDLEYAPSTLDCEKVLSSFDIEINALEASK
TKLSVEKGLLEEKLKDKEDKENEKIQKRLNKISELLETIENQLDSIRSKKLEVEGILEKYYENNKLKEEYSERDDEELIN
HFKHGVLYQYRSEDILLRNKTVHKILDEIRQGVIWD
;
A,B
2 'polypeptide(L)'
;MGLIQRRNFSTFASEPSVRFDFNYMKSVTPTTEEYYTYKSLFEVVPSTVPTLDESEPFKYAEIGHVSKNGEVFPVTLSFE
DRDELNEDLFKKIEKGDIFLPERGNILISAIRPYLNKIVLIKEDDKTDIYFTKAFIQIKPLINSRILYYALRTIFSEKIN
AVSRQGKGYPTLKEDDLKTIQFSKKVIDNLLAKEEELISNIDALEKDIKELKSIQRSKKEIVDEVFSSHFNINMVELMAL
DSQRRVDVGLSSISSLNSTIRYSYRWNKMKLIQKYLYRDIDCIEPLGKYILSSNNGWSPESVVGGEGIPILGQEHLEFDG
VLNVSPTKATTKTKNNMENFFIQEGDLFISRGNTVDLVGLACVVETEVTEDIIYPDLYIRLKIDEKVIHKKYLALLFNSF
FGRLYFKYVSKGKNQTMVKISSNELLNYYLPIPPMEEQLEIVGKIEEQIGAQNEIEKQIEEKRNQIRVIIEETARS
;
C
#
# COMPACT_ATOMS: atom_id res chain seq x y z
N MET A 1 -4.50 25.87 67.22
CA MET A 1 -3.46 26.78 67.68
C MET A 1 -2.16 26.03 67.92
N LYS A 2 -1.12 26.41 67.18
CA LYS A 2 0.13 25.67 67.18
C LYS A 2 0.89 25.86 68.49
N ASN A 3 1.41 24.75 69.03
CA ASN A 3 2.15 24.79 70.28
C ASN A 3 3.57 25.30 70.07
N TRP A 4 4.16 25.00 68.90
CA TRP A 4 5.56 25.39 68.68
C TRP A 4 5.73 26.90 68.66
N GLN A 5 4.66 27.65 68.35
CA GLN A 5 4.73 29.10 68.48
C GLN A 5 4.94 29.52 69.92
N ARG A 6 4.20 28.90 70.86
CA ARG A 6 4.46 29.15 72.27
C ARG A 6 5.85 28.70 72.68
N ILE A 7 6.31 27.58 72.12
CA ILE A 7 7.65 27.09 72.45
C ILE A 7 8.71 28.10 72.04
N VAL A 8 8.59 28.63 70.82
CA VAL A 8 9.53 29.64 70.33
C VAL A 8 9.45 30.91 71.18
N GLU A 9 8.22 31.33 71.52
CA GLU A 9 8.07 32.54 72.34
C GLU A 9 8.73 32.36 73.71
N ALA A 10 8.53 31.20 74.34
CA ALA A 10 9.15 30.95 75.64
C ALA A 10 10.67 30.90 75.54
N LYS A 11 11.18 30.24 74.49
CA LYS A 11 12.63 30.16 74.32
C LYS A 11 13.24 31.54 74.11
N LEU A 12 12.57 32.40 73.33
CA LEU A 12 13.07 33.76 73.14
C LEU A 12 12.96 34.59 74.41
N GLU A 13 11.91 34.36 75.19
CA GLU A 13 11.75 35.09 76.45
C GLU A 13 12.82 34.69 77.46
N GLN A 14 13.24 33.42 77.45
CA GLN A 14 14.26 32.98 78.39
C GLN A 14 15.66 33.46 78.02
N GLN A 15 15.85 34.03 76.84
CA GLN A 15 17.16 34.49 76.42
C GLN A 15 17.59 35.70 77.24
N LYS A 16 18.87 35.72 77.63
CA LYS A 16 19.40 36.82 78.43
C LYS A 16 19.52 38.10 77.62
N HIS A 17 20.09 38.01 76.42
CA HIS A 17 20.36 39.19 75.59
C HIS A 17 19.16 39.43 74.69
N LYS A 18 18.51 40.59 74.87
CA LYS A 18 17.35 40.97 74.07
C LYS A 18 17.83 41.77 72.87
N VAL A 19 18.44 41.07 71.91
CA VAL A 19 18.90 41.68 70.68
C VAL A 19 17.85 41.63 69.58
N ALA A 20 16.88 40.72 69.67
CA ALA A 20 15.76 40.67 68.74
C ALA A 20 14.52 40.37 69.56
N GLU A 21 13.46 41.15 69.33
CA GLU A 21 12.24 41.05 70.13
C GLU A 21 11.03 40.93 69.23
N ILE A 22 10.03 40.18 69.69
CA ILE A 22 8.76 40.05 69.00
C ILE A 22 7.63 40.25 70.00
N SER A 23 6.59 40.96 69.57
CA SER A 23 5.41 41.23 70.39
C SER A 23 4.19 40.75 69.61
N LEU A 24 3.59 39.65 70.07
CA LEU A 24 2.41 39.12 69.39
C LEU A 24 1.18 39.97 69.67
N GLU A 25 1.10 40.57 70.86
CA GLU A 25 -0.06 41.40 71.20
C GLU A 25 -0.17 42.59 70.25
N ASN A 26 0.94 43.27 69.99
CA ASN A 26 0.96 44.37 69.05
C ASN A 26 1.39 43.96 67.65
N GLY A 27 1.82 42.71 67.47
CA GLY A 27 2.26 42.25 66.17
C GLY A 27 3.46 43.00 65.62
N THR A 28 4.47 43.22 66.44
CA THR A 28 5.62 44.03 66.08
C THR A 28 6.91 43.23 66.24
N VAL A 29 7.93 43.64 65.50
CA VAL A 29 9.26 43.05 65.57
C VAL A 29 10.27 44.17 65.76
N ASN A 30 11.22 43.97 66.68
CA ASN A 30 12.18 44.99 67.05
C ASN A 30 13.60 44.43 66.95
N TYR A 31 14.50 45.22 66.38
CA TYR A 31 15.90 44.87 66.25
C TYR A 31 16.75 46.04 66.74
N SER A 32 18.03 45.78 66.95
CA SER A 32 18.95 46.82 67.39
C SER A 32 19.08 47.89 66.32
N LYS A 33 19.07 49.16 66.76
CA LYS A 33 19.17 50.28 65.83
C LYS A 33 20.57 50.45 65.25
N LYS A 34 21.57 49.74 65.79
CA LYS A 34 22.93 49.87 65.27
C LYS A 34 23.04 49.36 63.84
N ILE A 35 22.34 48.28 63.50
CA ILE A 35 22.38 47.72 62.16
C ILE A 35 21.61 48.62 61.22
N LYS A 36 22.22 48.96 60.09
CA LYS A 36 21.62 49.87 59.13
C LYS A 36 20.53 49.14 58.34
N HIS A 37 19.35 49.76 58.25
CA HIS A 37 18.22 49.22 57.50
C HIS A 37 17.74 50.27 56.51
N ASN A 38 17.56 49.87 55.25
CA ASN A 38 17.08 50.78 54.23
C ASN A 38 15.57 50.97 54.26
N ARG A 39 14.84 50.10 54.95
CA ARG A 39 13.40 50.22 55.11
C ARG A 39 13.02 49.86 56.52
N ASN A 40 11.99 50.55 57.04
CA ASN A 40 11.54 50.35 58.43
C ASN A 40 10.46 49.29 58.43
N LEU A 41 10.88 48.04 58.59
CA LEU A 41 9.95 46.91 58.63
C LEU A 41 9.30 46.84 60.01
N LYS A 42 7.97 46.89 60.04
CA LYS A 42 7.23 46.90 61.29
C LYS A 42 6.03 45.98 61.32
N ALA A 43 5.78 45.20 60.27
CA ALA A 43 4.62 44.32 60.20
C ALA A 43 5.07 42.88 59.99
N LEU A 44 4.32 41.95 60.57
CA LEU A 44 4.61 40.52 60.43
C LEU A 44 3.94 40.03 59.15
N THR A 45 4.74 39.80 58.11
CA THR A 45 4.21 39.32 56.84
C THR A 45 4.00 37.81 56.81
N GLY A 46 4.54 37.08 57.78
CA GLY A 46 4.37 35.64 57.81
C GLY A 46 5.32 35.00 58.80
N ASP A 47 5.42 33.67 58.70
CA ASP A 47 6.31 32.94 59.60
C ASP A 47 7.78 33.19 59.25
N GLU A 48 8.05 33.74 58.07
CA GLU A 48 9.44 33.99 57.67
C GLU A 48 10.10 35.01 58.60
N GLU A 49 9.35 36.03 59.02
CA GLU A 49 9.89 36.99 59.96
C GLU A 49 10.25 36.33 61.29
N ILE A 50 9.38 35.45 61.79
CA ILE A 50 9.66 34.74 63.03
C ILE A 50 10.90 33.86 62.88
N VAL A 51 11.01 33.15 61.75
CA VAL A 51 12.17 32.29 61.53
C VAL A 51 13.45 33.12 61.48
N ARG A 52 13.41 34.25 60.77
CA ARG A 52 14.60 35.11 60.68
C ARG A 52 14.98 35.67 62.05
N ALA A 53 13.99 36.10 62.84
CA ALA A 53 14.28 36.63 64.16
C ALA A 53 14.89 35.56 65.06
N PHE A 54 14.33 34.34 65.02
CA PHE A 54 14.86 33.25 65.82
C PHE A 54 16.27 32.90 65.40
N LEU A 55 16.54 32.85 64.10
CA LEU A 55 17.88 32.56 63.61
C LEU A 55 18.88 33.64 64.05
N ILE A 56 18.48 34.91 63.95
CA ILE A 56 19.36 36.00 64.38
C ILE A 56 19.65 35.89 65.86
N ASP A 57 18.62 35.64 66.67
CA ASP A 57 18.81 35.50 68.10
C ASP A 57 19.74 34.33 68.43
N ARG A 58 19.55 33.19 67.76
CA ARG A 58 20.40 32.03 67.99
C ARG A 58 21.85 32.31 67.59
N LEU A 59 22.04 32.99 66.46
CA LEU A 59 23.39 33.31 66.01
C LEU A 59 24.09 34.26 66.97
N VAL A 60 23.40 35.30 67.42
CA VAL A 60 24.02 36.29 68.29
C VAL A 60 24.29 35.72 69.68
N ASN A 61 23.32 34.99 70.23
CA ASN A 61 23.38 34.61 71.65
C ASN A 61 24.10 33.29 71.89
N GLU A 62 23.98 32.33 70.98
CA GLU A 62 24.52 30.98 71.21
C GLU A 62 25.90 30.77 70.59
N LEU A 63 26.12 31.22 69.36
CA LEU A 63 27.34 30.92 68.62
C LEU A 63 28.44 31.96 68.85
N ASP A 64 28.21 32.93 69.73
CA ASP A 64 29.23 33.91 70.10
C ASP A 64 29.74 34.69 68.89
N TYR A 65 28.84 35.07 68.00
CA TYR A 65 29.19 35.89 66.84
C TYR A 65 28.68 37.31 67.05
N LYS A 66 29.54 38.28 66.74
CA LYS A 66 29.21 39.68 66.98
C LYS A 66 28.07 40.12 66.07
N PRO A 67 27.00 40.69 66.61
CA PRO A 67 25.89 41.14 65.75
C PRO A 67 26.26 42.23 64.77
N GLU A 68 27.29 43.03 65.08
CA GLU A 68 27.67 44.14 64.21
C GLU A 68 28.23 43.67 62.87
N TYR A 69 28.76 42.45 62.79
CA TYR A 69 29.30 41.92 61.56
C TYR A 69 28.23 41.44 60.58
N LEU A 70 26.98 41.34 61.03
CA LEU A 70 25.88 40.88 60.20
C LEU A 70 25.20 42.08 59.55
N GLU A 71 24.97 41.98 58.24
CA GLU A 71 24.35 43.06 57.48
C GLU A 71 23.07 42.56 56.83
N THR A 72 22.00 43.34 56.97
CA THR A 72 20.68 42.96 56.49
C THR A 72 20.14 44.01 55.52
N GLU A 73 19.44 43.54 54.48
CA GLU A 73 18.70 44.39 53.56
C GLU A 73 19.60 45.39 52.84
N LYS A 74 20.76 44.92 52.38
CA LYS A 74 21.63 45.76 51.57
C LYS A 74 21.11 45.81 50.14
N GLU A 75 20.92 47.02 49.62
CA GLU A 75 20.22 47.25 48.37
C GLU A 75 21.20 47.40 47.22
N TYR A 76 20.95 46.65 46.14
CA TYR A 76 21.66 46.82 44.87
C TYR A 76 20.65 47.02 43.76
N THR A 77 21.00 47.86 42.79
CA THR A 77 20.20 48.07 41.59
C THR A 77 20.77 47.19 40.49
N ILE A 78 19.99 46.18 40.08
CA ILE A 78 20.44 45.21 39.10
C ILE A 78 19.63 45.37 37.82
N LYS A 79 20.23 44.96 36.71
CA LYS A 79 19.59 44.99 35.41
C LYS A 79 19.09 43.59 35.08
N GLY A 80 17.78 43.38 35.19
CA GLY A 80 17.20 42.08 34.91
C GLY A 80 16.47 42.06 33.58
N GLY A 81 16.95 41.24 32.65
CA GLY A 81 16.34 41.19 31.33
C GLY A 81 16.46 42.54 30.66
N HIS A 82 15.31 43.11 30.29
CA HIS A 82 15.24 44.43 29.69
C HIS A 82 14.82 45.51 30.66
N SER A 83 14.69 45.19 31.94
CA SER A 83 14.25 46.18 32.93
C SER A 83 15.23 46.26 34.09
N LYS A 84 14.91 47.09 35.08
CA LYS A 84 15.75 47.27 36.27
C LYS A 84 15.01 46.77 37.50
N ILE A 85 15.63 45.84 38.22
CA ILE A 85 15.06 45.27 39.42
C ILE A 85 15.92 45.68 40.61
N ASN A 86 15.29 45.74 41.80
CA ASN A 86 15.96 46.18 43.01
C ASN A 86 15.80 45.12 44.10
N PRO A 87 16.56 44.03 44.02
CA PRO A 87 16.51 43.02 45.08
C PRO A 87 17.44 43.37 46.23
N ARG A 88 17.17 42.75 47.38
CA ARG A 88 17.98 42.95 48.57
C ARG A 88 18.34 41.60 49.18
N VAL A 89 19.49 41.58 49.86
CA VAL A 89 20.01 40.38 50.50
C VAL A 89 19.49 40.29 51.92
N ASP A 90 19.20 39.07 52.37
CA ASP A 90 18.70 38.89 53.73
C ASP A 90 19.83 39.01 54.75
N VAL A 91 20.83 38.14 54.67
CA VAL A 91 21.90 38.09 55.65
C VAL A 91 23.25 38.09 54.93
N LEU A 92 24.15 38.97 55.36
CA LEU A 92 25.54 38.98 54.93
C LEU A 92 26.43 38.85 56.15
N VAL A 93 27.29 37.84 56.16
CA VAL A 93 28.26 37.63 57.23
C VAL A 93 29.65 37.79 56.63
N LYS A 94 30.36 38.83 57.05
CA LYS A 94 31.68 39.15 56.53
C LYS A 94 32.72 39.10 57.65
N ASP A 95 33.92 38.68 57.30
CA ASP A 95 35.01 38.57 58.26
C ASP A 95 35.68 39.93 58.44
N ASP A 96 36.79 39.97 59.18
CA ASP A 96 37.47 41.22 59.45
C ASP A 96 38.12 41.82 58.21
N LYS A 97 38.37 41.01 57.18
CA LYS A 97 39.02 41.47 55.96
C LYS A 97 38.03 42.04 54.95
N GLY A 98 36.73 42.00 55.24
CA GLY A 98 35.72 42.56 54.36
C GLY A 98 35.21 41.63 53.29
N ASN A 99 35.79 40.44 53.16
CA ASN A 99 35.30 39.48 52.17
C ASN A 99 33.98 38.88 52.64
N PRO A 100 32.94 38.85 51.80
CA PRO A 100 31.67 38.25 52.22
C PRO A 100 31.78 36.75 52.37
N PHE A 101 31.80 36.27 53.62
CA PHE A 101 31.98 34.84 53.86
C PHE A 101 30.68 34.06 53.70
N PHE A 102 29.55 34.64 54.13
CA PHE A 102 28.27 33.97 54.08
C PHE A 102 27.23 34.88 53.45
N PHE A 103 26.55 34.36 52.43
CA PHE A 103 25.48 35.05 51.71
C PHE A 103 24.20 34.26 51.93
N ILE A 104 23.51 34.55 53.03
CA ILE A 104 22.37 33.75 53.48
C ILE A 104 21.09 34.40 53.00
N GLU A 105 20.27 33.63 52.30
CA GLU A 105 18.96 34.07 51.82
C GLU A 105 17.88 33.31 52.59
N VAL A 106 16.92 34.03 53.13
CA VAL A 106 15.85 33.43 53.93
C VAL A 106 14.58 33.36 53.09
N LYS A 107 13.94 32.19 53.10
CA LYS A 107 12.70 31.97 52.36
C LYS A 107 11.63 31.48 53.32
N ALA A 108 10.39 31.83 53.02
CA ALA A 108 9.28 31.46 53.89
C ALA A 108 9.08 29.95 53.90
N PRO A 109 8.74 29.38 55.06
CA PRO A 109 8.49 27.94 55.13
C PRO A 109 7.37 27.47 54.22
N ASN A 110 6.37 28.32 53.97
CA ASN A 110 5.25 27.93 53.12
C ASN A 110 5.71 27.64 51.70
N LYS A 111 6.63 28.45 51.18
CA LYS A 111 7.14 28.30 49.82
C LYS A 111 8.54 27.71 49.79
N PHE A 112 9.00 27.12 50.90
CA PHE A 112 10.36 26.59 50.95
C PHE A 112 10.56 25.46 49.94
N GLU A 113 9.58 24.56 49.84
CA GLU A 113 9.70 23.45 48.90
C GLU A 113 9.53 23.90 47.45
N GLU A 114 8.58 24.80 47.21
CA GLU A 114 8.28 25.18 45.82
C GLU A 114 9.35 26.09 45.25
N ASP A 115 9.84 27.04 46.03
CA ASP A 115 10.79 28.04 45.54
C ASP A 115 12.23 27.53 45.59
N LYS A 116 12.53 26.53 44.76
CA LYS A 116 13.89 26.03 44.64
C LYS A 116 14.58 26.46 43.36
N ASP A 117 13.81 26.71 42.29
CA ASP A 117 14.41 27.15 41.04
C ASP A 117 14.86 28.60 41.11
N GLU A 118 14.19 29.40 41.95
CA GLU A 118 14.52 30.82 42.09
C GLU A 118 15.94 31.05 42.59
N ILE A 119 16.56 30.03 43.21
CA ILE A 119 17.96 30.15 43.59
C ILE A 119 18.83 30.42 42.37
N GLU A 120 18.48 29.82 41.23
CA GLU A 120 19.19 30.13 39.99
C GLU A 120 18.97 31.58 39.58
N GLY A 121 17.77 32.10 39.78
CA GLY A 121 17.43 33.42 39.29
C GLY A 121 17.68 34.57 40.26
N GLN A 122 17.66 34.28 41.56
CA GLN A 122 17.78 35.33 42.56
C GLN A 122 19.10 35.34 43.31
N LEU A 123 19.94 34.32 43.14
CA LEU A 123 21.20 34.23 43.87
C LEU A 123 22.42 34.22 42.95
N PHE A 124 22.38 33.44 41.86
CA PHE A 124 23.55 33.31 41.01
C PHE A 124 23.92 34.62 40.34
N ALA A 125 22.91 35.38 39.88
CA ALA A 125 23.19 36.63 39.19
C ALA A 125 23.88 37.64 40.11
N LEU A 126 23.43 37.73 41.37
CA LEU A 126 24.05 38.66 42.31
C LEU A 126 25.50 38.28 42.58
N ALA A 127 25.77 36.98 42.75
CA ALA A 127 27.14 36.54 42.97
C ALA A 127 28.02 36.81 41.77
N GLN A 128 27.50 36.57 40.56
CA GLN A 128 28.28 36.86 39.35
C GLN A 128 28.58 38.35 39.23
N ALA A 129 27.59 39.20 39.50
CA ALA A 129 27.81 40.64 39.44
C ALA A 129 28.83 41.08 40.49
N GLU A 130 28.73 40.53 41.71
CA GLU A 130 29.68 40.87 42.76
C GLU A 130 31.11 40.48 42.36
N GLU A 131 31.27 39.28 41.81
CA GLU A 131 32.60 38.84 41.41
C GLU A 131 33.12 39.65 40.23
N ARG A 132 32.23 40.09 39.35
CA ARG A 132 32.65 40.87 38.19
C ARG A 132 33.07 42.28 38.59
N ASP A 133 32.37 42.86 39.57
CA ASP A 133 32.62 44.26 39.91
C ASP A 133 33.66 44.40 41.02
N PHE A 134 33.42 43.80 42.19
CA PHE A 134 34.24 44.05 43.36
C PHE A 134 35.43 43.11 43.47
N LYS A 135 35.59 42.17 42.53
CA LYS A 135 36.74 41.26 42.49
C LYS A 135 36.85 40.43 43.76
N THR A 136 35.71 40.05 44.34
CA THR A 136 35.69 39.23 45.54
C THR A 136 35.75 37.75 45.19
N LYS A 137 36.13 36.94 46.17
CA LYS A 137 36.24 35.50 46.02
C LYS A 137 35.22 34.83 46.92
N VAL A 138 34.19 34.23 46.32
CA VAL A 138 33.19 33.48 47.08
C VAL A 138 33.65 32.03 47.21
N LYS A 139 33.88 31.60 48.44
CA LYS A 139 34.37 30.25 48.70
C LYS A 139 33.25 29.22 48.68
N TYR A 140 32.16 29.48 49.41
CA TYR A 140 31.02 28.56 49.48
C TYR A 140 29.75 29.37 49.64
N LEU A 141 28.83 29.23 48.67
CA LEU A 141 27.49 29.76 48.83
C LEU A 141 26.71 28.87 49.79
N VAL A 142 26.08 29.48 50.78
CA VAL A 142 25.45 28.77 51.88
C VAL A 142 23.97 29.15 51.93
N TYR A 143 23.09 28.15 51.95
CA TYR A 143 21.66 28.36 52.14
C TYR A 143 21.25 27.65 53.43
N TYR A 144 20.53 28.37 54.29
CA TYR A 144 20.12 27.87 55.59
C TYR A 144 18.60 27.79 55.66
N THR A 145 18.11 26.80 56.41
CA THR A 145 16.68 26.64 56.65
C THR A 145 16.51 25.80 57.91
N VAL A 146 15.26 25.67 58.35
CA VAL A 146 14.91 24.89 59.52
C VAL A 146 14.38 23.53 59.08
N GLU A 147 14.69 22.51 59.87
CA GLU A 147 14.25 21.15 59.61
C GLU A 147 13.54 20.62 60.84
N LEU A 148 12.37 20.03 60.64
CA LEU A 148 11.54 19.50 61.72
C LEU A 148 11.78 18.00 61.80
N ILE A 149 12.56 17.58 62.79
CA ILE A 149 12.85 16.17 63.04
C ILE A 149 12.40 15.84 64.46
N ASP A 150 11.52 14.85 64.59
CA ASP A 150 10.98 14.44 65.89
C ASP A 150 10.36 15.61 66.63
N ASP A 151 9.61 16.45 65.89
CA ASP A 151 8.98 17.66 66.39
C ASP A 151 9.99 18.66 66.96
N GLU A 152 11.23 18.61 66.52
CA GLU A 152 12.28 19.50 66.98
C GLU A 152 12.88 20.25 65.80
N ILE A 153 13.16 21.53 66.00
CA ILE A 153 13.71 22.40 64.96
C ILE A 153 15.22 22.33 65.02
N VAL A 154 15.85 21.97 63.90
CA VAL A 154 17.30 21.93 63.79
C VAL A 154 17.71 22.67 62.51
N ASP A 155 19.02 22.88 62.38
CA ASP A 155 19.56 23.56 61.21
C ASP A 155 19.59 22.61 60.02
N ARG A 156 19.47 23.18 58.82
CA ARG A 156 19.62 22.42 57.57
C ARG A 156 20.23 23.36 56.54
N ALA A 157 21.47 23.08 56.14
CA ALA A 157 22.19 23.97 55.25
C ALA A 157 22.67 23.21 54.02
N ILE A 158 22.63 23.90 52.89
CA ILE A 158 23.17 23.39 51.63
C ILE A 158 24.36 24.27 51.26
N ILE A 159 25.44 23.64 50.82
CA ILE A 159 26.72 24.30 50.57
C ILE A 159 27.11 24.00 49.13
N ILE A 160 27.28 25.06 48.33
CA ILE A 160 27.65 24.90 46.92
C ILE A 160 28.89 25.73 46.63
N ASP A 161 29.88 25.11 46.00
CA ASP A 161 31.07 25.84 45.58
C ASP A 161 31.05 26.10 44.09
N PHE A 162 31.29 27.35 43.70
CA PHE A 162 31.32 27.70 42.29
C PHE A 162 32.67 27.38 41.66
N GLU A 163 33.74 27.42 42.44
CA GLU A 163 35.07 27.08 41.92
C GLU A 163 35.13 25.62 41.53
N LYS A 164 34.52 24.74 42.32
CA LYS A 164 34.59 23.31 42.07
C LYS A 164 33.89 22.91 40.77
N TYR A 165 32.77 23.56 40.44
CA TYR A 165 32.00 23.24 39.25
C TYR A 165 31.78 24.52 38.46
N PRO A 166 32.73 24.88 37.59
CA PRO A 166 32.63 26.16 36.88
C PRO A 166 31.52 26.20 35.83
N THR A 167 31.40 25.13 35.06
CA THR A 167 30.45 25.07 33.96
C THR A 167 29.16 24.38 34.40
N TYR A 168 28.07 24.71 33.69
CA TYR A 168 26.78 24.10 33.97
C TYR A 168 26.79 22.61 33.68
N THR A 169 27.47 22.21 32.59
CA THR A 169 27.54 20.79 32.24
C THR A 169 28.26 19.99 33.30
N ASP A 170 29.36 20.54 33.85
CA ASP A 170 30.09 19.84 34.90
C ASP A 170 29.23 19.66 36.15
N TRP A 171 28.45 20.69 36.50
CA TRP A 171 27.67 20.64 37.73
C TRP A 171 26.77 19.41 37.79
N SER A 172 26.35 18.90 36.63
CA SER A 172 25.44 17.76 36.59
C SER A 172 26.03 16.54 37.30
N ASN A 173 27.36 16.39 37.27
CA ASN A 173 27.96 15.21 37.90
C ASN A 173 27.96 15.32 39.42
N GLY A 174 27.75 16.53 39.96
CA GLY A 174 27.80 16.70 41.39
C GLY A 174 26.71 15.94 42.13
N GLY A 175 25.46 16.17 41.78
CA GLY A 175 24.33 15.49 42.39
C GLY A 175 24.28 15.61 43.91
N PHE A 176 24.04 16.81 44.42
CA PHE A 176 23.96 17.09 45.85
C PHE A 176 25.25 16.67 46.56
N ILE A 177 26.32 17.39 46.20
CA ILE A 177 27.67 17.09 46.65
C ILE A 177 28.06 18.10 47.74
N SER A 178 27.06 18.65 48.41
CA SER A 178 27.27 19.67 49.43
C SER A 178 28.25 19.20 50.51
N THR A 179 28.87 20.17 51.18
CA THR A 179 29.89 19.85 52.18
C THR A 179 29.30 19.07 53.36
N GLY A 180 28.24 19.59 53.95
CA GLY A 180 27.67 18.96 55.13
C GLY A 180 26.24 19.42 55.38
N THR A 181 25.53 18.61 56.16
CA THR A 181 24.14 18.91 56.48
C THR A 181 24.02 20.02 57.53
N GLU A 182 24.91 20.02 58.52
CA GLU A 182 24.87 21.00 59.59
C GLU A 182 26.21 21.70 59.71
N LEU A 183 26.16 22.95 60.16
CA LEU A 183 27.34 23.79 60.24
C LEU A 183 28.23 23.40 61.42
N THR A 184 29.45 23.93 61.41
CA THR A 184 30.42 23.69 62.47
C THR A 184 30.86 25.02 63.06
N ALA A 185 30.87 25.11 64.39
CA ALA A 185 31.29 26.32 65.07
C ALA A 185 32.80 26.44 65.09
N GLY A 186 33.28 27.66 65.33
CA GLY A 186 34.72 27.91 65.37
C GLY A 186 35.42 27.71 64.05
N TYR A 187 34.72 28.01 62.94
CA TYR A 187 35.29 27.93 61.59
C TYR A 187 35.82 26.54 61.28
N GLY A 188 35.27 25.51 61.93
CA GLY A 188 35.69 24.16 61.65
C GLY A 188 35.15 23.66 60.32
N GLU A 189 35.79 22.62 59.80
CA GLU A 189 35.34 22.01 58.56
C GLU A 189 33.98 21.36 58.76
N PRO A 190 32.99 21.65 57.92
CA PRO A 190 31.67 21.02 58.09
C PRO A 190 31.74 19.51 57.98
N LYS A 191 31.06 18.84 58.89
CA LYS A 191 31.03 17.38 58.95
C LYS A 191 29.60 16.89 58.85
N LYS A 192 29.36 15.94 57.95
CA LYS A 192 28.07 15.28 57.89
C LYS A 192 28.02 14.19 58.97
N GLN A 193 27.00 14.26 59.83
CA GLN A 193 26.89 13.32 60.92
C GLN A 193 25.86 12.25 60.58
N PRO A 194 26.25 10.98 60.53
CA PRO A 194 25.30 9.93 60.13
C PRO A 194 24.16 9.77 61.13
N LEU A 195 22.99 9.42 60.60
CA LEU A 195 21.79 9.25 61.41
C LEU A 195 21.89 7.92 62.15
N ILE A 196 22.36 7.98 63.40
CA ILE A 196 22.45 6.79 64.21
C ILE A 196 21.05 6.29 64.53
N LYS A 197 20.81 4.99 64.29
CA LYS A 197 19.49 4.42 64.51
C LYS A 197 19.11 4.51 65.99
N GLY A 198 17.89 4.98 66.25
CA GLY A 198 17.38 5.06 67.61
C GLY A 198 18.20 5.96 68.52
N HIS A 199 18.78 7.02 67.98
CA HIS A 199 19.58 7.96 68.75
C HIS A 199 18.84 9.30 68.75
N GLU A 200 18.57 9.83 69.95
CA GLU A 200 17.56 10.87 70.09
C GLU A 200 17.94 12.16 69.35
N LYS A 201 19.23 12.48 69.27
CA LYS A 201 19.60 13.75 68.66
C LYS A 201 19.26 13.79 67.17
N TYR A 202 19.67 12.79 66.41
CA TYR A 202 19.43 12.76 64.97
C TYR A 202 18.80 11.41 64.61
N ASP A 203 17.66 11.47 63.93
CA ASP A 203 16.95 10.28 63.49
C ASP A 203 16.20 10.61 62.21
N LEU A 204 15.41 9.65 61.73
CA LEU A 204 14.58 9.87 60.57
C LEU A 204 13.40 10.76 60.91
N ARG A 205 12.84 11.38 59.87
CA ARG A 205 11.72 12.30 60.04
C ARG A 205 10.39 11.57 59.93
N VAL A 206 9.51 11.87 60.89
CA VAL A 206 8.13 11.40 60.88
C VAL A 206 7.22 12.62 60.89
N ARG A 207 5.91 12.37 60.84
CA ARG A 207 4.91 13.43 60.79
C ARG A 207 5.11 14.33 59.57
N ILE A 208 5.63 13.77 58.47
CA ILE A 208 5.90 14.56 57.28
C ILE A 208 4.59 15.01 56.67
N ASP A 209 4.47 16.30 56.40
CA ASP A 209 3.28 16.87 55.80
C ASP A 209 3.30 16.70 54.29
N ARG A 210 2.11 16.83 53.69
CA ARG A 210 2.00 16.68 52.24
C ARG A 210 2.80 17.74 51.49
N GLU A 211 2.70 18.99 51.96
CA GLU A 211 3.23 20.13 51.20
C GLU A 211 4.70 19.94 50.86
N GLU A 212 5.44 19.20 51.68
CA GLU A 212 6.80 18.86 51.33
C GLU A 212 6.88 17.65 50.41
N ILE A 213 5.84 16.83 50.35
CA ILE A 213 5.91 15.57 49.62
C ILE A 213 5.50 15.73 48.16
N GLU A 214 4.47 16.53 47.85
CA GLU A 214 4.19 16.71 46.42
C GLU A 214 5.32 17.49 45.74
N GLY A 215 5.86 18.50 46.42
CA GLY A 215 7.00 19.21 45.88
C GLY A 215 8.22 18.31 45.71
N LEU A 216 8.43 17.40 46.67
CA LEU A 216 9.55 16.47 46.57
C LEU A 216 9.37 15.54 45.36
N GLY A 217 8.19 14.95 45.22
CA GLY A 217 7.93 14.16 44.03
C GLY A 217 8.14 14.96 42.76
N ARG A 218 7.74 16.23 42.78
CA ARG A 218 7.86 17.07 41.60
C ARG A 218 9.32 17.30 41.22
N ASN A 219 10.16 17.70 42.17
CA ASN A 219 11.53 18.03 41.74
C ASN A 219 12.35 16.77 41.46
N LEU A 220 12.10 15.66 42.17
CA LEU A 220 12.74 14.41 41.77
C LEU A 220 12.30 13.98 40.38
N HIS A 221 11.02 14.16 40.04
CA HIS A 221 10.58 13.87 38.68
C HIS A 221 11.31 14.75 37.66
N ASN A 222 11.39 16.06 37.94
CA ASN A 222 12.02 16.98 37.00
C ASN A 222 13.50 16.67 36.83
N VAL A 223 14.17 16.26 37.90
CA VAL A 223 15.60 15.96 37.80
C VAL A 223 15.83 14.64 37.09
N LEU A 224 15.23 13.56 37.60
CA LEU A 224 15.50 12.23 37.07
C LEU A 224 15.01 12.10 35.62
N TRP A 225 13.77 12.51 35.36
CA TRP A 225 13.23 12.38 34.01
C TRP A 225 13.78 13.46 33.08
N GLY A 226 13.96 14.67 33.60
CA GLY A 226 14.55 15.75 32.81
C GLY A 226 13.72 16.14 31.60
N GLY A 227 12.41 16.12 31.72
CA GLY A 227 11.54 16.45 30.60
C GLY A 227 11.44 15.39 29.54
N GLY A 228 11.98 14.19 29.80
CA GLY A 228 11.87 13.12 28.82
C GLY A 228 10.44 12.65 28.59
N GLY A 229 9.65 12.64 29.65
CA GLY A 229 8.25 12.22 29.56
C GLY A 229 8.08 10.76 29.97
N THR A 230 7.72 9.91 29.01
CA THR A 230 7.45 8.50 29.26
C THR A 230 8.15 7.66 28.19
N ASN A 231 9.35 7.17 28.52
CA ASN A 231 10.02 6.17 27.70
C ASN A 231 10.51 4.99 28.53
N ASP A 232 10.11 4.94 29.81
CA ASP A 232 10.21 3.74 30.62
C ASP A 232 11.66 3.28 30.84
N SER A 233 11.82 2.04 31.28
CA SER A 233 13.10 1.36 31.43
C SER A 233 13.87 1.98 32.59
N GLU A 234 15.07 2.51 32.39
CA GLU A 234 15.96 2.78 33.52
C GLU A 234 15.48 3.96 34.36
N ILE A 235 14.73 4.89 33.76
CA ILE A 235 14.30 6.07 34.51
C ILE A 235 13.38 5.67 35.66
N PHE A 236 12.61 4.59 35.48
CA PHE A 236 11.62 4.15 36.46
C PHE A 236 12.14 3.06 37.38
N TYR A 237 12.69 1.98 36.80
CA TYR A 237 13.06 0.82 37.62
C TYR A 237 14.20 1.14 38.56
N SER A 238 15.08 2.06 38.18
CA SER A 238 16.18 2.44 39.06
C SER A 238 15.67 3.05 40.36
N LEU A 239 14.64 3.90 40.28
CA LEU A 239 14.04 4.45 41.48
C LEU A 239 13.49 3.33 42.37
N VAL A 240 12.88 2.32 41.74
CA VAL A 240 12.38 1.17 42.50
C VAL A 240 13.53 0.47 43.20
N ASN A 241 14.66 0.28 42.51
CA ASN A 241 15.80 -0.39 43.12
C ASN A 241 16.34 0.42 44.30
N ILE A 242 16.44 1.74 44.15
CA ILE A 242 16.93 2.58 45.23
C ILE A 242 16.00 2.51 46.44
N ILE A 243 14.69 2.58 46.21
CA ILE A 243 13.74 2.51 47.32
C ILE A 243 13.79 1.15 47.99
N LEU A 244 13.94 0.09 47.20
CA LEU A 244 14.06 -1.25 47.77
C LEU A 244 15.31 -1.38 48.62
N ALA A 245 16.43 -0.82 48.15
CA ALA A 245 17.65 -0.84 48.94
C ALA A 245 17.48 -0.05 50.24
N LYS A 246 16.80 1.08 50.17
CA LYS A 246 16.53 1.86 51.37
C LYS A 246 15.70 1.05 52.37
N ILE A 247 14.66 0.38 51.89
CA ILE A 247 13.84 -0.45 52.77
C ILE A 247 14.66 -1.57 53.38
N GLN A 248 15.48 -2.23 52.57
CA GLN A 248 16.29 -3.34 53.06
C GLN A 248 17.25 -2.88 54.14
N ASP A 249 17.94 -1.75 53.91
CA ASP A 249 18.90 -1.29 54.89
C ASP A 249 18.21 -0.80 56.16
N GLU A 250 17.10 -0.06 56.03
CA GLU A 250 16.34 0.35 57.19
C GLU A 250 15.81 -0.85 57.97
N TYR A 251 15.63 -1.99 57.31
CA TYR A 251 15.22 -3.20 58.01
C TYR A 251 16.39 -3.85 58.74
N GLU A 252 17.53 -4.01 58.05
CA GLU A 252 18.63 -4.79 58.60
C GLU A 252 19.43 -4.05 59.67
N LYS A 253 19.38 -2.72 59.70
CA LYS A 253 20.11 -1.96 60.71
C LYS A 253 19.54 -2.21 62.09
N GLU A 254 20.41 -2.20 63.08
CA GLU A 254 20.01 -2.31 64.48
C GLU A 254 20.10 -0.94 65.14
N ASP A 255 19.46 -0.84 66.31
CA ASP A 255 19.49 0.42 67.05
C ASP A 255 20.92 0.76 67.47
N GLY A 256 21.30 2.02 67.30
CA GLY A 256 22.64 2.47 67.60
C GLY A 256 23.62 2.38 66.45
N GLN A 257 23.23 1.79 65.32
CA GLN A 257 24.08 1.68 64.15
C GLN A 257 23.54 2.56 63.03
N GLU A 258 24.41 3.37 62.44
CA GLU A 258 23.99 4.29 61.40
C GLU A 258 23.58 3.54 60.14
N TYR A 259 22.78 4.20 59.31
CA TYR A 259 22.29 3.59 58.09
C TYR A 259 23.35 3.66 56.99
N ASP A 260 23.40 2.64 56.15
CA ASP A 260 24.34 2.61 55.04
C ASP A 260 23.86 3.43 53.85
N PHE A 261 22.60 3.85 53.84
CA PHE A 261 22.06 4.70 52.78
C PHE A 261 22.34 6.16 53.13
N GLN A 262 23.62 6.42 53.40
CA GLN A 262 24.08 7.75 53.80
C GLN A 262 25.39 8.04 53.09
N VAL A 263 25.60 9.29 52.71
CA VAL A 263 26.84 9.68 52.05
C VAL A 263 27.80 10.23 53.09
N TYR A 264 29.02 9.68 53.12
CA TYR A 264 30.06 10.10 54.04
C TYR A 264 30.95 11.13 53.36
N GLN A 265 31.16 12.26 54.04
CA GLN A 265 32.01 13.33 53.53
C GLN A 265 32.97 13.81 54.61
N TYR A 266 33.63 12.86 55.28
CA TYR A 266 34.66 13.22 56.23
C TYR A 266 35.83 13.92 55.56
N GLY A 267 36.10 13.57 54.30
CA GLY A 267 37.21 14.17 53.56
C GLY A 267 36.78 15.32 52.67
N ASP A 268 35.62 15.91 52.97
CA ASP A 268 35.10 17.08 52.27
C ASP A 268 34.69 16.76 50.84
N ASN A 269 34.84 15.51 50.43
CA ASN A 269 34.47 15.11 49.08
C ASN A 269 34.30 13.60 48.98
N VAL A 270 33.13 13.14 48.56
CA VAL A 270 32.87 11.72 48.38
C VAL A 270 33.08 11.35 46.90
N GLU A 271 33.59 10.16 46.65
CA GLU A 271 33.75 9.67 45.28
C GLU A 271 32.46 9.01 44.85
N SER A 272 31.69 9.69 43.99
CA SER A 272 30.38 9.18 43.59
C SER A 272 30.48 7.90 42.77
N PRO A 273 31.40 7.76 41.78
CA PRO A 273 31.52 6.50 41.06
C PRO A 273 31.65 5.25 41.93
N GLN A 274 32.47 5.32 42.98
CA GLN A 274 32.85 4.13 43.72
C GLN A 274 32.13 3.97 45.05
N LYS A 275 32.25 4.93 45.96
CA LYS A 275 31.76 4.75 47.32
C LYS A 275 30.25 4.60 47.38
N LEU A 276 29.51 5.39 46.60
CA LEU A 276 28.07 5.21 46.54
C LEU A 276 27.66 3.91 45.88
N PHE A 277 28.29 3.57 44.75
CA PHE A 277 27.89 2.38 44.02
C PHE A 277 28.13 1.12 44.83
N ASP A 278 29.26 1.05 45.54
CA ASP A 278 29.55 -0.15 46.33
C ASP A 278 28.46 -0.38 47.38
N ARG A 279 28.14 0.66 48.15
CA ARG A 279 27.15 0.52 49.21
C ARG A 279 25.76 0.24 48.65
N ILE A 280 25.39 0.91 47.56
CA ILE A 280 24.06 0.70 46.99
C ILE A 280 23.94 -0.70 46.40
N ASN A 281 24.99 -1.18 45.73
CA ASN A 281 24.97 -2.53 45.19
C ASN A 281 24.88 -3.57 46.29
N ALA A 282 25.63 -3.37 47.38
CA ALA A 282 25.52 -4.30 48.51
C ALA A 282 24.13 -4.27 49.10
N LEU A 283 23.55 -3.08 49.23
CA LEU A 283 22.19 -2.96 49.77
C LEU A 283 21.18 -3.66 48.90
N TYR A 284 21.29 -3.50 47.57
CA TYR A 284 20.33 -4.13 46.67
C TYR A 284 20.52 -5.64 46.63
N LYS A 285 21.77 -6.11 46.75
CA LYS A 285 22.01 -7.54 46.87
C LYS A 285 21.35 -8.10 48.12
N ARG A 286 21.49 -7.39 49.25
CA ARG A 286 20.80 -7.83 50.46
C ARG A 286 19.28 -7.77 50.32
N ALA A 287 18.77 -6.78 49.58
CA ALA A 287 17.33 -6.68 49.34
C ALA A 287 16.83 -7.89 48.57
N LEU A 288 17.49 -8.23 47.46
CA LEU A 288 17.11 -9.41 46.70
C LEU A 288 17.38 -10.70 47.48
N ARG A 289 18.29 -10.66 48.45
CA ARG A 289 18.57 -11.83 49.26
C ARG A 289 17.47 -12.08 50.29
N GLU A 290 16.95 -11.03 50.90
CA GLU A 290 16.03 -11.20 52.02
C GLU A 290 14.57 -10.89 51.66
N GLN A 291 14.31 -9.69 51.13
CA GLN A 291 12.93 -9.25 50.93
C GLN A 291 12.23 -9.97 49.79
N LEU A 292 12.96 -10.44 48.79
CA LEU A 292 12.36 -11.04 47.60
C LEU A 292 12.63 -12.54 47.52
N ASN A 293 12.60 -13.23 48.66
CA ASN A 293 12.68 -14.69 48.72
C ASN A 293 13.96 -15.22 48.06
N VAL A 294 15.07 -14.53 48.29
CA VAL A 294 16.40 -14.98 47.88
C VAL A 294 16.53 -15.08 46.37
N THR A 295 15.59 -15.78 45.73
CA THR A 295 15.62 -16.11 44.30
C THR A 295 16.88 -16.89 43.92
N ASP A 296 17.48 -17.57 44.90
CA ASP A 296 18.65 -18.42 44.71
C ASP A 296 19.89 -17.64 44.31
N GLU A 297 21.07 -18.13 44.67
CA GLU A 297 22.30 -17.44 44.36
C GLU A 297 22.57 -17.40 42.86
N GLN A 298 21.98 -18.34 42.11
CA GLN A 298 22.18 -18.35 40.66
C GLN A 298 21.64 -17.08 40.00
N LYS A 299 20.49 -16.58 40.47
CA LYS A 299 19.97 -15.33 39.93
C LYS A 299 20.77 -14.14 40.43
N ILE A 300 21.19 -14.17 41.70
CA ILE A 300 21.99 -13.08 42.27
C ILE A 300 23.33 -12.94 41.56
N ALA A 301 23.86 -14.03 41.00
CA ALA A 301 25.15 -13.98 40.34
C ALA A 301 25.13 -13.04 39.14
N GLU A 302 24.07 -13.08 38.34
CA GLU A 302 23.94 -12.19 37.19
C GLU A 302 23.18 -10.92 37.52
N ASP A 303 22.81 -10.70 38.78
CA ASP A 303 22.06 -9.52 39.15
C ASP A 303 22.89 -8.26 38.95
N ASN A 304 22.23 -7.18 38.53
CA ASN A 304 22.86 -5.88 38.40
C ASN A 304 21.89 -4.82 38.89
N VAL A 305 22.40 -3.84 39.63
CA VAL A 305 21.52 -2.82 40.22
C VAL A 305 21.08 -1.83 39.16
N ILE A 306 22.03 -1.20 38.47
CA ILE A 306 21.75 -0.18 37.47
C ILE A 306 22.52 -0.52 36.21
N ASN A 307 22.30 0.29 35.18
CA ASN A 307 23.04 0.19 33.92
C ASN A 307 24.19 1.18 33.96
N ARG A 308 25.40 0.68 33.68
CA ARG A 308 26.59 1.53 33.76
C ARG A 308 26.51 2.70 32.77
N ASN A 309 26.25 2.41 31.49
CA ASN A 309 26.22 3.45 30.49
C ASN A 309 24.92 4.25 30.55
N LYS A 310 23.80 3.57 30.80
CA LYS A 310 22.50 4.21 30.67
C LYS A 310 22.17 5.12 31.86
N PHE A 311 22.59 4.75 33.06
CA PHE A 311 22.18 5.46 34.27
C PHE A 311 23.39 6.02 35.00
N PRO A 312 23.76 7.28 34.76
CA PRO A 312 24.87 7.88 35.50
C PRO A 312 24.59 7.92 37.00
N LEU A 313 25.66 7.82 37.79
CA LEU A 313 25.52 7.78 39.24
C LEU A 313 25.26 9.15 39.85
N ASN A 314 25.36 10.22 39.06
CA ASN A 314 25.12 11.55 39.61
C ASN A 314 23.70 11.69 40.11
N LYS A 315 22.72 11.17 39.37
CA LYS A 315 21.34 11.18 39.84
C LYS A 315 21.17 10.30 41.06
N LEU A 316 21.91 9.20 41.15
CA LEU A 316 21.86 8.35 42.33
C LEU A 316 22.30 9.11 43.57
N VAL A 317 23.42 9.83 43.46
CA VAL A 317 23.90 10.62 44.60
C VAL A 317 22.95 11.75 44.91
N TYR A 318 22.34 12.34 43.87
CA TYR A 318 21.32 13.35 44.09
C TYR A 318 20.16 12.81 44.92
N THR A 319 19.66 11.63 44.56
CA THR A 319 18.51 11.05 45.22
C THR A 319 18.82 10.51 46.61
N VAL A 320 20.08 10.12 46.87
CA VAL A 320 20.43 9.61 48.20
C VAL A 320 20.18 10.67 49.26
N GLN A 321 20.59 11.91 48.97
CA GLN A 321 20.32 13.01 49.90
C GLN A 321 18.83 13.24 50.11
N ALA A 322 18.02 13.18 49.04
CA ALA A 322 16.59 13.41 49.17
C ALA A 322 15.93 12.33 50.01
N LEU A 323 16.31 11.07 49.81
CA LEU A 323 15.62 9.96 50.45
C LEU A 323 16.28 9.49 51.75
N GLU A 324 17.40 10.08 52.16
CA GLU A 324 18.06 9.63 53.38
C GLU A 324 17.29 10.07 54.62
N SER A 325 16.85 11.33 54.66
CA SER A 325 16.20 11.84 55.86
C SER A 325 14.84 11.21 56.10
N LEU A 326 14.21 10.70 55.05
CA LEU A 326 12.88 10.11 55.17
C LEU A 326 12.96 8.71 55.79
N SER A 327 11.83 8.27 56.34
CA SER A 327 11.70 6.95 56.96
C SER A 327 10.70 6.16 56.13
N PHE A 328 11.23 5.28 55.26
CA PHE A 328 10.37 4.61 54.30
C PHE A 328 9.67 3.40 54.91
N LEU A 329 10.38 2.61 55.71
CA LEU A 329 9.81 1.34 56.17
C LEU A 329 8.69 1.55 57.18
N GLU A 330 8.90 2.42 58.16
CA GLU A 330 7.99 2.46 59.31
C GLU A 330 7.50 3.85 59.66
N GLY A 331 8.19 4.89 59.20
CA GLY A 331 7.91 6.22 59.68
C GLY A 331 6.52 6.75 59.38
N ARG A 332 6.24 7.07 58.12
CA ARG A 332 4.95 7.59 57.69
C ARG A 332 4.42 8.63 58.66
N ASN A 333 3.44 8.24 59.47
CA ASN A 333 2.91 9.03 60.59
C ASN A 333 2.34 10.37 60.11
N SER A 334 1.74 10.42 58.94
CA SER A 334 1.19 11.66 58.40
C SER A 334 -0.31 11.71 58.68
N LEU A 335 -0.77 12.81 59.28
CA LEU A 335 -2.18 13.05 59.57
C LEU A 335 -2.76 11.92 60.42
N ASP A 336 -2.18 11.77 61.61
CA ASP A 336 -2.56 10.75 62.59
C ASP A 336 -2.29 9.34 62.04
N GLY A 337 -1.08 9.14 61.54
CA GLY A 337 -0.62 7.82 61.14
C GLY A 337 -1.06 7.35 59.77
N LYS A 338 -1.83 8.15 59.03
CA LYS A 338 -2.25 7.73 57.71
C LYS A 338 -1.09 7.74 56.73
N ASP A 339 -1.25 6.97 55.65
CA ASP A 339 -0.19 6.81 54.68
C ASP A 339 0.01 8.08 53.86
N ILE A 340 1.28 8.51 53.76
CA ILE A 340 1.68 9.56 52.84
C ILE A 340 2.63 9.04 51.76
N LEU A 341 3.51 8.11 52.12
CA LEU A 341 4.47 7.56 51.16
C LEU A 341 3.80 6.75 50.06
N GLY A 342 2.68 6.10 50.37
CA GLY A 342 1.99 5.34 49.33
C GLY A 342 1.52 6.23 48.19
N ASP A 343 0.86 7.34 48.51
CA ASP A 343 0.45 8.28 47.47
C ASP A 343 1.67 8.84 46.74
N PHE A 344 2.76 9.05 47.48
CA PHE A 344 4.04 9.35 46.86
C PHE A 344 4.51 8.25 45.92
N PHE A 345 3.99 7.03 46.06
CA PHE A 345 4.37 5.97 45.13
C PHE A 345 3.47 5.94 43.90
N GLU A 346 2.14 6.03 44.09
CA GLU A 346 1.28 6.12 42.89
C GLU A 346 1.61 7.35 42.06
N SER A 347 1.99 8.46 42.69
CA SER A 347 2.77 9.44 41.95
C SER A 347 4.13 8.83 41.68
N ILE A 348 4.56 8.88 40.42
CA ILE A 348 5.71 8.17 39.84
C ILE A 348 5.24 6.87 39.19
N ILE A 349 4.35 6.12 39.86
CA ILE A 349 3.75 4.97 39.16
C ILE A 349 2.97 5.44 37.94
N ARG A 350 2.18 6.50 38.11
CA ARG A 350 1.37 7.00 37.00
C ARG A 350 2.19 7.75 35.95
N ASP A 351 3.32 8.34 36.34
CA ASP A 351 4.06 9.22 35.45
C ASP A 351 5.25 8.51 34.80
N GLY A 352 6.15 7.96 35.61
CA GLY A 352 7.40 7.42 35.09
C GLY A 352 7.26 6.13 34.32
N PHE A 353 6.16 5.40 34.50
CA PHE A 353 5.95 4.13 33.81
C PHE A 353 5.16 4.39 32.54
N LYS A 354 5.80 4.23 31.40
CA LYS A 354 5.10 4.27 30.13
C LYS A 354 4.39 2.94 29.90
N GLN A 355 3.10 2.99 29.60
CA GLN A 355 2.29 1.80 29.40
C GLN A 355 1.92 1.69 27.93
N THR A 356 2.07 0.49 27.38
CA THR A 356 1.79 0.24 25.97
C THR A 356 1.00 -1.05 25.85
N LYS A 357 0.75 -1.46 24.61
CA LYS A 357 0.05 -2.72 24.37
C LYS A 357 0.81 -3.87 25.00
N GLY A 358 0.09 -4.71 25.74
CA GLY A 358 0.68 -5.79 26.48
C GLY A 358 1.07 -5.43 27.90
N GLN A 359 1.03 -4.14 28.26
CA GLN A 359 1.34 -3.68 29.62
C GLN A 359 0.33 -2.58 29.97
N PHE A 360 -0.79 -2.99 30.55
CA PHE A 360 -1.81 -2.06 31.02
C PHE A 360 -1.92 -2.12 32.53
N PHE A 361 -2.44 -1.04 33.11
CA PHE A 361 -2.87 -1.02 34.50
C PHE A 361 -4.36 -0.71 34.53
N THR A 362 -5.11 -1.51 35.27
CA THR A 362 -6.56 -1.31 35.33
C THR A 362 -6.85 0.04 35.97
N PRO A 363 -7.64 0.89 35.31
CA PRO A 363 -7.94 2.21 35.89
C PRO A 363 -8.64 2.07 37.24
N THR A 364 -8.27 2.97 38.16
CA THR A 364 -8.85 2.93 39.50
C THR A 364 -10.38 3.02 39.53
N PRO A 365 -11.06 3.82 38.70
CA PRO A 365 -12.54 3.82 38.76
C PRO A 365 -13.16 2.46 38.57
N ILE A 366 -12.60 1.62 37.71
CA ILE A 366 -13.15 0.27 37.50
C ILE A 366 -12.82 -0.64 38.67
N VAL A 367 -11.61 -0.50 39.24
CA VAL A 367 -11.19 -1.39 40.32
C VAL A 367 -12.11 -1.25 41.53
N LYS A 368 -12.34 -0.02 41.97
CA LYS A 368 -13.17 0.18 43.15
C LYS A 368 -14.63 -0.14 42.88
N PHE A 369 -15.09 0.08 41.65
CA PHE A 369 -16.44 -0.34 41.30
C PHE A 369 -16.58 -1.86 41.40
N ILE A 370 -15.58 -2.60 40.92
CA ILE A 370 -15.62 -4.06 41.04
C ILE A 370 -15.62 -4.46 42.50
N LEU A 371 -14.76 -3.84 43.31
CA LEU A 371 -14.67 -4.23 44.71
C LEU A 371 -15.96 -3.94 45.47
N TYR A 372 -16.59 -2.80 45.19
CA TYR A 372 -17.84 -2.46 45.87
C TYR A 372 -19.03 -3.23 45.33
N ALA A 373 -19.00 -3.64 44.05
CA ALA A 373 -20.11 -4.39 43.48
C ALA A 373 -20.15 -5.81 44.02
N LEU A 374 -19.02 -6.33 44.49
CA LEU A 374 -18.99 -7.62 45.17
C LEU A 374 -19.47 -7.53 46.60
N GLN A 375 -19.77 -6.33 47.10
CA GLN A 375 -20.10 -6.11 48.50
C GLN A 375 -19.00 -6.66 49.41
N LEU A 376 -17.75 -6.35 49.05
CA LEU A 376 -16.62 -6.84 49.82
C LEU A 376 -16.61 -6.28 51.24
N ASP A 377 -17.03 -5.03 51.41
CA ASP A 377 -17.03 -4.43 52.73
C ASP A 377 -17.96 -5.17 53.68
N LYS A 378 -19.22 -5.37 53.26
CA LYS A 378 -20.16 -6.09 54.11
C LYS A 378 -19.84 -7.58 54.19
N LEU A 379 -19.22 -8.16 53.17
CA LEU A 379 -18.72 -9.53 53.30
C LEU A 379 -17.69 -9.62 54.43
N ALA A 380 -16.73 -8.70 54.45
CA ALA A 380 -15.72 -8.70 55.50
C ALA A 380 -16.36 -8.48 56.86
N ILE A 381 -17.34 -7.57 56.94
CA ILE A 381 -17.99 -7.28 58.22
C ILE A 381 -18.72 -8.53 58.73
N ASP A 382 -19.49 -9.18 57.86
CA ASP A 382 -20.22 -10.38 58.26
C ASP A 382 -19.27 -11.50 58.64
N ARG A 383 -18.18 -11.67 57.89
CA ARG A 383 -17.20 -12.69 58.23
C ARG A 383 -16.57 -12.44 59.58
N LEU A 384 -16.22 -11.18 59.88
CA LEU A 384 -15.65 -10.84 61.17
C LEU A 384 -16.66 -11.08 62.29
N ASN A 385 -17.93 -10.77 62.04
CA ASN A 385 -18.95 -10.91 63.08
C ASN A 385 -19.33 -12.37 63.34
N ASN A 386 -19.28 -13.22 62.32
CA ASN A 386 -19.72 -14.61 62.47
C ASN A 386 -18.55 -15.58 62.68
N ASP A 387 -17.62 -15.62 61.72
CA ASP A 387 -16.50 -16.56 61.78
C ASP A 387 -15.27 -15.95 62.43
N ARG A 388 -15.33 -14.67 62.78
CA ARG A 388 -14.22 -13.95 63.42
C ARG A 388 -12.96 -13.98 62.53
N GLU A 389 -13.15 -13.86 61.23
CA GLU A 389 -12.04 -13.83 60.28
C GLU A 389 -12.33 -12.79 59.21
N LEU A 390 -11.32 -12.54 58.38
CA LEU A 390 -11.49 -11.67 57.22
C LEU A 390 -11.46 -12.50 55.94
N PRO A 391 -12.15 -12.05 54.89
CA PRO A 391 -12.18 -12.83 53.65
C PRO A 391 -10.78 -12.93 53.04
N LEU A 392 -10.52 -14.08 52.40
CA LEU A 392 -9.24 -14.34 51.76
C LEU A 392 -9.34 -13.91 50.31
N ILE A 393 -8.40 -13.07 49.87
CA ILE A 393 -8.46 -12.41 48.57
C ILE A 393 -7.18 -12.70 47.81
N ILE A 394 -7.31 -13.03 46.52
CA ILE A 394 -6.16 -13.29 45.67
C ILE A 394 -6.40 -12.69 44.29
N ASP A 395 -5.33 -12.12 43.73
CA ASP A 395 -5.32 -11.61 42.36
C ASP A 395 -4.21 -12.35 41.64
N PRO A 396 -4.53 -13.40 40.88
CA PRO A 396 -3.51 -14.23 40.23
C PRO A 396 -2.84 -13.56 39.02
N SER A 397 -3.22 -12.32 38.76
CA SER A 397 -2.58 -11.51 37.72
C SER A 397 -2.32 -10.11 38.25
N ALA A 398 -1.72 -10.03 39.44
CA ALA A 398 -1.74 -8.80 40.23
C ALA A 398 -1.17 -7.61 39.45
N GLY A 399 -0.07 -7.79 38.76
CA GLY A 399 0.56 -6.65 38.10
C GLY A 399 1.10 -5.69 39.14
N SER A 400 0.69 -4.43 39.04
CA SER A 400 1.09 -3.41 40.00
C SER A 400 0.32 -3.48 41.31
N GLY A 401 -0.45 -4.55 41.51
CA GLY A 401 -1.19 -4.72 42.76
C GLY A 401 -2.24 -3.65 42.98
N THR A 402 -2.89 -3.19 41.91
CA THR A 402 -3.95 -2.21 42.07
C THR A 402 -5.12 -2.78 42.84
N PHE A 403 -5.59 -3.96 42.43
CA PHE A 403 -6.75 -4.56 43.09
C PHE A 403 -6.47 -4.82 44.56
N LEU A 404 -5.29 -5.32 44.88
CA LEU A 404 -4.95 -5.59 46.28
C LEU A 404 -4.86 -4.30 47.09
N ILE A 405 -4.27 -3.25 46.52
CA ILE A 405 -4.15 -1.98 47.24
C ILE A 405 -5.53 -1.41 47.55
N GLU A 406 -6.41 -1.36 46.54
CA GLU A 406 -7.73 -0.80 46.76
C GLU A 406 -8.56 -1.70 47.68
N ALA A 407 -8.37 -3.02 47.62
CA ALA A 407 -9.08 -3.90 48.55
C ALA A 407 -8.63 -3.66 49.98
N MET A 408 -7.32 -3.50 50.20
CA MET A 408 -6.81 -3.22 51.53
C MET A 408 -7.36 -1.90 52.05
N LYS A 409 -7.35 -0.86 51.22
CA LYS A 409 -7.90 0.42 51.64
C LYS A 409 -9.38 0.30 51.94
N LEU A 410 -10.13 -0.43 51.10
CA LEU A 410 -11.56 -0.61 51.32
C LEU A 410 -11.82 -1.26 52.67
N ILE A 411 -11.17 -2.39 52.94
CA ILE A 411 -11.43 -3.10 54.19
C ILE A 411 -11.05 -2.25 55.39
N THR A 412 -9.90 -1.58 55.33
CA THR A 412 -9.46 -0.78 56.47
C THR A 412 -10.37 0.42 56.70
N LYS A 413 -10.93 0.99 55.62
CA LYS A 413 -11.68 2.24 55.71
C LYS A 413 -13.17 1.95 55.84
N GLU A 414 -13.49 0.66 55.89
CA GLU A 414 -14.90 0.28 56.03
C GLU A 414 -15.14 -0.41 57.37
N VAL A 415 -14.24 -1.31 57.76
CA VAL A 415 -14.46 -2.04 59.00
C VAL A 415 -14.11 -1.19 60.21
N LYS A 416 -13.28 -0.16 60.01
CA LYS A 416 -12.81 0.66 61.12
C LYS A 416 -13.49 2.02 61.21
N TYR A 417 -13.60 2.73 60.08
CA TYR A 417 -14.05 4.12 60.10
C TYR A 417 -15.50 4.32 59.71
N LYS A 418 -15.88 3.87 58.50
CA LYS A 418 -17.18 4.26 57.95
C LYS A 418 -18.30 3.32 58.38
N GLN A 419 -18.09 2.01 58.32
CA GLN A 419 -19.10 1.03 58.71
C GLN A 419 -18.70 0.33 60.00
N ASN A 420 -18.14 1.09 60.94
CA ASN A 420 -17.66 0.51 62.19
C ASN A 420 -18.82 0.05 63.06
N HIS A 421 -19.96 0.75 62.99
CA HIS A 421 -21.09 0.43 63.85
C HIS A 421 -21.71 -0.93 63.54
N LYS A 422 -21.33 -1.56 62.42
CA LYS A 422 -21.88 -2.86 62.08
C LYS A 422 -21.27 -3.99 62.90
N VAL A 423 -19.99 -3.89 63.27
CA VAL A 423 -19.34 -4.99 63.98
C VAL A 423 -19.87 -5.09 65.40
N LYS A 424 -19.90 -6.32 65.92
CA LYS A 424 -20.39 -6.57 67.26
C LYS A 424 -19.35 -6.16 68.30
N SER A 425 -19.83 -5.84 69.50
CA SER A 425 -18.97 -5.46 70.61
C SER A 425 -18.68 -6.62 71.55
N SER A 426 -18.96 -7.85 71.13
CA SER A 426 -18.73 -9.01 71.98
C SER A 426 -17.24 -9.15 72.29
N ARG A 427 -16.96 -9.81 73.41
CA ARG A 427 -15.59 -9.83 73.95
C ARG A 427 -14.61 -10.49 72.97
N GLN A 428 -15.00 -11.62 72.38
CA GLN A 428 -14.08 -12.32 71.48
C GLN A 428 -13.96 -11.56 70.15
N ILE A 429 -15.07 -11.05 69.64
CA ILE A 429 -15.02 -10.23 68.42
C ILE A 429 -14.21 -8.96 68.67
N THR A 430 -14.38 -8.36 69.85
CA THR A 430 -13.59 -7.18 70.19
C THR A 430 -12.10 -7.52 70.24
N LYS A 431 -11.75 -8.67 70.83
CA LYS A 431 -10.34 -9.07 70.89
C LYS A 431 -9.78 -9.29 69.50
N ARG A 432 -10.56 -9.93 68.61
CA ARG A 432 -10.10 -10.13 67.24
C ARG A 432 -9.91 -8.79 66.53
N PHE A 433 -10.82 -7.84 66.75
CA PHE A 433 -10.67 -6.53 66.15
C PHE A 433 -9.42 -5.82 66.66
N GLU A 434 -9.13 -5.98 67.96
CA GLU A 434 -7.90 -5.42 68.51
C GLU A 434 -6.69 -6.03 67.83
N GLU A 435 -6.70 -7.36 67.63
CA GLU A 435 -5.57 -8.02 67.01
C GLU A 435 -5.42 -7.66 65.54
N LEU A 436 -6.52 -7.27 64.88
CA LEU A 436 -6.50 -7.03 63.44
C LEU A 436 -6.27 -5.57 63.07
N PHE A 437 -7.10 -4.66 63.57
CA PHE A 437 -7.15 -3.29 63.08
C PHE A 437 -6.65 -2.23 64.04
N MET A 438 -6.71 -2.48 65.35
CA MET A 438 -6.55 -1.40 66.33
C MET A 438 -5.25 -0.61 66.22
N PRO A 439 -4.05 -1.23 66.12
CA PRO A 439 -2.82 -0.43 66.10
C PRO A 439 -2.81 0.57 64.95
N ASP A 440 -2.83 1.87 65.29
CA ASP A 440 -2.92 2.90 64.26
C ASP A 440 -1.70 2.90 63.36
N HIS A 441 -0.51 2.68 63.92
CA HIS A 441 0.69 2.62 63.10
C HIS A 441 0.65 1.45 62.14
N ASN A 442 0.09 0.32 62.59
CA ASN A 442 0.04 -0.89 61.77
C ASN A 442 -1.40 -1.33 61.52
N GLU A 443 -2.28 -0.40 61.16
CA GLU A 443 -3.66 -0.76 60.88
C GLU A 443 -3.76 -1.63 59.63
N ASN A 444 -2.87 -1.42 58.67
CA ASN A 444 -2.84 -2.24 57.46
C ASN A 444 -1.88 -3.41 57.62
N LYS A 445 -2.07 -4.16 58.71
CA LYS A 445 -1.27 -5.34 58.98
C LYS A 445 -2.04 -6.64 58.81
N TRP A 446 -3.37 -6.59 58.73
CA TRP A 446 -4.15 -7.78 58.43
C TRP A 446 -3.83 -8.33 57.04
N ALA A 447 -3.32 -7.49 56.14
CA ALA A 447 -2.99 -7.91 54.79
C ALA A 447 -1.84 -8.90 54.75
N ARG A 448 -1.12 -9.08 55.85
CA ARG A 448 0.00 -10.02 55.85
C ARG A 448 -0.47 -11.44 55.60
N GLU A 449 -1.61 -11.83 56.19
CA GLU A 449 -2.07 -13.20 56.13
C GLU A 449 -3.32 -13.38 55.27
N TYR A 450 -3.81 -12.33 54.63
CA TYR A 450 -5.08 -12.40 53.91
C TYR A 450 -5.00 -12.05 52.44
N LEU A 451 -4.25 -11.02 52.07
CA LEU A 451 -4.13 -10.64 50.67
C LEU A 451 -3.04 -11.46 50.00
N TYR A 452 -3.36 -12.05 48.84
CA TYR A 452 -2.41 -12.81 48.05
C TYR A 452 -2.35 -12.23 46.65
N GLY A 453 -1.34 -12.66 45.88
CA GLY A 453 -1.20 -12.18 44.53
C GLY A 453 -0.26 -13.06 43.75
N CYS A 454 -0.20 -12.82 42.44
CA CYS A 454 0.66 -13.58 41.54
C CYS A 454 0.94 -12.72 40.31
N GLU A 455 2.21 -12.49 40.01
CA GLU A 455 2.61 -11.76 38.82
C GLU A 455 3.81 -12.46 38.20
N ILE A 456 3.78 -12.64 36.88
CA ILE A 456 4.86 -13.37 36.22
C ILE A 456 6.08 -12.49 36.02
N ASN A 457 5.90 -11.17 35.90
CA ASN A 457 7.03 -10.29 35.68
C ASN A 457 7.79 -10.08 36.97
N PHE A 458 9.13 -10.10 36.87
CA PHE A 458 9.95 -9.82 38.05
C PHE A 458 9.97 -8.33 38.38
N ASP A 459 10.03 -7.47 37.36
CA ASP A 459 10.08 -6.04 37.60
C ASP A 459 8.77 -5.53 38.20
N LEU A 460 7.65 -5.89 37.58
CA LEU A 460 6.36 -5.47 38.12
C LEU A 460 6.09 -6.12 39.48
N GLY A 461 6.53 -7.37 39.65
CA GLY A 461 6.39 -8.01 40.95
C GLY A 461 7.14 -7.25 42.03
N THR A 462 8.38 -6.85 41.73
CA THR A 462 9.17 -6.07 42.68
C THR A 462 8.51 -4.73 42.97
N ALA A 463 7.99 -4.07 41.94
CA ALA A 463 7.32 -2.78 42.14
C ALA A 463 6.10 -2.93 43.03
N SER A 464 5.29 -3.97 42.78
CA SER A 464 4.11 -4.22 43.61
C SER A 464 4.50 -4.53 45.04
N LYS A 465 5.56 -5.32 45.23
CA LYS A 465 6.00 -5.63 46.59
C LYS A 465 6.45 -4.37 47.32
N VAL A 466 7.20 -3.50 46.65
CA VAL A 466 7.64 -2.26 47.28
C VAL A 466 6.44 -1.37 47.61
N ASN A 467 5.47 -1.28 46.69
CA ASN A 467 4.28 -0.49 46.98
C ASN A 467 3.54 -1.04 48.18
N MET A 468 3.46 -2.37 48.29
CA MET A 468 2.74 -2.96 49.41
C MET A 468 3.49 -2.74 50.72
N ILE A 469 4.83 -2.72 50.68
CA ILE A 469 5.61 -2.30 51.83
C ILE A 469 5.24 -0.88 52.22
N LEU A 470 5.21 0.03 51.25
CA LEU A 470 4.98 1.43 51.54
C LEU A 470 3.61 1.65 52.17
N HIS A 471 2.58 1.00 51.63
CA HIS A 471 1.24 1.15 52.19
C HIS A 471 1.17 0.64 53.62
N GLY A 472 1.81 -0.50 53.90
CA GLY A 472 1.87 -0.99 55.26
C GLY A 472 1.70 -2.49 55.41
N ASP A 473 1.47 -3.20 54.31
CA ASP A 473 1.28 -4.64 54.38
C ASP A 473 2.51 -5.34 54.91
N GLY A 474 3.62 -5.26 54.17
CA GLY A 474 4.75 -6.14 54.37
C GLY A 474 4.94 -7.14 53.25
N SER A 475 4.04 -7.18 52.27
CA SER A 475 4.12 -8.04 51.09
C SER A 475 4.18 -9.49 51.57
N ALA A 476 5.19 -10.26 51.20
CA ALA A 476 5.40 -11.67 51.57
C ALA A 476 4.34 -12.58 50.96
N ASN A 477 3.37 -12.05 50.23
CA ASN A 477 2.35 -12.86 49.59
C ASN A 477 2.23 -12.62 48.09
N ILE A 478 2.87 -11.59 47.56
CA ILE A 478 2.82 -11.30 46.13
C ILE A 478 3.91 -12.15 45.49
N PHE A 479 3.55 -13.37 45.11
CA PHE A 479 4.50 -14.25 44.45
C PHE A 479 4.85 -13.71 43.07
N VAL A 480 6.13 -13.80 42.72
CA VAL A 480 6.61 -13.30 41.44
C VAL A 480 6.69 -14.45 40.44
N GLN A 481 5.97 -15.53 40.72
CA GLN A 481 5.95 -16.68 39.84
C GLN A 481 4.79 -16.56 38.85
N ASP A 482 4.65 -17.55 37.99
CA ASP A 482 3.54 -17.56 37.04
C ASP A 482 2.24 -17.95 37.75
N GLY A 483 1.12 -17.40 37.27
CA GLY A 483 -0.16 -17.64 37.90
C GLY A 483 -0.79 -18.97 37.59
N LEU A 484 -0.33 -19.65 36.54
CA LEU A 484 -0.93 -20.91 36.09
C LEU A 484 -0.18 -22.14 36.59
N LEU A 485 0.85 -21.96 37.42
CA LEU A 485 1.65 -23.07 37.88
C LEU A 485 0.86 -23.95 38.85
N PRO A 486 1.26 -25.20 39.01
CA PRO A 486 0.60 -26.06 40.00
C PRO A 486 0.75 -25.50 41.41
N PHE A 487 -0.16 -25.91 42.29
CA PHE A 487 -0.29 -25.28 43.59
C PHE A 487 0.92 -25.52 44.48
N ARG A 488 1.54 -26.71 44.40
CA ARG A 488 2.68 -26.99 45.26
C ARG A 488 3.91 -26.17 44.91
N PHE A 489 3.91 -25.47 43.76
CA PHE A 489 5.05 -24.67 43.35
C PHE A 489 5.06 -23.29 43.99
N TYR A 490 4.05 -22.94 44.78
CA TYR A 490 3.95 -21.62 45.41
C TYR A 490 4.41 -21.76 46.86
N VAL A 491 5.71 -21.61 47.07
CA VAL A 491 6.33 -21.77 48.40
C VAL A 491 7.02 -20.47 48.77
N LYS A 492 6.92 -20.10 50.04
CA LYS A 492 7.50 -18.86 50.53
C LYS A 492 8.22 -18.98 51.87
N GLU A 493 8.03 -20.07 52.61
CA GLU A 493 8.68 -20.29 53.90
C GLU A 493 8.44 -19.12 54.86
N THR A 494 7.16 -18.93 55.19
CA THR A 494 6.74 -17.77 55.98
C THR A 494 5.43 -18.19 56.65
N SER A 495 4.70 -17.19 57.19
CA SER A 495 3.39 -17.32 57.82
C SER A 495 2.50 -18.20 56.94
N PRO A 496 1.53 -18.97 57.52
CA PRO A 496 0.93 -20.08 56.78
C PRO A 496 0.51 -19.78 55.35
N ASN A 497 0.92 -20.66 54.43
CA ASN A 497 0.79 -20.47 52.99
C ASN A 497 -0.50 -21.14 52.54
N TYR A 498 -1.52 -20.33 52.25
CA TYR A 498 -2.78 -20.87 51.78
C TYR A 498 -2.73 -21.30 50.31
N LEU A 499 -1.79 -20.76 49.53
CA LEU A 499 -1.76 -21.05 48.10
C LEU A 499 -1.07 -22.37 47.78
N GLU A 500 -0.30 -22.94 48.71
CA GLU A 500 0.43 -24.16 48.41
C GLU A 500 -0.45 -25.41 48.43
N THR A 501 -1.55 -25.37 49.19
CA THR A 501 -2.36 -26.56 49.37
C THR A 501 -3.12 -26.89 48.09
N ALA A 502 -3.42 -28.18 47.92
CA ALA A 502 -4.18 -28.65 46.77
C ALA A 502 -4.84 -29.98 47.11
N SER A 503 -5.86 -30.32 46.34
CA SER A 503 -6.59 -31.57 46.51
C SER A 503 -7.35 -31.86 45.23
N PRO A 504 -7.66 -33.13 44.97
CA PRO A 504 -8.45 -33.46 43.77
C PRO A 504 -9.95 -33.30 44.03
N ASP A 505 -10.66 -32.93 42.96
CA ASP A 505 -12.09 -32.73 43.01
C ASP A 505 -12.78 -33.70 42.05
N ALA A 506 -13.79 -34.41 42.55
CA ALA A 506 -14.47 -35.41 41.73
C ALA A 506 -15.23 -34.78 40.58
N LEU A 507 -15.97 -33.70 40.85
CA LEU A 507 -16.79 -33.09 39.81
C LEU A 507 -15.96 -32.30 38.81
N TYR A 508 -14.78 -31.83 39.22
CA TYR A 508 -13.92 -31.09 38.31
C TYR A 508 -13.16 -31.99 37.35
N GLY A 509 -13.03 -33.28 37.67
CA GLY A 509 -12.29 -34.19 36.80
C GLY A 509 -11.04 -34.74 37.44
N ASP A 510 -11.05 -34.87 38.76
CA ASP A 510 -9.93 -35.39 39.54
C ASP A 510 -8.67 -34.57 39.38
N LYS A 511 -8.79 -33.28 39.07
CA LYS A 511 -7.65 -32.40 38.99
C LYS A 511 -7.50 -31.60 40.29
N GLU A 512 -6.36 -30.93 40.42
CA GLU A 512 -6.05 -30.22 41.65
C GLU A 512 -6.97 -29.03 41.84
N VAL A 513 -7.48 -28.88 43.06
CA VAL A 513 -8.33 -27.75 43.44
C VAL A 513 -7.87 -27.24 44.79
N ASN A 514 -7.59 -25.93 44.88
CA ASN A 514 -7.20 -25.33 46.16
C ASN A 514 -8.44 -25.04 47.01
N GLY A 515 -9.32 -24.18 46.51
CA GLY A 515 -10.58 -23.92 47.17
C GLY A 515 -10.48 -23.31 48.55
N LYS A 516 -9.60 -22.33 48.73
CA LYS A 516 -9.42 -21.68 50.03
C LYS A 516 -9.63 -20.18 50.00
N PHE A 517 -9.90 -19.59 48.84
CA PHE A 517 -9.97 -18.14 48.69
C PHE A 517 -11.42 -17.71 48.59
N ASP A 518 -11.81 -16.72 49.41
CA ASP A 518 -13.19 -16.27 49.43
C ASP A 518 -13.53 -15.40 48.23
N VAL A 519 -12.60 -14.58 47.78
CA VAL A 519 -12.86 -13.61 46.72
C VAL A 519 -11.71 -13.65 45.72
N VAL A 520 -12.04 -13.64 44.44
CA VAL A 520 -11.05 -13.53 43.37
C VAL A 520 -11.42 -12.35 42.50
N VAL A 521 -10.53 -11.36 42.44
CA VAL A 521 -10.66 -10.21 41.56
C VAL A 521 -9.42 -10.15 40.70
N SER A 522 -9.59 -9.96 39.39
CA SER A 522 -8.45 -10.02 38.49
C SER A 522 -8.81 -9.32 37.19
N ASN A 523 -7.77 -9.04 36.40
CA ASN A 523 -7.89 -8.51 35.04
C ASN A 523 -7.01 -9.38 34.16
N PRO A 524 -7.45 -10.60 33.84
CA PRO A 524 -6.59 -11.55 33.15
C PRO A 524 -6.13 -10.99 31.81
N PRO A 525 -4.87 -11.23 31.45
CA PRO A 525 -4.34 -10.65 30.21
C PRO A 525 -4.96 -11.29 28.97
N PHE A 526 -4.96 -10.52 27.89
CA PHE A 526 -5.42 -11.04 26.61
C PHE A 526 -4.28 -11.82 25.93
N SER A 527 -4.59 -13.03 25.49
CA SER A 527 -3.65 -13.87 24.75
C SER A 527 -2.35 -14.08 25.53
N VAL A 528 -2.48 -14.72 26.68
CA VAL A 528 -1.31 -15.03 27.49
C VAL A 528 -0.45 -16.07 26.77
N ASP A 529 0.86 -15.91 26.87
CA ASP A 529 1.82 -16.79 26.22
C ASP A 529 2.37 -17.77 27.25
N LEU A 530 2.08 -19.05 27.06
CA LEU A 530 2.52 -20.07 28.00
C LEU A 530 4.03 -20.27 27.94
N ASP A 531 4.61 -20.59 29.09
CA ASP A 531 6.04 -20.90 29.14
C ASP A 531 6.31 -22.22 28.45
N THR A 532 7.28 -22.22 27.53
CA THR A 532 7.53 -23.41 26.72
C THR A 532 8.09 -24.56 27.54
N GLN A 533 8.82 -24.26 28.62
CA GLN A 533 9.47 -25.33 29.38
C GLN A 533 8.48 -26.02 30.31
N THR A 534 7.43 -25.31 30.74
CA THR A 534 6.43 -25.88 31.65
C THR A 534 5.10 -26.16 30.98
N GLN A 535 4.93 -25.84 29.70
CA GLN A 535 3.61 -25.96 29.07
C GLN A 535 3.11 -27.39 29.09
N ARG A 536 3.97 -28.35 28.73
CA ARG A 536 3.55 -29.75 28.68
C ARG A 536 3.10 -30.24 30.05
N GLU A 537 3.56 -29.60 31.12
CA GLU A 537 3.16 -29.99 32.46
C GLU A 537 1.91 -29.24 32.92
N VAL A 538 1.91 -27.90 32.78
CA VAL A 538 0.82 -27.10 33.31
C VAL A 538 -0.47 -27.36 32.54
N ARG A 539 -0.39 -27.54 31.23
CA ARG A 539 -1.59 -27.76 30.45
C ARG A 539 -2.27 -29.09 30.76
N ASN A 540 -1.59 -29.99 31.49
CA ASN A 540 -2.19 -31.25 31.87
C ASN A 540 -3.03 -31.16 33.14
N ALA A 541 -2.98 -30.03 33.84
CA ALA A 541 -3.76 -29.83 35.06
C ALA A 541 -5.09 -29.14 34.82
N PHE A 542 -5.40 -28.77 33.58
CA PHE A 542 -6.62 -28.08 33.24
C PHE A 542 -7.48 -28.92 32.31
N LEU A 543 -8.79 -28.74 32.40
CA LEU A 543 -9.70 -29.50 31.54
C LEU A 543 -9.48 -29.16 30.08
N PHE A 544 -9.52 -27.87 29.74
CA PHE A 544 -9.33 -27.42 28.37
C PHE A 544 -7.89 -26.94 28.15
N GLY A 545 -6.95 -27.88 28.29
CA GLY A 545 -5.55 -27.52 28.20
C GLY A 545 -5.11 -27.11 26.81
N ASP A 546 -5.60 -27.82 25.78
CA ASP A 546 -5.07 -27.69 24.43
C ASP A 546 -6.06 -27.04 23.47
N LYS A 547 -6.92 -26.16 23.97
CA LYS A 547 -7.93 -25.52 23.12
C LYS A 547 -7.44 -24.22 22.49
N LYS A 548 -6.12 -24.04 22.35
CA LYS A 548 -5.47 -22.97 21.60
C LYS A 548 -5.85 -21.58 22.09
N ASN A 549 -6.65 -21.51 23.16
CA ASN A 549 -6.99 -20.25 23.82
C ASN A 549 -6.42 -20.35 25.23
N SER A 550 -5.15 -19.96 25.37
CA SER A 550 -4.47 -20.11 26.65
C SER A 550 -5.07 -19.21 27.72
N GLU A 551 -5.53 -18.02 27.34
CA GLU A 551 -6.10 -17.11 28.33
C GLU A 551 -7.34 -17.69 28.99
N ASN A 552 -8.12 -18.49 28.26
CA ASN A 552 -9.28 -19.13 28.84
C ASN A 552 -8.93 -20.19 29.86
N LEU A 553 -7.65 -20.46 30.09
CA LEU A 553 -7.25 -21.29 31.22
C LEU A 553 -7.36 -20.53 32.53
N PHE A 554 -7.24 -19.21 32.50
CA PHE A 554 -7.34 -18.42 33.72
C PHE A 554 -8.72 -18.58 34.36
N ILE A 555 -9.77 -18.61 33.55
CA ILE A 555 -11.11 -18.82 34.07
C ILE A 555 -11.20 -20.15 34.81
N GLU A 556 -10.36 -21.12 34.46
CA GLU A 556 -10.33 -22.36 35.23
C GLU A 556 -9.66 -22.16 36.58
N ARG A 557 -8.56 -21.40 36.61
CA ARG A 557 -7.84 -21.14 37.87
C ARG A 557 -8.78 -20.64 38.94
N TYR A 558 -9.71 -19.76 38.58
CA TYR A 558 -10.63 -19.21 39.56
C TYR A 558 -11.45 -20.31 40.22
N TYR A 559 -11.95 -21.25 39.42
CA TYR A 559 -12.68 -22.37 40.00
C TYR A 559 -11.80 -23.16 40.96
N GLN A 560 -10.51 -23.25 40.68
CA GLN A 560 -9.59 -23.96 41.56
C GLN A 560 -9.15 -23.13 42.76
N LEU A 561 -9.43 -21.82 42.76
CA LEU A 561 -9.04 -20.98 43.89
C LEU A 561 -10.21 -20.74 44.83
N LEU A 562 -11.36 -20.36 44.30
CA LEU A 562 -12.51 -20.04 45.13
C LEU A 562 -13.03 -21.27 45.84
N LYS A 563 -13.62 -21.05 47.02
CA LYS A 563 -14.36 -22.07 47.74
C LYS A 563 -15.84 -21.96 47.38
N GLU A 564 -16.61 -22.97 47.80
CA GLU A 564 -18.03 -22.98 47.53
C GLU A 564 -18.69 -21.73 48.08
N GLY A 565 -19.17 -20.86 47.20
CA GLY A 565 -19.68 -19.57 47.57
C GLY A 565 -18.72 -18.42 47.32
N GLY A 566 -17.56 -18.67 46.73
CA GLY A 566 -16.64 -17.60 46.43
C GLY A 566 -17.19 -16.65 45.39
N ARG A 567 -16.66 -15.43 45.40
CA ARG A 567 -17.15 -14.35 44.55
C ARG A 567 -16.10 -14.03 43.49
N LEU A 568 -16.53 -14.03 42.23
CA LEU A 568 -15.68 -13.73 41.10
C LEU A 568 -16.10 -12.42 40.46
N GLY A 569 -15.14 -11.53 40.26
CA GLY A 569 -15.41 -10.23 39.69
C GLY A 569 -14.42 -9.79 38.63
N VAL A 570 -13.94 -10.74 37.83
CA VAL A 570 -12.86 -10.50 36.87
C VAL A 570 -13.33 -9.64 35.70
N VAL A 571 -12.36 -9.17 34.91
CA VAL A 571 -12.64 -8.32 33.75
C VAL A 571 -12.36 -9.12 32.48
N LEU A 572 -13.40 -9.63 31.88
CA LEU A 572 -13.11 -10.45 30.71
C LEU A 572 -13.27 -9.65 29.42
N PRO A 573 -12.56 -10.02 28.37
CA PRO A 573 -12.80 -9.40 27.06
C PRO A 573 -14.13 -9.85 26.48
N GLU A 574 -14.59 -9.10 25.48
CA GLU A 574 -15.87 -9.41 24.86
C GLU A 574 -15.84 -10.73 24.10
N SER A 575 -14.66 -11.21 23.71
CA SER A 575 -14.58 -12.46 22.95
C SER A 575 -15.10 -13.64 23.74
N VAL A 576 -14.97 -13.60 25.07
CA VAL A 576 -15.51 -14.68 25.88
C VAL A 576 -17.03 -14.74 25.78
N PHE A 577 -17.67 -13.59 25.53
CA PHE A 577 -19.12 -13.50 25.60
C PHE A 577 -19.82 -13.77 24.27
N ASP A 578 -19.14 -13.63 23.15
CA ASP A 578 -19.81 -13.76 21.86
C ASP A 578 -19.16 -14.74 20.89
N THR A 579 -17.83 -14.85 20.89
CA THR A 579 -17.15 -15.66 19.88
C THR A 579 -17.59 -17.12 19.96
N THR A 580 -17.71 -17.75 18.79
CA THR A 580 -18.26 -19.10 18.71
C THR A 580 -17.30 -20.14 19.25
N GLU A 581 -15.99 -19.98 18.99
CA GLU A 581 -15.03 -20.99 19.42
C GLU A 581 -14.89 -21.06 20.94
N ASN A 582 -15.33 -20.05 21.66
CA ASN A 582 -15.29 -20.06 23.12
C ASN A 582 -16.52 -20.72 23.73
N LYS A 583 -17.37 -21.35 22.91
CA LYS A 583 -18.60 -21.95 23.43
C LYS A 583 -18.32 -22.95 24.53
N TYR A 584 -17.16 -23.60 24.52
CA TYR A 584 -16.82 -24.54 25.57
C TYR A 584 -16.70 -23.81 26.92
N ILE A 585 -15.97 -22.69 26.94
CA ILE A 585 -15.73 -22.02 28.22
C ILE A 585 -17.03 -21.44 28.77
N ARG A 586 -17.93 -20.99 27.90
CA ARG A 586 -19.21 -20.51 28.38
C ARG A 586 -20.05 -21.65 28.96
N LEU A 587 -19.85 -22.88 28.48
CA LEU A 587 -20.50 -24.01 29.12
C LEU A 587 -19.78 -24.46 30.38
N PHE A 588 -18.58 -23.93 30.63
CA PHE A 588 -17.91 -24.15 31.91
C PHE A 588 -18.46 -23.21 32.96
N ILE A 589 -18.46 -21.91 32.65
CA ILE A 589 -18.96 -20.90 33.60
C ILE A 589 -20.38 -21.21 34.01
N PHE A 590 -21.23 -21.61 33.05
CA PHE A 590 -22.61 -21.93 33.38
C PHE A 590 -22.71 -23.13 34.30
N LYS A 591 -21.81 -24.10 34.14
CA LYS A 591 -21.92 -25.33 34.92
C LYS A 591 -21.54 -25.11 36.38
N TYR A 592 -20.43 -24.40 36.61
CA TYR A 592 -19.87 -24.31 37.96
C TYR A 592 -20.14 -22.99 38.66
N PHE A 593 -20.39 -21.92 37.92
CA PHE A 593 -20.58 -20.60 38.50
C PHE A 593 -22.04 -20.16 38.33
N LYS A 594 -22.53 -19.42 39.31
CA LYS A 594 -23.85 -18.78 39.23
C LYS A 594 -23.62 -17.36 38.73
N VAL A 595 -23.79 -17.15 37.43
CA VAL A 595 -23.59 -15.83 36.84
C VAL A 595 -24.61 -14.87 37.42
N LYS A 596 -24.14 -13.90 38.20
CA LYS A 596 -25.03 -12.99 38.88
C LYS A 596 -25.16 -11.63 38.21
N ALA A 597 -24.11 -11.17 37.52
CA ALA A 597 -24.20 -9.89 36.84
C ALA A 597 -23.17 -9.84 35.72
N VAL A 598 -23.49 -9.11 34.66
CA VAL A 598 -22.56 -8.80 33.58
C VAL A 598 -22.74 -7.34 33.21
N VAL A 599 -21.64 -6.61 33.14
CA VAL A 599 -21.66 -5.18 32.84
C VAL A 599 -20.84 -4.94 31.57
N SER A 600 -21.43 -4.24 30.61
CA SER A 600 -20.79 -3.97 29.34
C SER A 600 -20.05 -2.64 29.42
N LEU A 601 -18.75 -2.70 29.66
CA LEU A 601 -17.95 -1.49 29.71
C LEU A 601 -17.81 -0.88 28.32
N PRO A 602 -17.70 0.45 28.23
CA PRO A 602 -17.57 1.09 26.91
C PRO A 602 -16.23 0.80 26.24
N GLN A 603 -16.04 1.33 25.03
CA GLN A 603 -14.81 1.06 24.30
C GLN A 603 -13.63 1.88 24.82
N VAL A 604 -13.90 3.09 25.34
CA VAL A 604 -12.83 3.99 25.75
C VAL A 604 -12.32 3.72 27.16
N THR A 605 -12.79 2.65 27.82
CA THR A 605 -12.39 2.42 29.20
C THR A 605 -10.92 2.02 29.31
N PHE A 606 -10.32 1.51 28.22
CA PHE A 606 -8.91 1.17 28.21
C PHE A 606 -8.13 1.90 27.13
N GLU A 607 -8.78 2.84 26.43
CA GLU A 607 -8.09 3.61 25.40
C GLU A 607 -7.07 4.55 26.05
N PRO A 608 -6.04 4.97 25.30
CA PRO A 608 -5.74 4.61 23.90
C PRO A 608 -4.86 3.37 23.81
N PHE A 609 -4.64 2.72 24.96
CA PHE A 609 -3.71 1.60 25.01
C PHE A 609 -4.22 0.43 24.18
N THR A 610 -5.47 0.03 24.41
CA THR A 610 -6.13 -0.99 23.60
C THR A 610 -7.55 -0.57 23.31
N SER A 611 -8.05 -0.97 22.14
CA SER A 611 -9.40 -0.64 21.70
C SER A 611 -10.36 -1.82 21.79
N THR A 612 -9.90 -2.95 22.33
CA THR A 612 -10.78 -4.11 22.45
C THR A 612 -11.86 -3.85 23.49
N LYS A 613 -13.04 -4.40 23.25
CA LYS A 613 -14.15 -4.24 24.18
C LYS A 613 -14.05 -5.28 25.29
N THR A 614 -14.24 -4.83 26.52
CA THR A 614 -14.22 -5.70 27.69
C THR A 614 -15.54 -5.60 28.44
N SER A 615 -15.79 -6.58 29.30
CA SER A 615 -16.99 -6.61 30.11
C SER A 615 -16.64 -7.18 31.48
N LEU A 616 -17.55 -6.98 32.43
CA LEU A 616 -17.36 -7.42 33.81
C LEU A 616 -18.27 -8.61 34.08
N LEU A 617 -17.71 -9.66 34.69
CA LEU A 617 -18.48 -10.84 35.06
C LEU A 617 -18.44 -10.99 36.57
N PHE A 618 -19.60 -10.88 37.20
CA PHE A 618 -19.77 -11.12 38.63
C PHE A 618 -20.50 -12.45 38.78
N ALA A 619 -19.79 -13.43 39.34
CA ALA A 619 -20.31 -14.80 39.45
C ALA A 619 -20.00 -15.35 40.82
N GLN A 620 -20.61 -16.49 41.14
CA GLN A 620 -20.40 -17.16 42.41
C GLN A 620 -20.32 -18.65 42.20
N LYS A 621 -19.31 -19.28 42.79
CA LYS A 621 -19.10 -20.71 42.59
C LYS A 621 -20.23 -21.52 43.22
N LYS A 622 -20.66 -22.55 42.51
CA LYS A 622 -21.73 -23.41 42.99
C LYS A 622 -21.22 -24.41 44.01
N THR A 623 -22.12 -24.84 44.90
CA THR A 623 -21.82 -25.90 45.83
C THR A 623 -21.86 -27.25 45.13
N LYS A 624 -21.47 -28.30 45.87
CA LYS A 624 -21.43 -29.63 45.28
C LYS A 624 -22.82 -30.13 44.91
N GLU A 625 -23.83 -29.81 45.73
CA GLU A 625 -25.19 -30.29 45.46
C GLU A 625 -25.74 -29.72 44.16
N GLU A 626 -25.49 -28.42 43.90
CA GLU A 626 -25.99 -27.82 42.68
C GLU A 626 -25.31 -28.42 41.45
N VAL A 627 -24.01 -28.68 41.53
CA VAL A 627 -23.32 -29.32 40.41
C VAL A 627 -23.84 -30.74 40.21
N GLU A 628 -24.17 -31.44 41.29
CA GLU A 628 -24.75 -32.77 41.16
C GLU A 628 -26.11 -32.72 40.48
N GLN A 629 -26.94 -31.73 40.84
CA GLN A 629 -28.22 -31.56 40.16
C GLN A 629 -28.03 -31.25 38.69
N TRP A 630 -27.04 -30.41 38.37
CA TRP A 630 -26.72 -30.12 36.98
C TRP A 630 -26.32 -31.38 36.23
N ASN A 631 -25.49 -32.21 36.85
CA ASN A 631 -25.06 -33.44 36.19
C ASN A 631 -26.22 -34.40 35.96
N GLU A 632 -27.10 -34.55 36.97
CA GLU A 632 -28.21 -35.47 36.81
C GLU A 632 -29.18 -34.99 35.73
N LEU A 633 -29.45 -33.67 35.68
CA LEU A 633 -30.28 -33.13 34.62
C LEU A 633 -29.63 -33.31 33.27
N TRP A 634 -28.32 -33.10 33.19
CA TRP A 634 -27.59 -33.24 31.93
C TRP A 634 -27.71 -34.67 31.40
N ASP A 635 -27.53 -35.66 32.28
CA ASP A 635 -27.67 -37.05 31.84
C ASP A 635 -29.11 -37.38 31.47
N LYS A 636 -30.07 -36.91 32.27
CA LYS A 636 -31.47 -37.21 32.01
C LYS A 636 -31.90 -36.69 30.64
N TYR A 637 -31.46 -35.49 30.27
CA TYR A 637 -31.84 -34.94 28.97
C TYR A 637 -30.95 -35.43 27.84
N GLY A 638 -29.70 -35.84 28.13
CA GLY A 638 -28.90 -36.48 27.11
C GLY A 638 -29.46 -37.81 26.65
N LYS A 639 -30.06 -38.56 27.57
CA LYS A 639 -30.75 -39.79 27.17
C LYS A 639 -31.85 -39.49 26.16
N GLU A 640 -32.67 -38.46 26.45
CA GLU A 640 -33.72 -38.08 25.52
C GLU A 640 -33.14 -37.64 24.19
N TRP A 641 -32.04 -36.89 24.21
CA TRP A 641 -31.45 -36.44 22.96
C TRP A 641 -30.98 -37.62 22.12
N SER A 642 -30.34 -38.60 22.76
CA SER A 642 -29.87 -39.77 22.02
C SER A 642 -31.03 -40.54 21.39
N LEU A 643 -32.06 -40.82 22.20
CA LEU A 643 -33.20 -41.57 21.67
C LEU A 643 -33.90 -40.81 20.54
N LEU A 644 -34.07 -39.50 20.72
CA LEU A 644 -34.69 -38.67 19.70
C LEU A 644 -33.87 -38.61 18.43
N LYS A 645 -32.54 -38.52 18.54
CA LYS A 645 -31.70 -38.55 17.34
C LYS A 645 -31.85 -39.87 16.61
N THR A 646 -31.89 -40.97 17.35
CA THR A 646 -32.10 -42.27 16.72
C THR A 646 -33.42 -42.31 15.96
N ARG A 647 -34.51 -41.90 16.62
CA ARG A 647 -35.82 -41.95 15.96
C ARG A 647 -35.86 -41.04 14.74
N ILE A 648 -35.28 -39.84 14.84
CA ILE A 648 -35.37 -38.88 13.74
C ILE A 648 -34.53 -39.33 12.56
N ASN A 649 -33.32 -39.85 12.81
CA ASN A 649 -32.53 -40.35 11.70
C ASN A 649 -33.18 -41.58 11.07
N ASP A 650 -33.88 -42.39 11.87
CA ASP A 650 -34.65 -43.50 11.29
C ASP A 650 -35.74 -42.99 10.38
N TYR A 651 -36.48 -41.97 10.81
CA TYR A 651 -37.52 -41.40 9.96
C TYR A 651 -36.94 -40.84 8.67
N PHE A 652 -35.87 -40.05 8.78
CA PHE A 652 -35.23 -39.44 7.62
C PHE A 652 -34.62 -40.47 6.70
N SER A 653 -34.18 -41.61 7.22
CA SER A 653 -33.69 -42.69 6.37
C SER A 653 -34.85 -43.35 5.63
N TYR A 654 -35.93 -43.64 6.35
CA TYR A 654 -37.08 -44.30 5.75
C TYR A 654 -37.67 -43.47 4.62
N PHE A 655 -37.83 -42.17 4.83
CA PHE A 655 -38.69 -41.40 3.95
C PHE A 655 -38.00 -41.00 2.64
N VAL A 656 -36.67 -40.95 2.59
CA VAL A 656 -35.95 -40.61 1.37
C VAL A 656 -35.01 -41.73 0.94
N LYS A 657 -34.25 -42.31 1.87
CA LYS A 657 -33.30 -43.37 1.55
C LYS A 657 -33.98 -44.71 1.33
N GLY A 658 -35.21 -44.87 1.81
CA GLY A 658 -36.03 -46.01 1.43
C GLY A 658 -35.57 -47.37 1.90
N ARG A 659 -34.96 -47.48 3.08
CA ARG A 659 -34.64 -48.79 3.61
C ARG A 659 -35.93 -49.55 3.93
N PRO A 660 -35.90 -50.88 3.87
CA PRO A 660 -37.09 -51.67 4.19
C PRO A 660 -37.51 -51.49 5.64
N LEU A 661 -38.82 -51.58 5.86
CA LEU A 661 -39.41 -51.42 7.18
C LEU A 661 -39.32 -52.69 8.01
N ASN A 662 -38.13 -53.28 8.08
CA ASN A 662 -37.96 -54.52 8.83
C ASN A 662 -38.04 -54.25 10.33
N LYS A 663 -37.95 -55.33 11.11
CA LYS A 663 -38.18 -55.23 12.54
C LYS A 663 -36.95 -54.74 13.30
N LYS A 664 -35.77 -55.25 12.96
CA LYS A 664 -34.57 -54.98 13.74
C LYS A 664 -33.82 -53.79 13.14
N TRP A 665 -33.99 -52.62 13.78
CA TRP A 665 -33.32 -51.37 13.45
C TRP A 665 -33.97 -50.25 14.25
N ALA A 666 -35.27 -50.37 14.52
CA ALA A 666 -35.94 -49.57 15.52
C ALA A 666 -37.24 -50.25 15.95
N PRO A 667 -37.41 -50.59 17.22
CA PRO A 667 -38.65 -51.25 17.66
C PRO A 667 -39.85 -50.32 17.68
N ASP A 668 -39.70 -49.16 18.35
CA ASP A 668 -40.81 -48.23 18.48
C ASP A 668 -41.21 -47.66 17.12
N VAL A 669 -40.23 -47.35 16.28
CA VAL A 669 -40.53 -46.75 14.98
C VAL A 669 -41.33 -47.73 14.12
N VAL A 670 -40.89 -48.98 14.05
CA VAL A 670 -41.61 -49.95 13.21
C VAL A 670 -42.97 -50.27 13.82
N LYS A 671 -43.06 -50.32 15.15
CA LYS A 671 -44.34 -50.55 15.79
C LYS A 671 -45.33 -49.44 15.45
N ASP A 672 -44.89 -48.19 15.54
CA ASP A 672 -45.77 -47.07 15.22
C ASP A 672 -46.13 -47.05 13.74
N ILE A 673 -45.17 -47.37 12.87
CA ILE A 673 -45.44 -47.32 11.44
C ILE A 673 -46.45 -48.39 11.03
N GLN A 674 -46.26 -49.62 11.51
CA GLN A 674 -47.19 -50.69 11.18
C GLN A 674 -48.55 -50.46 11.82
N GLU A 675 -48.57 -49.98 13.07
CA GLU A 675 -49.83 -49.67 13.72
C GLU A 675 -50.49 -48.42 13.15
N GLY A 676 -49.79 -47.67 12.30
CA GLY A 676 -50.36 -46.49 11.69
C GLY A 676 -50.62 -45.37 12.67
N ASN A 677 -49.57 -44.91 13.36
CA ASN A 677 -49.68 -43.83 14.36
C ASN A 677 -48.70 -42.74 13.96
N GLU A 678 -49.15 -41.81 13.11
CA GLU A 678 -48.29 -40.71 12.69
C GLU A 678 -48.28 -39.57 13.71
N ASP A 679 -49.23 -39.57 14.65
CA ASP A 679 -49.25 -38.54 15.69
C ASP A 679 -48.01 -38.64 16.56
N ASN A 680 -47.62 -39.86 16.94
CA ASN A 680 -46.40 -40.03 17.72
C ASN A 680 -45.17 -39.64 16.90
N ILE A 681 -45.18 -39.92 15.60
CA ILE A 681 -44.06 -39.52 14.74
C ILE A 681 -43.93 -38.00 14.75
N ARG A 682 -45.05 -37.30 14.59
CA ARG A 682 -45.01 -35.84 14.60
C ARG A 682 -44.57 -35.31 15.96
N LYS A 683 -45.01 -35.96 17.04
CA LYS A 683 -44.60 -35.54 18.37
C LYS A 683 -43.09 -35.70 18.56
N ASN A 684 -42.54 -36.82 18.09
CA ASN A 684 -41.09 -37.02 18.19
C ASN A 684 -40.34 -36.00 17.35
N ILE A 685 -40.83 -35.70 16.15
CA ILE A 685 -40.16 -34.71 15.32
C ILE A 685 -40.19 -33.34 16.00
N PHE A 686 -41.34 -32.97 16.56
CA PHE A 686 -41.45 -31.69 17.28
C PHE A 686 -40.51 -31.64 18.48
N ARG A 687 -40.44 -32.73 19.24
CA ARG A 687 -39.60 -32.75 20.43
C ARG A 687 -38.12 -32.67 20.07
N PHE A 688 -37.71 -33.34 18.98
CA PHE A 688 -36.33 -33.20 18.52
C PHE A 688 -36.06 -31.78 18.07
N LEU A 689 -36.94 -31.22 17.24
CA LEU A 689 -36.81 -29.84 16.79
C LEU A 689 -37.57 -28.89 17.71
N LYS A 690 -37.29 -28.96 19.01
CA LYS A 690 -37.93 -28.04 19.95
C LYS A 690 -37.61 -26.59 19.59
N ASP A 691 -36.45 -26.36 18.99
CA ASP A 691 -36.12 -25.08 18.39
C ASP A 691 -36.26 -25.19 16.87
N HIS A 692 -36.23 -24.03 16.21
CA HIS A 692 -36.39 -23.90 14.76
C HIS A 692 -37.75 -24.34 14.28
N ILE A 693 -38.75 -24.43 15.15
CA ILE A 693 -40.06 -24.94 14.76
C ILE A 693 -41.10 -23.85 14.97
N LYS A 694 -42.17 -23.93 14.18
CA LYS A 694 -43.29 -23.00 14.25
C LYS A 694 -44.58 -23.79 14.34
N GLU A 695 -45.62 -23.13 14.88
CA GLU A 695 -46.89 -23.82 15.08
C GLU A 695 -47.55 -24.22 13.76
N GLU A 696 -47.37 -23.42 12.71
CA GLU A 696 -47.96 -23.74 11.41
C GLU A 696 -47.50 -25.09 10.88
N ASP A 697 -46.32 -25.53 11.30
CA ASP A 697 -45.75 -26.79 10.83
C ASP A 697 -46.58 -27.97 11.32
N LYS A 698 -47.50 -27.71 12.25
CA LYS A 698 -48.46 -28.74 12.63
C LYS A 698 -49.27 -29.22 11.45
N ASN A 699 -49.51 -28.35 10.46
CA ASN A 699 -50.29 -28.75 9.29
C ASN A 699 -49.47 -29.51 8.26
N LEU A 700 -48.14 -29.44 8.34
CA LEU A 700 -47.30 -30.14 7.38
C LEU A 700 -47.28 -31.64 7.65
N GLU A 701 -47.02 -32.41 6.60
CA GLU A 701 -46.94 -33.86 6.72
C GLU A 701 -45.51 -34.29 7.06
N ILE A 702 -45.36 -35.59 7.32
CA ILE A 702 -44.09 -36.14 7.82
C ILE A 702 -43.06 -36.24 6.70
N LYS A 703 -43.43 -35.84 5.48
CA LYS A 703 -42.51 -35.79 4.36
C LYS A 703 -42.05 -34.36 4.07
N ASP A 704 -42.99 -33.46 3.80
CA ASP A 704 -42.63 -32.09 3.46
C ASP A 704 -42.00 -31.37 4.64
N LEU A 705 -42.37 -31.73 5.87
CA LEU A 705 -41.75 -31.14 7.04
C LEU A 705 -40.24 -31.41 7.05
N LEU A 706 -39.87 -32.69 6.88
CA LEU A 706 -38.45 -33.04 6.87
C LEU A 706 -37.73 -32.42 5.68
N ILE A 707 -38.34 -32.45 4.50
CA ILE A 707 -37.64 -31.90 3.34
C ILE A 707 -37.53 -30.38 3.45
N LYS A 708 -38.42 -29.74 4.21
CA LYS A 708 -38.32 -28.31 4.44
C LYS A 708 -37.24 -27.97 5.46
N TYR A 709 -37.13 -28.79 6.51
CA TYR A 709 -36.15 -28.48 7.55
C TYR A 709 -34.74 -28.93 7.16
N ALA A 710 -34.55 -30.23 6.98
CA ALA A 710 -33.27 -30.75 6.51
C ALA A 710 -32.10 -30.35 7.40
N GLU A 711 -31.42 -29.26 7.05
CA GLU A 711 -30.11 -28.96 7.64
C GLU A 711 -30.16 -28.79 9.15
N GLU A 712 -31.29 -28.36 9.71
CA GLU A 712 -31.39 -28.26 11.16
C GLU A 712 -31.32 -29.64 11.81
N ILE A 713 -31.86 -30.67 11.16
CA ILE A 713 -31.73 -32.03 11.66
C ILE A 713 -30.26 -32.40 11.80
N SER A 714 -29.47 -32.16 10.75
CA SER A 714 -28.05 -32.49 10.77
C SER A 714 -27.31 -31.66 11.81
N SER A 715 -27.66 -30.37 11.92
CA SER A 715 -26.97 -29.51 12.87
C SER A 715 -27.23 -29.96 14.31
N ILE A 716 -28.47 -30.31 14.63
CA ILE A 716 -28.78 -30.77 15.97
C ILE A 716 -28.15 -32.14 16.23
N SER A 717 -28.11 -33.01 15.22
CA SER A 717 -27.62 -34.37 15.44
C SER A 717 -26.14 -34.40 15.82
N LYS A 718 -25.36 -33.44 15.36
CA LYS A 718 -23.93 -33.44 15.66
C LYS A 718 -23.68 -33.09 17.12
N HIS A 719 -22.87 -33.90 17.78
CA HIS A 719 -22.55 -33.70 19.20
C HIS A 719 -21.26 -32.91 19.34
N GLU A 720 -20.95 -32.56 20.59
CA GLU A 720 -19.85 -31.66 20.87
C GLU A 720 -18.50 -32.31 20.62
N LYS A 721 -17.51 -31.47 20.34
CA LYS A 721 -16.18 -31.97 20.00
C LYS A 721 -15.42 -32.45 21.24
N GLU A 722 -15.61 -31.76 22.38
CA GLU A 722 -14.81 -32.05 23.56
C GLU A 722 -14.99 -33.50 24.01
N THR A 723 -16.23 -33.93 24.21
CA THR A 723 -16.60 -35.33 24.35
C THR A 723 -16.09 -35.90 25.67
N ASP A 724 -15.26 -35.13 26.38
CA ASP A 724 -14.66 -35.57 27.63
C ASP A 724 -15.28 -34.91 28.85
N VAL A 725 -15.73 -33.67 28.72
CA VAL A 725 -16.35 -32.95 29.82
C VAL A 725 -17.83 -32.78 29.55
N PHE A 726 -18.24 -32.91 28.29
CA PHE A 726 -19.63 -32.75 27.90
C PHE A 726 -20.30 -34.05 27.52
N GLY A 727 -19.54 -35.09 27.19
CA GLY A 727 -20.12 -36.36 26.83
C GLY A 727 -20.58 -36.41 25.39
N PHE A 728 -21.26 -37.50 25.06
CA PHE A 728 -21.72 -37.77 23.70
C PHE A 728 -23.16 -37.26 23.53
N TYR A 729 -23.32 -35.96 23.77
CA TYR A 729 -24.62 -35.31 23.64
C TYR A 729 -24.43 -33.95 23.02
N ASN A 730 -25.50 -33.46 22.40
CA ASN A 730 -25.49 -32.11 21.83
C ASN A 730 -25.50 -31.09 22.96
N ALA A 731 -24.50 -30.21 22.98
CA ALA A 731 -24.37 -29.26 24.08
C ALA A 731 -25.54 -28.29 24.11
N TRP A 732 -25.97 -27.78 22.95
CA TRP A 732 -26.97 -26.74 22.92
C TRP A 732 -28.35 -27.26 23.33
N TRP A 733 -28.75 -28.41 22.76
CA TRP A 733 -30.06 -28.97 23.06
C TRP A 733 -30.18 -29.31 24.54
N VAL A 734 -29.22 -30.08 25.06
CA VAL A 734 -29.26 -30.51 26.45
C VAL A 734 -29.10 -29.31 27.38
N PHE A 735 -28.28 -28.33 26.99
CA PHE A 735 -28.11 -27.15 27.83
C PHE A 735 -29.40 -26.36 27.92
N GLY A 736 -30.11 -26.19 26.80
CA GLY A 736 -31.39 -25.51 26.86
C GLY A 736 -32.38 -26.23 27.75
N GLU A 737 -32.45 -27.56 27.60
CA GLU A 737 -33.37 -28.31 28.44
C GLU A 737 -33.01 -28.23 29.92
N VAL A 738 -31.71 -28.24 30.24
CA VAL A 738 -31.28 -28.13 31.62
C VAL A 738 -31.59 -26.75 32.19
N ALA A 739 -31.24 -25.70 31.43
CA ALA A 739 -31.46 -24.34 31.90
C ALA A 739 -32.93 -23.98 31.99
N LYS A 740 -33.80 -24.71 31.31
CA LYS A 740 -35.24 -24.53 31.56
C LYS A 740 -35.60 -24.89 32.99
N GLU A 741 -35.03 -25.98 33.51
CA GLU A 741 -35.34 -26.39 34.88
C GLU A 741 -34.69 -25.47 35.90
N LEU A 742 -33.41 -25.14 35.69
CA LEU A 742 -32.62 -24.38 36.66
C LEU A 742 -32.66 -22.87 36.40
N ASP A 743 -33.75 -22.37 35.83
CA ASP A 743 -33.81 -20.97 35.43
C ASP A 743 -33.73 -20.05 36.64
N TYR A 744 -32.91 -19.01 36.52
CA TYR A 744 -32.78 -17.99 37.56
C TYR A 744 -32.48 -16.66 36.88
N PRO A 745 -32.89 -15.54 37.47
CA PRO A 745 -32.66 -14.24 36.85
C PRO A 745 -31.20 -13.84 36.89
N ILE A 746 -30.81 -13.02 35.91
CA ILE A 746 -29.43 -12.56 35.77
C ILE A 746 -29.45 -11.07 35.51
N PHE A 747 -28.73 -10.31 36.33
CA PHE A 747 -28.60 -8.87 36.14
C PHE A 747 -27.65 -8.56 34.99
N MET A 748 -28.08 -7.66 34.10
CA MET A 748 -27.24 -7.21 32.99
C MET A 748 -27.35 -5.71 32.88
N ALA A 749 -26.24 -5.06 32.54
CA ALA A 749 -26.20 -3.61 32.51
C ALA A 749 -25.13 -3.15 31.52
N GLU A 750 -25.19 -1.86 31.18
CA GLU A 750 -24.24 -1.24 30.28
C GLU A 750 -23.81 0.10 30.82
N ALA A 751 -22.55 0.45 30.60
CA ALA A 751 -22.01 1.74 30.98
C ALA A 751 -21.63 2.50 29.72
N GLU A 752 -22.11 3.74 29.62
CA GLU A 752 -21.81 4.58 28.47
C GLU A 752 -20.54 5.39 28.68
N ASN A 753 -20.32 5.90 29.88
CA ASN A 753 -19.11 6.63 30.23
C ASN A 753 -18.63 6.16 31.60
N VAL A 754 -17.31 6.09 31.76
CA VAL A 754 -16.72 5.55 32.99
C VAL A 754 -16.05 6.67 33.76
N GLY A 755 -16.42 7.91 33.49
CA GLY A 755 -15.95 9.05 34.26
C GLY A 755 -14.62 9.63 33.84
N TYR A 756 -14.07 9.21 32.70
CA TYR A 756 -12.79 9.75 32.25
C TYR A 756 -12.66 9.51 30.75
N LYS A 757 -11.72 10.25 30.16
CA LYS A 757 -11.32 10.04 28.77
C LYS A 757 -9.80 10.00 28.73
N ARG A 758 -9.24 8.83 28.55
CA ARG A 758 -7.79 8.64 28.56
C ARG A 758 -7.28 8.69 27.13
N THR A 759 -6.39 9.65 26.86
CA THR A 759 -5.70 9.77 25.58
C THR A 759 -4.26 10.16 25.84
N LYS A 760 -3.45 10.09 24.78
CA LYS A 760 -2.03 10.37 24.94
C LYS A 760 -1.77 11.80 25.37
N LYS A 761 -2.54 12.75 24.85
CA LYS A 761 -2.26 14.16 25.10
C LYS A 761 -2.76 14.64 26.45
N GLY A 762 -3.95 14.22 26.87
CA GLY A 762 -4.52 14.79 28.06
C GLY A 762 -5.58 13.91 28.69
N GLU A 763 -6.32 14.50 29.63
CA GLU A 763 -7.34 13.83 30.42
C GLU A 763 -8.59 14.70 30.49
N LYS A 764 -9.74 14.14 30.13
CA LYS A 764 -10.99 14.88 30.16
C LYS A 764 -12.10 14.04 30.79
N PRO A 765 -12.57 14.39 31.98
CA PRO A 765 -13.64 13.61 32.61
C PRO A 765 -14.97 13.77 31.88
N MET A 766 -15.80 12.74 31.99
CA MET A 766 -17.19 12.75 31.56
C MET A 766 -18.04 12.27 32.73
N PRO A 767 -19.36 12.42 32.64
CA PRO A 767 -20.22 11.89 33.70
C PRO A 767 -19.99 10.39 33.88
N ASN A 768 -19.93 9.97 35.15
CA ASN A 768 -19.58 8.61 35.52
C ASN A 768 -20.86 7.81 35.69
N ASP A 769 -21.10 6.86 34.77
CA ASP A 769 -22.29 6.02 34.86
C ASP A 769 -22.15 4.92 35.91
N LEU A 770 -20.93 4.58 36.31
CA LEU A 770 -20.74 3.44 37.20
C LEU A 770 -21.22 3.74 38.61
N TYR A 771 -20.85 4.90 39.16
CA TYR A 771 -21.17 5.22 40.54
C TYR A 771 -21.12 6.72 40.72
N ASP A 772 -21.48 7.16 41.93
CA ASP A 772 -21.46 8.57 42.31
C ASP A 772 -20.68 8.72 43.60
N LEU A 773 -19.93 9.82 43.70
CA LEU A 773 -19.18 10.10 44.92
C LEU A 773 -20.10 10.63 46.01
N GLU A 774 -19.60 10.63 47.25
CA GLU A 774 -20.39 11.14 48.36
C GLU A 774 -20.47 12.66 48.32
N TYR A 775 -19.34 13.34 48.07
CA TYR A 775 -19.26 14.79 48.16
C TYR A 775 -19.54 15.25 49.58
N ALA A 776 -20.78 15.09 50.02
CA ALA A 776 -21.12 15.46 51.39
C ALA A 776 -20.60 14.43 52.37
N PRO A 777 -19.73 14.81 53.31
CA PRO A 777 -19.23 13.83 54.28
C PRO A 777 -20.33 13.33 55.21
N SER A 778 -20.21 12.07 55.60
CA SER A 778 -21.13 11.51 56.59
C SER A 778 -20.80 11.95 58.00
N THR A 779 -19.60 12.50 58.22
CA THR A 779 -19.20 13.05 59.52
C THR A 779 -18.34 14.28 59.27
N LEU A 780 -18.89 15.45 59.60
CA LEU A 780 -18.18 16.72 59.47
C LEU A 780 -18.21 17.42 60.82
N ASP A 781 -17.04 17.88 61.27
CA ASP A 781 -16.95 18.55 62.57
C ASP A 781 -17.38 20.00 62.42
N CYS A 782 -18.52 20.34 63.03
CA CYS A 782 -18.94 21.74 63.07
C CYS A 782 -17.96 22.60 63.85
N GLU A 783 -17.41 22.06 64.94
CA GLU A 783 -16.51 22.82 65.78
C GLU A 783 -15.24 23.22 65.03
N LYS A 784 -14.67 22.28 64.26
CA LYS A 784 -13.48 22.59 63.49
C LYS A 784 -13.76 23.65 62.42
N VAL A 785 -14.88 23.53 61.71
CA VAL A 785 -15.21 24.50 60.68
C VAL A 785 -15.42 25.88 61.29
N LEU A 786 -16.12 25.96 62.41
CA LEU A 786 -16.33 27.23 63.08
C LEU A 786 -15.01 27.82 63.58
N SER A 787 -14.15 26.99 64.17
CA SER A 787 -12.87 27.47 64.69
C SER A 787 -11.96 27.96 63.57
N SER A 788 -12.07 27.37 62.38
CA SER A 788 -11.30 27.89 61.24
C SER A 788 -11.64 29.35 61.00
N PHE A 789 -12.88 29.64 60.61
CA PHE A 789 -13.29 31.01 60.34
C PHE A 789 -13.03 31.90 61.54
N ASP A 790 -13.17 31.37 62.75
CA ASP A 790 -12.81 32.13 63.95
C ASP A 790 -11.35 32.52 63.93
N ILE A 791 -10.46 31.63 63.50
CA ILE A 791 -9.04 31.96 63.53
C ILE A 791 -8.69 32.97 62.44
N GLU A 792 -9.29 32.88 61.24
CA GLU A 792 -9.01 33.94 60.26
C GLU A 792 -9.55 35.29 60.74
N ILE A 793 -10.75 35.30 61.32
CA ILE A 793 -11.33 36.55 61.79
C ILE A 793 -10.50 37.12 62.94
N ASN A 794 -9.98 36.28 63.82
CA ASN A 794 -9.15 36.76 64.91
C ASN A 794 -7.81 37.29 64.40
N ALA A 795 -7.23 36.61 63.41
CA ALA A 795 -5.97 37.07 62.84
C ALA A 795 -6.14 38.45 62.18
N LEU A 796 -7.26 38.64 61.47
CA LEU A 796 -7.51 39.95 60.89
C LEU A 796 -7.96 40.97 61.93
N GLU A 797 -8.55 40.52 63.04
CA GLU A 797 -9.00 41.44 64.09
C GLU A 797 -7.81 42.00 64.85
N ALA A 798 -6.75 41.20 65.03
CA ALA A 798 -5.54 41.75 65.63
C ALA A 798 -4.97 42.89 64.78
N SER A 799 -4.96 42.70 63.46
CA SER A 799 -4.50 43.75 62.56
C SER A 799 -5.42 44.96 62.59
N LYS A 800 -6.74 44.73 62.59
CA LYS A 800 -7.69 45.85 62.65
C LYS A 800 -7.58 46.60 63.96
N THR A 801 -7.17 45.95 65.04
CA THR A 801 -6.93 46.61 66.32
C THR A 801 -5.65 47.42 66.31
N LYS A 802 -4.56 46.85 65.81
CA LYS A 802 -3.30 47.61 65.80
C LYS A 802 -3.37 48.78 64.82
N LEU A 803 -4.04 48.61 63.67
CA LEU A 803 -4.19 49.71 62.74
C LEU A 803 -5.06 50.82 63.31
N SER A 804 -6.14 50.44 64.01
CA SER A 804 -6.96 51.45 64.67
C SER A 804 -6.18 52.19 65.75
N VAL A 805 -5.37 51.47 66.51
CA VAL A 805 -4.57 52.10 67.55
C VAL A 805 -3.57 53.08 66.93
N GLU A 806 -2.87 52.66 65.88
CA GLU A 806 -1.87 53.55 65.28
C GLU A 806 -2.53 54.75 64.61
N LYS A 807 -3.69 54.58 63.97
CA LYS A 807 -4.35 55.73 63.39
C LYS A 807 -4.87 56.68 64.47
N GLY A 808 -5.31 56.15 65.60
CA GLY A 808 -5.72 57.02 66.70
C GLY A 808 -4.56 57.81 67.27
N LEU A 809 -3.40 57.15 67.45
CA LEU A 809 -2.24 57.86 67.95
C LEU A 809 -1.74 58.89 66.93
N LEU A 810 -1.77 58.57 65.64
CA LEU A 810 -1.40 59.55 64.63
C LEU A 810 -2.35 60.75 64.64
N GLU A 811 -3.65 60.50 64.84
CA GLU A 811 -4.59 61.60 65.04
C GLU A 811 -4.25 62.41 66.29
N GLU A 812 -3.76 61.74 67.33
CA GLU A 812 -3.34 62.45 68.54
C GLU A 812 -2.18 63.39 68.26
N LYS A 813 -1.16 62.92 67.54
CA LYS A 813 -0.07 63.84 67.18
C LYS A 813 -0.58 64.94 66.24
N LEU A 814 -1.53 64.62 65.36
CA LEU A 814 -2.12 65.64 64.50
C LEU A 814 -2.77 66.74 65.32
N LYS A 815 -3.53 66.36 66.35
CA LYS A 815 -4.11 67.34 67.27
C LYS A 815 -3.03 68.07 68.06
N ASP A 816 -1.89 67.40 68.32
CA ASP A 816 -0.84 68.01 69.12
C ASP A 816 0.02 68.95 68.29
N LYS A 817 0.50 68.47 67.15
CA LYS A 817 1.44 69.23 66.33
C LYS A 817 0.75 70.40 65.65
N GLU A 818 1.55 71.38 65.23
CA GLU A 818 1.02 72.61 64.63
C GLU A 818 0.48 72.38 63.22
N ASP A 819 0.67 71.20 62.65
CA ASP A 819 0.17 70.82 61.32
C ASP A 819 0.84 71.61 60.20
N LYS A 820 2.08 72.04 60.39
CA LYS A 820 2.82 72.68 59.30
C LYS A 820 3.04 71.70 58.15
N GLU A 821 3.80 70.63 58.41
CA GLU A 821 3.99 69.54 57.47
C GLU A 821 3.16 68.31 57.83
N ASN A 822 2.38 68.38 58.90
CA ASN A 822 1.63 67.22 59.36
C ASN A 822 0.35 66.99 58.58
N GLU A 823 0.00 67.91 57.67
CA GLU A 823 -1.21 67.72 56.87
C GLU A 823 -1.08 66.55 55.91
N LYS A 824 0.13 66.35 55.36
CA LYS A 824 0.36 65.17 54.52
C LYS A 824 0.21 63.89 55.33
N ILE A 825 0.69 63.89 56.58
CA ILE A 825 0.52 62.73 57.44
C ILE A 825 -0.95 62.51 57.75
N GLN A 826 -1.70 63.60 57.92
CA GLN A 826 -3.15 63.48 58.14
C GLN A 826 -3.82 62.86 56.93
N LYS A 827 -3.44 63.28 55.73
CA LYS A 827 -4.00 62.67 54.53
C LYS A 827 -3.63 61.20 54.43
N ARG A 828 -2.38 60.85 54.77
CA ARG A 828 -1.95 59.46 54.73
C ARG A 828 -2.74 58.61 55.72
N LEU A 829 -2.96 59.12 56.92
CA LEU A 829 -3.74 58.36 57.90
C LEU A 829 -5.20 58.27 57.50
N ASN A 830 -5.73 59.30 56.85
CA ASN A 830 -7.10 59.20 56.31
C ASN A 830 -7.17 58.12 55.24
N LYS A 831 -6.17 58.04 54.37
CA LYS A 831 -6.16 57.01 53.33
C LYS A 831 -6.09 55.61 53.93
N ILE A 832 -5.21 55.42 54.91
CA ILE A 832 -5.10 54.09 55.51
C ILE A 832 -6.35 53.77 56.33
N SER A 833 -6.99 54.78 56.92
CA SER A 833 -8.26 54.54 57.61
C SER A 833 -9.34 54.11 56.62
N GLU A 834 -9.41 54.77 55.47
CA GLU A 834 -10.38 54.35 54.44
C GLU A 834 -10.10 52.94 53.96
N LEU A 835 -8.82 52.59 53.80
CA LEU A 835 -8.47 51.20 53.52
C LEU A 835 -8.95 50.29 54.64
N LEU A 836 -8.92 50.79 55.89
CA LEU A 836 -9.41 50.00 57.02
C LEU A 836 -10.92 49.74 56.91
N GLU A 837 -11.70 50.77 56.55
CA GLU A 837 -13.12 50.47 56.36
C GLU A 837 -13.37 49.57 55.16
N THR A 838 -12.57 49.67 54.10
CA THR A 838 -12.76 48.76 52.97
C THR A 838 -12.46 47.31 53.36
N ILE A 839 -11.36 47.09 54.10
CA ILE A 839 -11.06 45.74 54.56
C ILE A 839 -12.10 45.28 55.57
N GLU A 840 -12.68 46.20 56.35
CA GLU A 840 -13.77 45.81 57.24
C GLU A 840 -15.02 45.43 56.44
N ASN A 841 -15.26 46.09 55.31
CA ASN A 841 -16.38 45.71 54.46
C ASN A 841 -16.19 44.32 53.87
N GLN A 842 -14.99 44.00 53.39
CA GLN A 842 -14.79 42.66 52.85
C GLN A 842 -14.82 41.62 53.96
N LEU A 843 -14.38 42.00 55.17
CA LEU A 843 -14.53 41.12 56.32
C LEU A 843 -16.00 40.92 56.69
N ASP A 844 -16.84 41.93 56.51
CA ASP A 844 -18.27 41.77 56.73
C ASP A 844 -18.88 40.85 55.70
N SER A 845 -18.39 40.92 54.45
CA SER A 845 -18.82 39.93 53.45
C SER A 845 -18.39 38.53 53.85
N ILE A 846 -17.17 38.40 54.39
CA ILE A 846 -16.71 37.12 54.91
C ILE A 846 -17.60 36.64 56.05
N ARG A 847 -18.01 37.56 56.92
CA ARG A 847 -18.93 37.21 58.00
C ARG A 847 -20.26 36.74 57.45
N SER A 848 -20.76 37.40 56.39
CA SER A 848 -22.03 36.99 55.79
C SER A 848 -21.94 35.59 55.21
N LYS A 849 -20.85 35.29 54.49
CA LYS A 849 -20.73 33.94 53.95
C LYS A 849 -20.48 32.92 55.06
N LYS A 850 -19.83 33.33 56.15
CA LYS A 850 -19.71 32.45 57.31
C LYS A 850 -21.09 32.13 57.89
N LEU A 851 -21.96 33.15 58.00
CA LEU A 851 -23.29 32.93 58.54
C LEU A 851 -24.12 32.03 57.62
N GLU A 852 -23.99 32.20 56.31
CA GLU A 852 -24.75 31.33 55.41
C GLU A 852 -24.20 29.90 55.44
N VAL A 853 -22.88 29.75 55.61
CA VAL A 853 -22.29 28.43 55.78
C VAL A 853 -22.82 27.78 57.06
N GLU A 854 -22.92 28.56 58.14
CA GLU A 854 -23.49 28.03 59.38
C GLU A 854 -24.94 27.61 59.16
N GLY A 855 -25.72 28.44 58.47
CA GLY A 855 -27.09 28.07 58.17
C GLY A 855 -27.18 26.78 57.39
N ILE A 856 -26.29 26.61 56.42
CA ILE A 856 -26.18 25.34 55.71
C ILE A 856 -25.88 24.20 56.68
N LEU A 857 -24.99 24.47 57.65
CA LEU A 857 -24.59 23.43 58.59
C LEU A 857 -25.77 22.93 59.41
N GLU A 858 -26.51 23.84 60.05
CA GLU A 858 -27.68 23.37 60.79
C GLU A 858 -28.82 22.95 59.86
N LYS A 859 -28.75 23.31 58.58
CA LYS A 859 -29.74 22.80 57.65
C LYS A 859 -29.50 21.33 57.31
N TYR A 860 -28.23 20.91 57.31
CA TYR A 860 -27.87 19.55 56.93
C TYR A 860 -27.30 18.71 58.06
N TYR A 861 -26.43 19.28 58.89
CA TYR A 861 -25.79 18.56 59.98
C TYR A 861 -26.46 18.90 61.29
N GLU A 862 -27.03 17.89 61.95
CA GLU A 862 -27.55 18.01 63.30
C GLU A 862 -26.84 17.00 64.19
N ASN A 863 -26.58 17.41 65.42
CA ASN A 863 -25.73 16.64 66.35
C ASN A 863 -24.36 16.39 65.72
N ASN A 864 -23.84 17.39 65.01
CA ASN A 864 -22.54 17.37 64.35
C ASN A 864 -22.40 16.23 63.33
N LYS A 865 -23.49 15.56 62.99
CA LYS A 865 -23.48 14.46 62.04
C LYS A 865 -24.54 14.70 60.97
N LEU A 866 -24.28 14.19 59.77
CA LEU A 866 -25.27 14.28 58.70
C LEU A 866 -26.47 13.40 59.03
N LYS A 867 -27.66 13.98 58.91
CA LYS A 867 -28.88 13.28 59.27
C LYS A 867 -29.43 12.47 58.09
N GLU A 868 -30.27 11.48 58.43
CA GLU A 868 -30.60 10.41 57.49
C GLU A 868 -31.30 10.90 56.23
N GLU A 869 -32.03 12.02 56.30
CA GLU A 869 -32.79 12.46 55.13
C GLU A 869 -31.88 12.90 53.99
N TYR A 870 -30.61 13.21 54.28
CA TYR A 870 -29.62 13.46 53.24
C TYR A 870 -28.57 12.37 53.15
N SER A 871 -28.73 11.26 53.88
CA SER A 871 -27.75 10.18 53.81
C SER A 871 -27.70 9.58 52.43
N GLU A 872 -28.86 9.38 51.80
CA GLU A 872 -28.89 8.88 50.42
C GLU A 872 -28.30 9.89 49.45
N ARG A 873 -28.21 11.15 49.84
CA ARG A 873 -27.46 12.18 49.12
C ARG A 873 -27.99 12.45 47.72
N ASP A 874 -29.32 12.48 47.55
CA ASP A 874 -29.90 12.94 46.30
C ASP A 874 -30.03 14.47 46.25
N ASP A 875 -29.74 15.15 47.36
CA ASP A 875 -29.88 16.60 47.43
C ASP A 875 -28.91 17.29 46.48
N GLU A 876 -29.45 17.95 45.46
CA GLU A 876 -28.60 18.66 44.50
C GLU A 876 -27.95 19.87 45.16
N GLU A 877 -28.67 20.54 46.05
CA GLU A 877 -28.14 21.76 46.66
C GLU A 877 -26.91 21.49 47.51
N LEU A 878 -26.92 20.39 48.27
CA LEU A 878 -25.76 20.04 49.09
C LEU A 878 -24.54 19.75 48.22
N ILE A 879 -24.74 19.01 47.13
CA ILE A 879 -23.64 18.70 46.22
C ILE A 879 -23.07 19.97 45.63
N ASN A 880 -23.96 20.87 45.16
CA ASN A 880 -23.51 22.13 44.59
C ASN A 880 -22.78 22.98 45.63
N HIS A 881 -23.24 22.92 46.88
CA HIS A 881 -22.57 23.67 47.94
C HIS A 881 -21.16 23.14 48.17
N PHE A 882 -20.98 21.82 48.15
CA PHE A 882 -19.66 21.28 48.43
C PHE A 882 -18.73 21.20 47.21
N LYS A 883 -19.22 21.44 46.00
CA LYS A 883 -18.30 21.44 44.86
C LYS A 883 -17.61 22.78 44.64
N HIS A 884 -17.91 23.80 45.43
CA HIS A 884 -17.22 25.09 45.36
C HIS A 884 -17.54 25.90 46.61
N GLY A 885 -17.10 27.16 46.62
CA GLY A 885 -17.41 28.06 47.70
C GLY A 885 -16.90 27.61 49.05
N VAL A 886 -15.57 27.67 49.25
CA VAL A 886 -14.83 27.36 50.47
C VAL A 886 -15.18 25.98 51.02
N LEU A 887 -16.33 25.44 50.64
CA LEU A 887 -16.71 24.08 50.99
C LEU A 887 -16.02 23.04 50.11
N TYR A 888 -15.21 23.49 49.15
CA TYR A 888 -14.42 22.56 48.34
C TYR A 888 -13.47 21.74 49.20
N GLN A 889 -12.85 22.37 50.19
CA GLN A 889 -12.04 21.64 51.17
C GLN A 889 -12.95 20.81 52.07
N TYR A 890 -12.33 20.13 53.04
CA TYR A 890 -13.00 19.10 53.84
C TYR A 890 -13.50 18.06 52.84
N ARG A 891 -14.81 17.84 52.70
CA ARG A 891 -15.38 17.04 51.62
C ARG A 891 -15.02 15.57 51.72
N SER A 892 -15.74 14.71 51.02
CA SER A 892 -15.43 13.29 50.96
C SER A 892 -15.55 12.85 49.50
N GLU A 893 -14.50 12.21 48.99
CA GLU A 893 -14.48 11.69 47.63
C GLU A 893 -14.79 10.20 47.58
N ASP A 894 -15.21 9.61 48.69
CA ASP A 894 -15.52 8.19 48.73
C ASP A 894 -16.73 7.88 47.85
N ILE A 895 -16.76 6.66 47.33
CA ILE A 895 -17.91 6.22 46.54
C ILE A 895 -19.13 6.16 47.44
N LEU A 896 -20.23 6.72 46.96
CA LEU A 896 -21.47 6.80 47.74
C LEU A 896 -22.27 5.52 47.56
N LEU A 897 -22.63 4.90 48.67
CA LEU A 897 -23.40 3.66 48.68
C LEU A 897 -24.84 4.00 49.03
N ARG A 898 -25.72 3.98 48.04
CA ARG A 898 -27.11 4.37 48.21
C ARG A 898 -27.96 3.14 48.51
N ASN A 899 -28.78 3.24 49.55
CA ASN A 899 -29.66 2.15 49.94
C ASN A 899 -31.12 2.40 49.58
N LYS A 900 -31.46 3.58 49.06
CA LYS A 900 -32.84 3.93 48.77
C LYS A 900 -33.12 4.08 47.28
N THR A 901 -32.36 4.93 46.59
CA THR A 901 -32.61 5.24 45.19
C THR A 901 -31.57 4.56 44.31
N VAL A 902 -31.95 4.28 43.07
CA VAL A 902 -31.08 3.64 42.09
C VAL A 902 -30.86 4.65 40.96
N HIS A 903 -29.68 5.28 40.96
CA HIS A 903 -29.32 6.23 39.93
C HIS A 903 -28.18 5.75 39.04
N LYS A 904 -27.18 5.11 39.61
CA LYS A 904 -26.04 4.59 38.86
C LYS A 904 -25.99 3.07 38.98
N ILE A 905 -25.21 2.45 38.10
CA ILE A 905 -25.22 1.00 37.96
C ILE A 905 -24.83 0.33 39.27
N LEU A 906 -23.89 0.92 40.01
CA LEU A 906 -23.46 0.33 41.26
C LEU A 906 -24.62 0.19 42.24
N ASP A 907 -25.58 1.12 42.21
CA ASP A 907 -26.71 1.06 43.11
C ASP A 907 -27.57 -0.18 42.82
N GLU A 908 -27.91 -0.40 41.55
CA GLU A 908 -28.71 -1.59 41.23
C GLU A 908 -27.92 -2.87 41.48
N ILE A 909 -26.62 -2.88 41.22
CA ILE A 909 -25.84 -4.08 41.49
C ILE A 909 -25.82 -4.38 42.98
N ARG A 910 -25.70 -3.34 43.82
CA ARG A 910 -25.64 -3.56 45.25
C ARG A 910 -27.00 -3.90 45.85
N GLN A 911 -28.09 -3.45 45.22
CA GLN A 911 -29.40 -3.69 45.82
C GLN A 911 -30.11 -4.92 45.26
N GLY A 912 -30.18 -5.04 43.94
CA GLY A 912 -30.93 -6.07 43.27
C GLY A 912 -30.22 -7.39 43.05
N VAL A 913 -29.02 -7.56 43.57
CA VAL A 913 -28.26 -8.81 43.45
C VAL A 913 -28.11 -9.40 44.84
N ILE A 914 -28.55 -10.65 45.00
CA ILE A 914 -28.48 -11.35 46.28
C ILE A 914 -27.41 -12.42 46.16
N TRP A 915 -26.35 -12.29 46.95
CA TRP A 915 -25.27 -13.27 46.94
C TRP A 915 -25.63 -14.44 47.84
N ASP A 916 -24.65 -15.31 48.10
CA ASP A 916 -24.81 -16.49 48.94
C ASP A 916 -25.84 -17.47 48.37
N MET B 1 -8.71 -18.17 -69.55
CA MET B 1 -8.60 -19.61 -69.31
C MET B 1 -7.15 -20.02 -69.11
N LYS B 2 -6.95 -21.09 -68.34
CA LYS B 2 -5.61 -21.58 -68.06
C LYS B 2 -5.15 -22.54 -69.15
N ASN B 3 -3.90 -22.34 -69.59
CA ASN B 3 -3.37 -23.16 -70.68
C ASN B 3 -3.20 -24.61 -70.28
N TRP B 4 -2.76 -24.85 -69.04
CA TRP B 4 -2.44 -26.22 -68.62
C TRP B 4 -3.68 -27.11 -68.61
N GLN B 5 -4.85 -26.56 -68.29
CA GLN B 5 -6.08 -27.34 -68.35
C GLN B 5 -6.35 -27.82 -69.78
N ARG B 6 -6.20 -26.91 -70.75
CA ARG B 6 -6.40 -27.29 -72.15
C ARG B 6 -5.35 -28.30 -72.60
N ILE B 7 -4.12 -28.14 -72.15
CA ILE B 7 -3.07 -29.10 -72.51
C ILE B 7 -3.39 -30.48 -71.97
N VAL B 8 -3.83 -30.56 -70.71
CA VAL B 8 -4.20 -31.84 -70.12
C VAL B 8 -5.38 -32.46 -70.86
N GLU B 9 -6.38 -31.62 -71.18
CA GLU B 9 -7.55 -32.12 -71.91
C GLU B 9 -7.15 -32.68 -73.26
N ALA B 10 -6.28 -31.98 -73.99
CA ALA B 10 -5.84 -32.47 -75.29
C ALA B 10 -5.03 -33.76 -75.14
N LYS B 11 -4.17 -33.82 -74.13
CA LYS B 11 -3.38 -35.04 -73.92
C LYS B 11 -4.27 -36.24 -73.63
N LEU B 12 -5.30 -36.06 -72.81
CA LEU B 12 -6.22 -37.15 -72.53
C LEU B 12 -7.07 -37.51 -73.74
N GLU B 13 -7.41 -36.50 -74.56
CA GLU B 13 -8.25 -36.76 -75.73
C GLU B 13 -7.48 -37.46 -76.84
N GLN B 14 -6.16 -37.25 -76.93
CA GLN B 14 -5.36 -37.85 -78.00
C GLN B 14 -5.18 -39.35 -77.83
N GLN B 15 -5.56 -39.92 -76.69
CA GLN B 15 -5.41 -41.36 -76.49
C GLN B 15 -6.36 -42.13 -77.40
N LYS B 16 -5.88 -43.28 -77.88
CA LYS B 16 -6.67 -44.06 -78.83
C LYS B 16 -7.96 -44.58 -78.22
N HIS B 17 -7.91 -45.07 -76.99
CA HIS B 17 -9.06 -45.68 -76.34
C HIS B 17 -9.90 -44.60 -75.68
N LYS B 18 -11.15 -44.46 -76.13
CA LYS B 18 -12.07 -43.46 -75.59
C LYS B 18 -12.78 -44.05 -74.38
N VAL B 19 -12.16 -43.93 -73.22
CA VAL B 19 -12.73 -44.45 -71.97
C VAL B 19 -13.22 -43.35 -71.05
N ALA B 20 -12.73 -42.11 -71.18
CA ALA B 20 -13.13 -41.01 -70.31
C ALA B 20 -13.25 -39.75 -71.15
N GLU B 21 -14.27 -38.95 -70.87
CA GLU B 21 -14.49 -37.71 -71.60
C GLU B 21 -14.71 -36.56 -70.62
N ILE B 22 -14.16 -35.39 -70.94
CA ILE B 22 -14.34 -34.19 -70.15
C ILE B 22 -14.71 -33.05 -71.08
N SER B 23 -15.42 -32.07 -70.53
CA SER B 23 -15.84 -30.89 -71.30
C SER B 23 -15.81 -29.70 -70.34
N LEU B 24 -14.77 -28.87 -70.46
CA LEU B 24 -14.65 -27.69 -69.61
C LEU B 24 -15.67 -26.63 -70.00
N GLU B 25 -15.98 -26.51 -71.29
CA GLU B 25 -16.96 -25.52 -71.73
C GLU B 25 -18.34 -25.84 -71.16
N ASN B 26 -18.73 -27.12 -71.17
CA ASN B 26 -19.96 -27.55 -70.52
C ASN B 26 -19.77 -27.92 -69.06
N GLY B 27 -18.53 -28.05 -68.60
CA GLY B 27 -18.27 -28.40 -67.21
C GLY B 27 -18.80 -29.77 -66.81
N THR B 28 -18.61 -30.77 -67.66
CA THR B 28 -19.12 -32.11 -67.42
C THR B 28 -18.00 -33.13 -67.59
N VAL B 29 -18.17 -34.30 -66.94
CA VAL B 29 -17.23 -35.38 -67.04
C VAL B 29 -17.99 -36.70 -67.08
N ASN B 30 -17.57 -37.62 -67.94
CA ASN B 30 -18.20 -38.92 -68.10
C ASN B 30 -17.13 -40.00 -68.16
N TYR B 31 -17.44 -41.16 -67.58
CA TYR B 31 -16.53 -42.29 -67.52
C TYR B 31 -17.22 -43.55 -68.01
N SER B 32 -16.41 -44.56 -68.31
CA SER B 32 -16.94 -45.81 -68.83
C SER B 32 -17.78 -46.53 -67.78
N LYS B 33 -18.75 -47.32 -68.26
CA LYS B 33 -19.68 -48.03 -67.39
C LYS B 33 -19.04 -49.23 -66.69
N LYS B 34 -17.81 -49.60 -67.05
CA LYS B 34 -17.19 -50.78 -66.45
C LYS B 34 -17.03 -50.65 -64.95
N ILE B 35 -16.57 -49.50 -64.46
CA ILE B 35 -16.41 -49.28 -63.03
C ILE B 35 -17.72 -48.79 -62.45
N LYS B 36 -18.20 -49.49 -61.42
CA LYS B 36 -19.49 -49.17 -60.80
C LYS B 36 -19.35 -47.93 -59.94
N HIS B 37 -20.30 -47.01 -60.08
CA HIS B 37 -20.34 -45.78 -59.29
C HIS B 37 -21.64 -45.75 -58.49
N ASN B 38 -21.55 -45.43 -57.21
CA ASN B 38 -22.71 -45.37 -56.34
C ASN B 38 -23.47 -44.06 -56.43
N ARG B 39 -22.92 -43.06 -57.13
CA ARG B 39 -23.59 -41.79 -57.31
C ARG B 39 -23.40 -41.32 -58.74
N ASN B 40 -24.32 -40.47 -59.20
CA ASN B 40 -24.28 -39.91 -60.55
C ASN B 40 -23.47 -38.62 -60.50
N LEU B 41 -22.22 -38.70 -60.92
CA LEU B 41 -21.33 -37.55 -60.96
C LEU B 41 -21.71 -36.66 -62.14
N LYS B 42 -22.18 -35.44 -61.85
CA LYS B 42 -22.61 -34.52 -62.89
C LYS B 42 -21.89 -33.17 -62.87
N ALA B 43 -21.12 -32.87 -61.82
CA ALA B 43 -20.40 -31.61 -61.73
C ALA B 43 -18.94 -31.88 -61.40
N LEU B 44 -18.07 -30.97 -61.84
CA LEU B 44 -16.64 -31.11 -61.61
C LEU B 44 -16.33 -30.84 -60.14
N THR B 45 -15.95 -31.89 -59.41
CA THR B 45 -15.59 -31.75 -58.01
C THR B 45 -14.29 -31.01 -57.80
N GLY B 46 -13.43 -30.94 -58.81
CA GLY B 46 -12.18 -30.23 -58.67
C GLY B 46 -11.13 -30.85 -59.59
N ASP B 47 -9.88 -30.45 -59.35
CA ASP B 47 -8.77 -30.99 -60.12
C ASP B 47 -8.43 -32.42 -59.72
N GLU B 48 -8.93 -32.87 -58.57
CA GLU B 48 -8.59 -34.21 -58.08
C GLU B 48 -9.08 -35.28 -59.05
N GLU B 49 -10.31 -35.14 -59.56
CA GLU B 49 -10.83 -36.13 -60.48
C GLU B 49 -10.04 -36.15 -61.78
N ILE B 50 -9.65 -34.98 -62.28
CA ILE B 50 -8.85 -34.91 -63.51
C ILE B 50 -7.49 -35.58 -63.30
N VAL B 51 -6.86 -35.32 -62.16
CA VAL B 51 -5.56 -35.94 -61.86
C VAL B 51 -5.70 -37.45 -61.75
N ARG B 52 -6.78 -37.91 -61.10
CA ARG B 52 -7.00 -39.35 -60.99
C ARG B 52 -7.19 -39.99 -62.36
N ALA B 53 -7.97 -39.35 -63.24
CA ALA B 53 -8.17 -39.87 -64.59
C ALA B 53 -6.86 -39.89 -65.36
N PHE B 54 -6.05 -38.84 -65.22
CA PHE B 54 -4.75 -38.80 -65.89
C PHE B 54 -3.85 -39.92 -65.40
N LEU B 55 -3.83 -40.16 -64.08
CA LEU B 55 -3.02 -41.25 -63.54
C LEU B 55 -3.51 -42.60 -64.04
N ILE B 56 -4.83 -42.78 -64.11
CA ILE B 56 -5.39 -44.04 -64.62
C ILE B 56 -4.97 -44.25 -66.07
N ASP B 57 -5.06 -43.21 -66.89
CA ASP B 57 -4.66 -43.33 -68.28
C ASP B 57 -3.16 -43.62 -68.41
N ARG B 58 -2.35 -42.96 -67.58
CA ARG B 58 -0.91 -43.20 -67.60
C ARG B 58 -0.58 -44.65 -67.23
N LEU B 59 -1.28 -45.18 -66.22
CA LEU B 59 -1.03 -46.57 -65.82
C LEU B 59 -1.48 -47.55 -66.91
N VAL B 60 -2.67 -47.34 -67.47
CA VAL B 60 -3.21 -48.32 -68.42
C VAL B 60 -2.46 -48.28 -69.74
N ASN B 61 -2.19 -47.08 -70.27
CA ASN B 61 -1.69 -46.94 -71.63
C ASN B 61 -0.18 -46.81 -71.71
N GLU B 62 0.45 -46.03 -70.84
CA GLU B 62 1.88 -45.77 -70.92
C GLU B 62 2.73 -46.80 -70.21
N LEU B 63 2.30 -47.29 -69.05
CA LEU B 63 3.09 -48.24 -68.27
C LEU B 63 2.73 -49.69 -68.57
N ASP B 64 1.78 -49.92 -69.48
CA ASP B 64 1.45 -51.27 -69.98
C ASP B 64 1.03 -52.22 -68.86
N TYR B 65 0.35 -51.71 -67.84
CA TYR B 65 -0.15 -52.55 -66.76
C TYR B 65 -1.57 -53.03 -67.06
N LYS B 66 -1.89 -54.23 -66.60
CA LYS B 66 -3.19 -54.83 -66.86
C LYS B 66 -4.28 -54.06 -66.11
N PRO B 67 -5.34 -53.62 -66.80
CA PRO B 67 -6.39 -52.86 -66.11
C PRO B 67 -7.16 -53.65 -65.06
N GLU B 68 -7.15 -54.98 -65.14
CA GLU B 68 -7.92 -55.78 -64.20
C GLU B 68 -7.38 -55.72 -62.78
N TYR B 69 -6.13 -55.29 -62.60
CA TYR B 69 -5.53 -55.17 -61.27
C TYR B 69 -5.72 -53.79 -60.66
N LEU B 70 -6.37 -52.87 -61.37
CA LEU B 70 -6.59 -51.51 -60.88
C LEU B 70 -7.98 -51.40 -60.27
N GLU B 71 -8.06 -50.77 -59.09
CA GLU B 71 -9.32 -50.56 -58.41
C GLU B 71 -9.40 -49.12 -57.93
N THR B 72 -10.52 -48.47 -58.26
CA THR B 72 -10.79 -47.09 -57.86
C THR B 72 -12.19 -46.99 -57.30
N GLU B 73 -12.40 -45.96 -56.46
CA GLU B 73 -13.72 -45.68 -55.86
C GLU B 73 -14.23 -46.88 -55.05
N LYS B 74 -13.33 -47.50 -54.29
CA LYS B 74 -13.74 -48.60 -53.41
C LYS B 74 -14.48 -48.05 -52.20
N GLU B 75 -15.64 -48.64 -51.89
CA GLU B 75 -16.49 -48.16 -50.82
C GLU B 75 -16.26 -48.98 -49.55
N TYR B 76 -16.10 -48.28 -48.43
CA TYR B 76 -15.97 -48.90 -47.12
C TYR B 76 -17.09 -48.41 -46.22
N THR B 77 -17.55 -49.29 -45.33
CA THR B 77 -18.58 -48.97 -44.36
C THR B 77 -18.12 -49.44 -42.98
N ILE B 78 -17.90 -48.49 -42.07
CA ILE B 78 -17.46 -48.81 -40.72
C ILE B 78 -18.33 -48.04 -39.73
N LYS B 79 -18.43 -48.60 -38.53
CA LYS B 79 -19.23 -47.99 -37.45
C LYS B 79 -18.27 -47.43 -36.41
N GLY B 80 -18.09 -46.11 -36.42
CA GLY B 80 -17.18 -45.48 -35.49
C GLY B 80 -17.91 -44.77 -34.36
N GLY B 81 -17.78 -45.29 -33.15
CA GLY B 81 -18.46 -44.69 -32.01
C GLY B 81 -19.97 -44.75 -32.21
N HIS B 82 -20.60 -43.58 -32.17
CA HIS B 82 -22.03 -43.47 -32.37
C HIS B 82 -22.40 -43.08 -33.81
N SER B 83 -21.43 -43.01 -34.72
CA SER B 83 -21.67 -42.59 -36.09
C SER B 83 -21.16 -43.64 -37.06
N LYS B 84 -21.40 -43.39 -38.35
CA LYS B 84 -20.98 -44.27 -39.44
C LYS B 84 -20.01 -43.53 -40.35
N ILE B 85 -18.88 -44.17 -40.66
CA ILE B 85 -17.85 -43.57 -41.49
C ILE B 85 -17.69 -44.41 -42.75
N ASN B 86 -17.53 -43.73 -43.89
CA ASN B 86 -17.38 -44.36 -45.20
C ASN B 86 -16.13 -43.83 -45.88
N PRO B 87 -14.95 -44.32 -45.48
CA PRO B 87 -13.71 -43.89 -46.14
C PRO B 87 -13.60 -44.48 -47.54
N ARG B 88 -12.84 -43.78 -48.38
CA ARG B 88 -12.62 -44.18 -49.76
C ARG B 88 -11.14 -44.14 -50.09
N VAL B 89 -10.71 -45.09 -50.91
CA VAL B 89 -9.33 -45.16 -51.39
C VAL B 89 -9.32 -44.85 -52.87
N ASP B 90 -8.28 -44.14 -53.33
CA ASP B 90 -8.27 -43.66 -54.71
C ASP B 90 -7.81 -44.74 -55.68
N VAL B 91 -6.57 -45.21 -55.54
CA VAL B 91 -6.00 -46.18 -56.48
C VAL B 91 -5.39 -47.34 -55.70
N LEU B 92 -5.85 -48.55 -56.02
CA LEU B 92 -5.27 -49.78 -55.49
C LEU B 92 -4.84 -50.67 -56.65
N VAL B 93 -3.56 -51.01 -56.69
CA VAL B 93 -3.01 -51.92 -57.69
C VAL B 93 -2.27 -53.02 -56.93
N LYS B 94 -2.71 -54.26 -57.13
CA LYS B 94 -2.11 -55.41 -56.45
C LYS B 94 -1.35 -56.27 -57.46
N ASP B 95 -0.28 -56.89 -56.98
CA ASP B 95 0.53 -57.78 -57.82
C ASP B 95 -0.10 -59.18 -57.85
N ASP B 96 0.63 -60.15 -58.39
CA ASP B 96 0.11 -61.50 -58.47
C ASP B 96 -0.05 -62.14 -57.10
N LYS B 97 0.73 -61.71 -56.12
CA LYS B 97 0.68 -62.26 -54.77
C LYS B 97 -0.38 -61.61 -53.89
N GLY B 98 -1.07 -60.60 -54.39
CA GLY B 98 -2.11 -59.94 -53.63
C GLY B 98 -1.67 -58.75 -52.81
N ASN B 99 -0.36 -58.52 -52.68
CA ASN B 99 0.11 -57.34 -51.97
C ASN B 99 -0.13 -56.09 -52.81
N PRO B 100 -0.50 -54.97 -52.18
CA PRO B 100 -0.76 -53.75 -52.95
C PRO B 100 0.51 -53.14 -53.52
N PHE B 101 0.72 -53.29 -54.82
CA PHE B 101 1.90 -52.70 -55.46
C PHE B 101 1.81 -51.18 -55.46
N PHE B 102 0.62 -50.64 -55.71
CA PHE B 102 0.39 -49.21 -55.72
C PHE B 102 -0.77 -48.87 -54.79
N PHE B 103 -0.50 -48.07 -53.77
CA PHE B 103 -1.50 -47.54 -52.85
C PHE B 103 -1.48 -46.03 -53.01
N ILE B 104 -2.23 -45.53 -54.00
CA ILE B 104 -2.09 -44.14 -54.43
C ILE B 104 -3.30 -43.33 -53.97
N GLU B 105 -3.03 -42.20 -53.34
CA GLU B 105 -4.04 -41.23 -52.95
C GLU B 105 -3.93 -40.01 -53.86
N VAL B 106 -5.07 -39.57 -54.40
CA VAL B 106 -5.12 -38.48 -55.37
C VAL B 106 -5.66 -37.24 -54.68
N LYS B 107 -4.95 -36.13 -54.84
CA LYS B 107 -5.38 -34.84 -54.31
C LYS B 107 -5.08 -33.75 -55.33
N ALA B 108 -5.81 -32.64 -55.22
CA ALA B 108 -5.65 -31.54 -56.15
C ALA B 108 -4.30 -30.86 -55.96
N PRO B 109 -3.66 -30.43 -57.05
CA PRO B 109 -2.35 -29.76 -56.92
C PRO B 109 -2.40 -28.49 -56.09
N ASN B 110 -3.48 -27.74 -56.16
CA ASN B 110 -3.62 -26.49 -55.42
C ASN B 110 -4.06 -26.70 -53.98
N LYS B 111 -4.40 -27.94 -53.59
CA LYS B 111 -4.85 -28.24 -52.25
C LYS B 111 -3.85 -29.05 -51.44
N PHE B 112 -2.66 -29.30 -51.96
CA PHE B 112 -1.71 -30.17 -51.27
C PHE B 112 -1.24 -29.57 -49.95
N GLU B 113 -0.94 -28.26 -49.95
CA GLU B 113 -0.33 -27.65 -48.78
C GLU B 113 -1.30 -27.48 -47.61
N GLU B 114 -2.60 -27.70 -47.83
CA GLU B 114 -3.59 -27.53 -46.78
C GLU B 114 -4.37 -28.79 -46.45
N ASP B 115 -4.22 -29.86 -47.23
CA ASP B 115 -4.94 -31.10 -47.01
C ASP B 115 -4.18 -32.11 -46.17
N LYS B 116 -2.94 -31.79 -45.76
CA LYS B 116 -2.11 -32.77 -45.07
C LYS B 116 -2.76 -33.28 -43.79
N ASP B 117 -3.51 -32.43 -43.09
CA ASP B 117 -4.16 -32.84 -41.85
C ASP B 117 -5.13 -33.99 -42.07
N GLU B 118 -5.68 -34.15 -43.27
CA GLU B 118 -6.60 -35.23 -43.55
C GLU B 118 -5.89 -36.53 -43.93
N ILE B 119 -4.59 -36.48 -44.21
CA ILE B 119 -3.87 -37.68 -44.62
C ILE B 119 -3.93 -38.74 -43.54
N GLU B 120 -3.66 -38.34 -42.29
CA GLU B 120 -3.77 -39.27 -41.16
C GLU B 120 -5.16 -39.86 -41.07
N GLY B 121 -6.18 -39.11 -41.50
CA GLY B 121 -7.54 -39.61 -41.44
C GLY B 121 -7.92 -40.55 -42.55
N GLN B 122 -7.03 -40.76 -43.54
CA GLN B 122 -7.36 -41.58 -44.69
C GLN B 122 -6.47 -42.80 -44.87
N LEU B 123 -5.29 -42.84 -44.25
CA LEU B 123 -4.32 -43.89 -44.49
C LEU B 123 -4.18 -44.84 -43.30
N PHE B 124 -4.09 -44.32 -42.08
CA PHE B 124 -3.82 -45.18 -40.93
C PHE B 124 -4.99 -46.09 -40.63
N ALA B 125 -6.22 -45.60 -40.81
CA ALA B 125 -7.40 -46.42 -40.51
C ALA B 125 -7.47 -47.65 -41.41
N LEU B 126 -7.18 -47.47 -42.71
CA LEU B 126 -7.21 -48.61 -43.63
C LEU B 126 -6.13 -49.63 -43.28
N ALA B 127 -4.93 -49.17 -42.92
CA ALA B 127 -3.88 -50.09 -42.51
C ALA B 127 -4.26 -50.84 -41.24
N GLN B 128 -4.87 -50.15 -40.28
CA GLN B 128 -5.30 -50.81 -39.06
C GLN B 128 -6.36 -51.86 -39.36
N ALA B 129 -7.31 -51.54 -40.24
CA ALA B 129 -8.33 -52.51 -40.62
C ALA B 129 -7.72 -53.71 -41.32
N GLU B 130 -6.74 -53.48 -42.19
CA GLU B 130 -6.08 -54.58 -42.89
C GLU B 130 -5.34 -55.48 -41.90
N GLU B 131 -4.66 -54.87 -40.94
CA GLU B 131 -3.97 -55.67 -39.91
C GLU B 131 -4.97 -56.46 -39.06
N ARG B 132 -6.11 -55.85 -38.73
CA ARG B 132 -7.11 -56.55 -37.94
C ARG B 132 -7.71 -57.72 -38.70
N ASP B 133 -7.92 -57.56 -40.01
CA ASP B 133 -8.58 -58.60 -40.80
C ASP B 133 -7.62 -59.71 -41.24
N PHE B 134 -6.56 -59.37 -41.95
CA PHE B 134 -5.67 -60.36 -42.54
C PHE B 134 -4.31 -60.44 -41.87
N LYS B 135 -3.94 -59.46 -41.05
CA LYS B 135 -2.63 -59.40 -40.41
C LYS B 135 -1.49 -59.45 -41.43
N THR B 136 -1.70 -58.81 -42.58
CA THR B 136 -0.69 -58.73 -43.62
C THR B 136 -0.02 -57.36 -43.61
N LYS B 137 1.06 -57.25 -44.38
CA LYS B 137 1.84 -56.02 -44.47
C LYS B 137 1.78 -55.49 -45.90
N VAL B 138 1.51 -54.20 -46.03
CA VAL B 138 1.57 -53.51 -47.32
C VAL B 138 3.04 -53.16 -47.58
N LYS B 139 3.45 -53.25 -48.85
CA LYS B 139 4.86 -53.08 -49.19
C LYS B 139 5.25 -51.61 -49.35
N TYR B 140 4.61 -50.91 -50.29
CA TYR B 140 4.95 -49.53 -50.59
C TYR B 140 3.70 -48.69 -50.70
N LEU B 141 3.73 -47.49 -50.11
CA LEU B 141 2.70 -46.50 -50.27
C LEU B 141 3.22 -45.37 -51.16
N VAL B 142 2.42 -45.00 -52.16
CA VAL B 142 2.83 -44.02 -53.17
C VAL B 142 1.88 -42.84 -53.12
N TYR B 143 2.44 -41.63 -53.02
CA TYR B 143 1.69 -40.39 -53.12
C TYR B 143 2.17 -39.64 -54.34
N TYR B 144 1.27 -39.34 -55.26
CA TYR B 144 1.62 -38.81 -56.57
C TYR B 144 0.95 -37.46 -56.80
N THR B 145 1.64 -36.59 -57.53
CA THR B 145 1.12 -35.29 -57.94
C THR B 145 1.86 -34.86 -59.21
N VAL B 146 1.30 -33.86 -59.89
CA VAL B 146 1.87 -33.36 -61.13
C VAL B 146 2.29 -31.91 -60.92
N GLU B 147 3.30 -31.49 -61.67
CA GLU B 147 3.79 -30.12 -61.63
C GLU B 147 4.02 -29.63 -63.06
N LEU B 148 3.87 -28.32 -63.27
CA LEU B 148 4.00 -27.73 -64.59
C LEU B 148 5.26 -26.87 -64.63
N ILE B 149 6.20 -27.26 -65.48
CA ILE B 149 7.43 -26.50 -65.71
C ILE B 149 7.63 -26.37 -67.21
N ASP B 150 7.68 -25.14 -67.70
CA ASP B 150 7.93 -24.85 -69.12
C ASP B 150 6.96 -25.61 -70.02
N ASP B 151 5.68 -25.53 -69.69
CA ASP B 151 4.59 -26.19 -70.40
C ASP B 151 4.75 -27.71 -70.45
N GLU B 152 5.51 -28.28 -69.52
CA GLU B 152 5.74 -29.72 -69.46
C GLU B 152 5.29 -30.24 -68.10
N ILE B 153 4.64 -31.40 -68.10
CA ILE B 153 4.15 -32.04 -66.88
C ILE B 153 5.25 -32.93 -66.35
N VAL B 154 5.71 -32.66 -65.12
CA VAL B 154 6.69 -33.47 -64.44
C VAL B 154 6.03 -34.12 -63.23
N ASP B 155 6.62 -35.22 -62.77
CA ASP B 155 6.05 -36.04 -61.72
C ASP B 155 6.93 -35.94 -60.47
N ARG B 156 6.31 -35.56 -59.35
CA ARG B 156 6.95 -35.54 -58.05
C ARG B 156 6.15 -36.45 -57.14
N ALA B 157 6.80 -37.51 -56.64
CA ALA B 157 6.09 -38.54 -55.90
C ALA B 157 6.88 -38.90 -54.65
N ILE B 158 6.16 -39.40 -53.65
CA ILE B 158 6.73 -39.85 -52.38
C ILE B 158 6.40 -41.33 -52.22
N ILE B 159 7.44 -42.14 -51.98
CA ILE B 159 7.29 -43.57 -51.79
C ILE B 159 7.74 -43.92 -50.38
N ILE B 160 6.88 -44.58 -49.63
CA ILE B 160 7.14 -44.91 -48.22
C ILE B 160 7.06 -46.41 -48.05
N ASP B 161 8.08 -46.99 -47.42
CA ASP B 161 8.12 -48.43 -47.17
C ASP B 161 7.46 -48.69 -45.81
N PHE B 162 6.31 -49.35 -45.83
CA PHE B 162 5.61 -49.65 -44.59
C PHE B 162 6.37 -50.64 -43.73
N GLU B 163 6.94 -51.68 -44.35
CA GLU B 163 7.68 -52.67 -43.59
C GLU B 163 8.95 -52.08 -42.98
N LYS B 164 9.55 -51.09 -43.65
CA LYS B 164 10.76 -50.46 -43.13
C LYS B 164 10.48 -49.68 -41.84
N TYR B 165 9.30 -49.06 -41.75
CA TYR B 165 8.91 -48.29 -40.57
C TYR B 165 7.52 -48.76 -40.14
N PRO B 166 7.42 -49.95 -39.53
CA PRO B 166 6.10 -50.47 -39.15
C PRO B 166 5.38 -49.64 -38.11
N THR B 167 6.08 -48.83 -37.34
CA THR B 167 5.47 -48.07 -36.25
C THR B 167 5.44 -46.59 -36.61
N TYR B 168 4.55 -45.86 -35.93
CA TYR B 168 4.44 -44.43 -36.15
C TYR B 168 5.71 -43.70 -35.70
N THR B 169 6.35 -44.18 -34.63
CA THR B 169 7.59 -43.55 -34.16
C THR B 169 8.68 -43.66 -35.21
N ASP B 170 8.84 -44.85 -35.81
CA ASP B 170 9.85 -45.02 -36.85
C ASP B 170 9.54 -44.16 -38.07
N TRP B 171 8.26 -44.05 -38.43
CA TRP B 171 7.87 -43.17 -39.54
C TRP B 171 8.17 -41.71 -39.24
N SER B 172 7.97 -41.26 -38.00
CA SER B 172 8.29 -39.88 -37.63
C SER B 172 9.80 -39.65 -37.65
N ASN B 173 10.58 -40.60 -37.14
CA ASN B 173 12.04 -40.46 -37.21
C ASN B 173 12.57 -40.62 -38.62
N GLY B 174 11.78 -41.17 -39.54
CA GLY B 174 12.20 -41.27 -40.92
C GLY B 174 12.19 -39.92 -41.62
N GLY B 175 11.26 -39.05 -41.26
CA GLY B 175 11.20 -37.72 -41.81
C GLY B 175 10.63 -37.64 -43.22
N PHE B 176 9.43 -38.14 -43.41
CA PHE B 176 8.73 -38.12 -44.69
C PHE B 176 9.59 -38.79 -45.78
N ILE B 177 9.79 -40.09 -45.59
CA ILE B 177 10.65 -40.87 -46.47
C ILE B 177 10.06 -40.89 -47.87
N SER B 178 10.89 -40.57 -48.86
CA SER B 178 10.50 -40.60 -50.27
C SER B 178 11.59 -41.35 -51.03
N THR B 179 11.28 -42.60 -51.41
CA THR B 179 12.27 -43.44 -52.06
C THR B 179 12.73 -42.88 -53.40
N GLY B 180 11.82 -42.34 -54.21
CA GLY B 180 12.18 -41.81 -55.50
C GLY B 180 11.19 -40.81 -56.05
N THR B 181 11.69 -39.80 -56.78
CA THR B 181 10.81 -38.79 -57.35
C THR B 181 9.98 -39.32 -58.51
N GLU B 182 10.50 -40.30 -59.26
CA GLU B 182 9.78 -40.89 -60.37
C GLU B 182 9.82 -42.41 -60.25
N LEU B 183 8.85 -43.06 -60.89
CA LEU B 183 8.79 -44.52 -60.88
C LEU B 183 9.71 -45.10 -61.95
N THR B 184 9.89 -46.42 -61.89
CA THR B 184 10.73 -47.14 -62.83
C THR B 184 9.95 -48.30 -63.42
N ALA B 185 10.23 -48.59 -64.69
CA ALA B 185 9.54 -49.65 -65.41
C ALA B 185 10.27 -50.98 -65.25
N GLY B 186 9.59 -52.05 -65.63
CA GLY B 186 10.18 -53.39 -65.56
C GLY B 186 10.45 -53.87 -64.15
N TYR B 187 9.57 -53.55 -63.21
CA TYR B 187 9.67 -54.00 -61.82
C TYR B 187 10.98 -53.54 -61.18
N GLY B 188 11.51 -52.40 -61.62
CA GLY B 188 12.74 -51.89 -61.05
C GLY B 188 12.53 -51.15 -59.76
N GLU B 189 13.60 -51.05 -58.97
CA GLU B 189 13.55 -50.30 -57.73
C GLU B 189 13.43 -48.82 -58.04
N PRO B 190 12.66 -48.06 -57.24
CA PRO B 190 12.43 -46.65 -57.55
C PRO B 190 13.73 -45.86 -57.65
N LYS B 191 13.73 -44.89 -58.57
CA LYS B 191 14.90 -44.07 -58.85
C LYS B 191 14.44 -42.62 -58.96
N LYS B 192 15.24 -41.70 -58.42
CA LYS B 192 14.95 -40.28 -58.46
C LYS B 192 15.76 -39.63 -59.56
N GLN B 193 15.13 -38.69 -60.27
CA GLN B 193 15.85 -37.96 -61.31
C GLN B 193 16.83 -36.99 -60.68
N PRO B 194 18.04 -36.87 -61.23
CA PRO B 194 19.03 -35.94 -60.67
C PRO B 194 18.54 -34.50 -60.76
N LEU B 195 18.94 -33.70 -59.78
CA LEU B 195 18.69 -32.26 -59.78
C LEU B 195 20.00 -31.59 -60.15
N ILE B 196 20.22 -31.41 -61.45
CA ILE B 196 21.51 -30.97 -61.98
C ILE B 196 21.26 -29.92 -63.06
N LYS B 197 22.12 -28.91 -63.10
CA LYS B 197 22.05 -27.90 -64.13
C LYS B 197 22.32 -28.52 -65.50
N GLY B 198 21.64 -28.00 -66.52
CA GLY B 198 21.86 -28.44 -67.88
C GLY B 198 20.60 -28.98 -68.55
N HIS B 199 19.80 -29.73 -67.80
CA HIS B 199 18.55 -30.28 -68.30
C HIS B 199 17.39 -29.57 -67.61
N GLU B 200 16.46 -29.07 -68.41
CA GLU B 200 15.34 -28.29 -67.85
C GLU B 200 14.51 -29.15 -66.91
N LYS B 201 14.31 -30.42 -67.24
CA LYS B 201 13.65 -31.33 -66.31
C LYS B 201 14.49 -31.54 -65.05
N TYR B 202 15.81 -31.67 -65.22
CA TYR B 202 16.69 -31.87 -64.09
C TYR B 202 16.91 -30.59 -63.29
N ASP B 203 16.80 -29.44 -63.94
CA ASP B 203 17.07 -28.17 -63.29
C ASP B 203 16.01 -27.87 -62.23
N LEU B 204 16.36 -26.96 -61.32
CA LEU B 204 15.47 -26.62 -60.23
C LEU B 204 14.32 -25.74 -60.71
N ARG B 205 13.40 -25.45 -59.79
CA ARG B 205 12.26 -24.59 -60.10
C ARG B 205 12.65 -23.13 -60.00
N VAL B 206 12.30 -22.36 -61.03
CA VAL B 206 12.49 -20.92 -61.01
C VAL B 206 11.16 -20.17 -60.98
N ARG B 207 10.08 -20.78 -61.46
CA ARG B 207 8.75 -20.20 -61.38
C ARG B 207 8.11 -20.69 -60.08
N ILE B 208 8.24 -19.88 -59.04
CA ILE B 208 7.76 -20.24 -57.72
C ILE B 208 6.34 -19.75 -57.55
N ASP B 209 5.42 -20.68 -57.29
CA ASP B 209 4.03 -20.31 -57.06
C ASP B 209 3.88 -19.71 -55.67
N ARG B 210 2.94 -18.78 -55.54
CA ARG B 210 2.86 -17.95 -54.34
C ARG B 210 2.28 -18.71 -53.15
N GLU B 211 1.46 -19.73 -53.40
CA GLU B 211 0.66 -20.32 -52.33
C GLU B 211 1.40 -21.39 -51.52
N GLU B 212 2.22 -22.23 -52.16
CA GLU B 212 2.80 -23.36 -51.44
C GLU B 212 3.83 -22.90 -50.41
N ILE B 213 4.32 -21.68 -50.53
CA ILE B 213 5.25 -21.17 -49.53
C ILE B 213 4.54 -20.97 -48.19
N GLU B 214 3.27 -20.55 -48.21
CA GLU B 214 2.51 -20.45 -46.97
C GLU B 214 2.27 -21.82 -46.36
N GLY B 215 1.97 -22.82 -47.20
CA GLY B 215 1.83 -24.17 -46.71
C GLY B 215 3.13 -24.69 -46.09
N LEU B 216 4.25 -24.39 -46.73
CA LEU B 216 5.55 -24.77 -46.16
C LEU B 216 5.78 -24.11 -44.82
N GLY B 217 5.45 -22.82 -44.72
CA GLY B 217 5.64 -22.12 -43.45
C GLY B 217 4.78 -22.70 -42.35
N ARG B 218 3.50 -22.94 -42.62
CA ARG B 218 2.64 -23.50 -41.59
C ARG B 218 3.01 -24.95 -41.26
N ASN B 219 3.48 -25.72 -42.25
CA ASN B 219 3.94 -27.07 -41.97
C ASN B 219 5.17 -27.06 -41.09
N LEU B 220 6.10 -26.13 -41.34
CA LEU B 220 7.26 -26.00 -40.46
C LEU B 220 6.85 -25.58 -39.06
N HIS B 221 5.85 -24.69 -38.96
CA HIS B 221 5.38 -24.26 -37.65
C HIS B 221 4.67 -25.39 -36.91
N ASN B 222 4.06 -26.32 -37.65
CA ASN B 222 3.28 -27.38 -37.02
C ASN B 222 4.08 -28.67 -36.82
N VAL B 223 5.23 -28.83 -37.47
CA VAL B 223 5.98 -30.08 -37.40
C VAL B 223 7.33 -29.84 -36.74
N LEU B 224 8.13 -28.95 -37.34
CA LEU B 224 9.45 -28.64 -36.76
C LEU B 224 9.30 -28.09 -35.35
N TRP B 225 8.29 -27.26 -35.13
CA TRP B 225 8.11 -26.61 -33.84
C TRP B 225 7.41 -27.51 -32.83
N GLY B 226 6.86 -28.63 -33.26
CA GLY B 226 6.23 -29.58 -32.37
C GLY B 226 4.80 -29.26 -31.99
N GLY B 227 4.26 -28.13 -32.42
CA GLY B 227 2.90 -27.75 -32.08
C GLY B 227 2.79 -27.11 -30.71
N GLY B 228 3.57 -27.59 -29.76
CA GLY B 228 3.57 -27.04 -28.42
C GLY B 228 4.82 -26.24 -28.10
N GLY B 229 5.78 -26.28 -29.00
CA GLY B 229 7.02 -25.54 -28.82
C GLY B 229 7.10 -24.32 -29.71
N THR B 230 7.00 -23.13 -29.11
CA THR B 230 7.05 -21.88 -29.84
C THR B 230 8.12 -20.98 -29.26
N ASN B 231 8.71 -20.14 -30.11
CA ASN B 231 9.71 -19.15 -29.73
C ASN B 231 10.92 -19.81 -29.07
N ASP B 232 11.61 -20.63 -29.86
CA ASP B 232 12.86 -21.26 -29.46
C ASP B 232 13.95 -20.78 -30.41
N SER B 233 15.03 -20.23 -29.85
CA SER B 233 16.05 -19.60 -30.68
C SER B 233 16.90 -20.63 -31.41
N GLU B 234 17.19 -21.77 -30.77
CA GLU B 234 18.12 -22.73 -31.35
C GLU B 234 17.56 -23.40 -32.60
N ILE B 235 16.25 -23.70 -32.60
CA ILE B 235 15.63 -24.27 -33.79
C ILE B 235 15.69 -23.29 -34.95
N PHE B 236 15.40 -22.02 -34.68
CA PHE B 236 15.51 -20.99 -35.72
C PHE B 236 16.95 -20.88 -36.22
N TYR B 237 17.93 -20.96 -35.32
CA TYR B 237 19.32 -20.89 -35.76
CA TYR B 237 19.32 -20.89 -35.73
C TYR B 237 19.69 -22.07 -36.63
N SER B 238 19.21 -23.27 -36.29
CA SER B 238 19.50 -24.43 -37.11
C SER B 238 18.89 -24.27 -38.50
N LEU B 239 17.65 -23.76 -38.56
CA LEU B 239 17.03 -23.51 -39.85
C LEU B 239 17.82 -22.49 -40.66
N VAL B 240 18.29 -21.43 -39.99
CA VAL B 240 19.08 -20.40 -40.66
C VAL B 240 20.37 -21.00 -41.22
N ASN B 241 21.04 -21.84 -40.44
CA ASN B 241 22.25 -22.49 -40.91
C ASN B 241 21.98 -23.39 -42.11
N ILE B 242 20.85 -24.11 -42.08
CA ILE B 242 20.49 -24.97 -43.20
C ILE B 242 20.26 -24.14 -44.45
N ILE B 243 19.57 -23.01 -44.32
CA ILE B 243 19.32 -22.15 -45.49
C ILE B 243 20.62 -21.56 -46.00
N LEU B 244 21.53 -21.18 -45.11
CA LEU B 244 22.83 -20.68 -45.54
C LEU B 244 23.60 -21.75 -46.30
N ALA B 245 23.54 -22.99 -45.83
CA ALA B 245 24.17 -24.10 -46.55
C ALA B 245 23.56 -24.26 -47.93
N LYS B 246 22.24 -24.15 -48.03
CA LYS B 246 21.60 -24.24 -49.34
C LYS B 246 22.05 -23.11 -50.26
N ILE B 247 22.16 -21.89 -49.73
CA ILE B 247 22.64 -20.77 -50.54
C ILE B 247 24.04 -21.06 -51.06
N GLN B 248 24.91 -21.56 -50.17
CA GLN B 248 26.26 -21.92 -50.60
C GLN B 248 26.22 -22.98 -51.69
N ASP B 249 25.23 -23.86 -51.65
CA ASP B 249 25.10 -24.89 -52.69
C ASP B 249 24.92 -24.28 -54.07
N GLU B 250 23.94 -23.39 -54.22
CA GLU B 250 23.74 -22.75 -55.52
C GLU B 250 24.92 -21.85 -55.88
N TYR B 251 25.62 -21.32 -54.87
CA TYR B 251 26.76 -20.46 -55.17
C TYR B 251 27.92 -21.26 -55.78
N GLU B 252 28.25 -22.41 -55.20
CA GLU B 252 29.49 -23.09 -55.55
C GLU B 252 29.31 -24.28 -56.48
N LYS B 253 28.20 -25.02 -56.37
CA LYS B 253 28.07 -26.26 -57.14
C LYS B 253 28.07 -26.00 -58.64
N GLU B 254 27.58 -24.84 -59.07
CA GLU B 254 27.60 -24.37 -60.45
C GLU B 254 27.05 -25.42 -61.43
N ASP B 255 27.31 -25.27 -62.73
CA ASP B 255 26.66 -26.12 -63.69
C ASP B 255 27.53 -27.32 -64.09
N GLY B 256 26.89 -28.32 -64.70
CA GLY B 256 27.57 -29.51 -65.14
C GLY B 256 27.67 -30.61 -64.11
N GLN B 257 27.28 -30.35 -62.86
CA GLN B 257 27.31 -31.38 -61.83
C GLN B 257 26.09 -31.21 -60.93
N GLU B 258 25.66 -32.32 -60.35
CA GLU B 258 24.49 -32.31 -59.48
C GLU B 258 24.82 -31.61 -58.16
N TYR B 259 23.77 -31.15 -57.48
CA TYR B 259 23.93 -30.47 -56.21
C TYR B 259 24.10 -31.47 -55.08
N ASP B 260 24.83 -31.06 -54.05
CA ASP B 260 25.08 -31.92 -52.90
C ASP B 260 24.04 -31.77 -51.81
N PHE B 261 23.17 -30.75 -51.91
CA PHE B 261 22.10 -30.59 -50.92
C PHE B 261 21.11 -31.75 -51.01
N GLN B 262 20.76 -32.17 -52.23
CA GLN B 262 19.85 -33.29 -52.40
C GLN B 262 20.52 -34.58 -51.95
N VAL B 263 19.71 -35.57 -51.61
CA VAL B 263 20.22 -36.89 -51.29
C VAL B 263 20.91 -37.45 -52.53
N TYR B 264 22.21 -37.72 -52.43
CA TYR B 264 22.97 -38.14 -53.60
C TYR B 264 22.40 -39.42 -54.21
N GLN B 265 21.99 -40.36 -53.37
CA GLN B 265 21.22 -41.53 -53.81
C GLN B 265 22.01 -42.36 -54.83
N TYR B 266 23.19 -42.82 -54.41
CA TYR B 266 23.94 -43.77 -55.23
C TYR B 266 23.18 -45.08 -55.36
N GLY B 267 22.64 -45.58 -54.26
CA GLY B 267 21.77 -46.73 -54.31
C GLY B 267 20.39 -46.36 -54.81
N ASP B 268 19.61 -47.37 -55.19
CA ASP B 268 18.27 -47.11 -55.71
C ASP B 268 17.34 -46.56 -54.63
N ASN B 269 17.46 -47.07 -53.41
CA ASN B 269 16.59 -46.66 -52.31
C ASN B 269 17.29 -45.62 -51.44
N VAL B 270 16.50 -44.68 -50.91
CA VAL B 270 17.06 -43.64 -50.07
C VAL B 270 17.59 -44.23 -48.77
N GLU B 271 18.76 -43.76 -48.35
CA GLU B 271 19.44 -44.33 -47.20
C GLU B 271 18.86 -43.78 -45.89
N SER B 272 19.50 -44.16 -44.79
CA SER B 272 19.09 -43.74 -43.46
C SER B 272 19.34 -42.24 -43.27
N PRO B 273 18.68 -41.63 -42.29
CA PRO B 273 18.94 -40.20 -42.04
C PRO B 273 20.37 -39.90 -41.66
N GLN B 274 21.12 -40.90 -41.23
CA GLN B 274 22.53 -40.70 -40.90
C GLN B 274 23.34 -40.56 -42.19
N LYS B 275 24.67 -40.56 -42.04
CA LYS B 275 25.65 -40.40 -43.12
C LYS B 275 25.37 -39.16 -43.97
N LEU B 276 24.65 -38.19 -43.41
CA LEU B 276 24.47 -36.88 -44.01
C LEU B 276 25.06 -35.76 -43.18
N PHE B 277 25.34 -36.03 -41.89
CA PHE B 277 25.92 -35.02 -41.01
C PHE B 277 27.29 -34.57 -41.51
N ASP B 278 28.14 -35.51 -41.90
CA ASP B 278 29.46 -35.13 -42.42
C ASP B 278 29.32 -34.31 -43.69
N ARG B 279 28.40 -34.70 -44.57
CA ARG B 279 28.14 -33.93 -45.78
C ARG B 279 27.77 -32.49 -45.46
N ILE B 280 26.77 -32.32 -44.59
CA ILE B 280 26.27 -30.98 -44.31
C ILE B 280 27.31 -30.16 -43.54
N ASN B 281 28.14 -30.82 -42.73
CA ASN B 281 29.17 -30.08 -41.98
C ASN B 281 30.27 -29.58 -42.90
N ALA B 282 30.77 -30.44 -43.79
CA ALA B 282 31.77 -29.98 -44.75
C ALA B 282 31.19 -28.91 -45.65
N LEU B 283 29.91 -29.02 -45.99
CA LEU B 283 29.25 -28.01 -46.80
C LEU B 283 29.14 -26.69 -46.04
N TYR B 284 28.84 -26.76 -44.74
CA TYR B 284 28.78 -25.61 -43.84
C TYR B 284 30.14 -25.02 -43.56
N LYS B 285 31.22 -25.73 -43.87
CA LYS B 285 32.55 -25.11 -43.84
C LYS B 285 32.86 -24.42 -45.17
N ARG B 286 32.49 -25.07 -46.29
CA ARG B 286 32.59 -24.40 -47.58
C ARG B 286 31.86 -23.07 -47.54
N ALA B 287 30.65 -23.06 -46.99
CA ALA B 287 30.08 -21.80 -46.52
C ALA B 287 30.85 -21.32 -45.30
N LEU B 288 31.10 -20.02 -45.25
CA LEU B 288 31.99 -19.33 -44.30
C LEU B 288 33.47 -19.52 -44.66
N ARG B 289 33.81 -20.38 -45.62
CA ARG B 289 35.08 -20.22 -46.33
C ARG B 289 34.93 -19.55 -47.68
N GLU B 290 33.70 -19.35 -48.15
CA GLU B 290 33.43 -18.68 -49.42
C GLU B 290 32.72 -17.36 -49.22
N GLN B 291 31.60 -17.35 -48.50
CA GLN B 291 30.82 -16.13 -48.31
C GLN B 291 31.42 -15.23 -47.22
N LEU B 292 31.44 -15.71 -45.98
CA LEU B 292 31.83 -14.88 -44.86
C LEU B 292 33.35 -14.75 -44.73
N ASN B 293 34.10 -15.75 -45.20
CA ASN B 293 35.56 -15.74 -45.13
C ASN B 293 36.05 -15.54 -43.69
N VAL B 294 35.56 -16.37 -42.78
CA VAL B 294 35.91 -16.27 -41.38
C VAL B 294 37.30 -16.84 -41.18
N THR B 295 37.98 -16.38 -40.13
CA THR B 295 39.35 -16.78 -39.81
C THR B 295 39.43 -17.25 -38.37
N ASP B 296 38.49 -18.11 -37.97
CA ASP B 296 38.48 -18.69 -36.63
C ASP B 296 38.60 -20.19 -36.76
N GLU B 297 39.77 -20.73 -36.42
CA GLU B 297 39.99 -22.17 -36.54
C GLU B 297 39.20 -22.96 -35.50
N GLN B 298 39.02 -22.40 -34.31
CA GLN B 298 38.23 -23.08 -33.28
C GLN B 298 36.76 -23.16 -33.70
N LYS B 299 36.23 -22.08 -34.27
CA LYS B 299 34.84 -22.08 -34.73
C LYS B 299 34.62 -23.07 -35.87
N ILE B 300 35.59 -23.17 -36.78
CA ILE B 300 35.51 -24.17 -37.84
C ILE B 300 35.59 -25.58 -37.26
N ALA B 301 36.49 -25.78 -36.30
CA ALA B 301 36.66 -27.10 -35.69
C ALA B 301 35.43 -27.56 -34.93
N GLU B 302 34.74 -26.65 -34.23
CA GLU B 302 33.57 -27.06 -33.47
C GLU B 302 32.38 -27.38 -34.35
N ASP B 303 32.45 -27.04 -35.64
CA ASP B 303 31.41 -27.38 -36.62
C ASP B 303 30.07 -26.77 -36.23
N ASN B 304 29.15 -27.62 -35.75
CA ASN B 304 27.87 -27.19 -35.18
C ASN B 304 26.99 -26.52 -36.24
N VAL B 305 26.79 -27.20 -37.37
CA VAL B 305 25.72 -26.79 -38.27
C VAL B 305 24.38 -26.94 -37.59
N ILE B 306 24.22 -28.01 -36.79
CA ILE B 306 23.11 -28.18 -35.87
C ILE B 306 23.69 -28.68 -34.55
N ASN B 307 22.88 -28.62 -33.50
CA ASN B 307 23.23 -29.21 -32.23
C ASN B 307 22.47 -30.53 -32.07
N ARG B 308 23.21 -31.61 -31.85
CA ARG B 308 22.60 -32.94 -31.85
C ARG B 308 21.69 -33.16 -30.64
N ASN B 309 21.89 -32.38 -29.57
CA ASN B 309 21.13 -32.63 -28.35
C ASN B 309 19.69 -32.15 -28.47
N LYS B 310 19.45 -31.05 -29.19
CA LYS B 310 18.12 -30.48 -29.30
C LYS B 310 17.60 -30.42 -30.74
N PHE B 311 18.35 -30.90 -31.72
CA PHE B 311 17.91 -30.89 -33.12
C PHE B 311 18.10 -32.28 -33.71
N PRO B 312 17.13 -33.19 -33.50
CA PRO B 312 17.23 -34.52 -34.09
C PRO B 312 17.25 -34.47 -35.62
N LEU B 313 17.95 -35.43 -36.22
CA LEU B 313 18.20 -35.43 -37.65
C LEU B 313 16.96 -35.73 -38.48
N ASN B 314 15.90 -36.26 -37.88
CA ASN B 314 14.67 -36.50 -38.65
C ASN B 314 14.07 -35.20 -39.16
N LYS B 315 14.02 -34.18 -38.32
CA LYS B 315 13.57 -32.87 -38.78
C LYS B 315 14.53 -32.29 -39.80
N LEU B 316 15.83 -32.58 -39.67
CA LEU B 316 16.80 -32.11 -40.64
C LEU B 316 16.52 -32.69 -42.02
N VAL B 317 16.29 -34.01 -42.09
CA VAL B 317 16.03 -34.62 -43.39
C VAL B 317 14.68 -34.18 -43.93
N TYR B 318 13.70 -33.95 -43.05
CA TYR B 318 12.43 -33.37 -43.49
C TYR B 318 12.65 -32.01 -44.15
N THR B 319 13.43 -31.14 -43.50
CA THR B 319 13.70 -29.82 -44.07
C THR B 319 14.45 -29.92 -45.39
N VAL B 320 15.44 -30.82 -45.45
CA VAL B 320 16.22 -30.98 -46.68
C VAL B 320 15.32 -31.43 -47.83
N GLN B 321 14.46 -32.41 -47.56
CA GLN B 321 13.56 -32.91 -48.60
C GLN B 321 12.56 -31.84 -49.02
N ALA B 322 12.10 -31.03 -48.07
CA ALA B 322 11.11 -30.01 -48.38
C ALA B 322 11.66 -28.92 -49.27
N LEU B 323 12.97 -28.68 -49.23
CA LEU B 323 13.60 -27.54 -49.90
C LEU B 323 14.54 -27.97 -51.02
N GLU B 324 14.26 -29.09 -51.69
CA GLU B 324 15.16 -29.55 -52.74
C GLU B 324 15.07 -28.66 -53.98
N SER B 325 13.85 -28.37 -54.44
CA SER B 325 13.65 -27.68 -55.70
C SER B 325 13.42 -26.18 -55.55
N LEU B 326 13.47 -25.65 -54.34
CA LEU B 326 13.17 -24.23 -54.09
C LEU B 326 14.47 -23.44 -54.09
N SER B 327 15.05 -23.28 -55.29
CA SER B 327 16.30 -22.54 -55.44
C SER B 327 16.12 -21.09 -54.99
N PHE B 328 16.77 -20.72 -53.89
CA PHE B 328 16.56 -19.39 -53.33
C PHE B 328 17.28 -18.31 -54.15
N LEU B 329 18.51 -18.57 -54.58
CA LEU B 329 19.25 -17.56 -55.33
C LEU B 329 18.63 -17.31 -56.70
N GLU B 330 18.03 -18.33 -57.30
CA GLU B 330 17.45 -18.20 -58.64
C GLU B 330 15.93 -18.06 -58.62
N GLY B 331 15.28 -18.31 -57.48
CA GLY B 331 13.84 -18.12 -57.40
C GLY B 331 13.41 -16.67 -57.47
N ARG B 332 14.29 -15.75 -57.09
CA ARG B 332 13.98 -14.32 -57.17
C ARG B 332 13.99 -13.82 -58.60
N ASN B 333 14.52 -14.61 -59.55
CA ASN B 333 14.56 -14.17 -60.94
C ASN B 333 13.16 -13.99 -61.51
N SER B 334 12.26 -14.93 -61.24
CA SER B 334 10.91 -14.85 -61.77
C SER B 334 10.10 -13.76 -61.05
N LEU B 335 9.20 -13.14 -61.81
CA LEU B 335 8.33 -12.11 -61.23
C LEU B 335 7.42 -12.72 -60.15
N ASP B 336 6.90 -13.91 -60.41
CA ASP B 336 6.04 -14.55 -59.42
C ASP B 336 6.81 -14.92 -58.16
N GLY B 337 8.04 -15.43 -58.33
CA GLY B 337 8.86 -15.79 -57.20
C GLY B 337 9.79 -14.67 -56.77
N LYS B 338 9.46 -13.45 -57.19
CA LYS B 338 10.32 -12.30 -56.89
C LYS B 338 10.41 -12.04 -55.39
N ASP B 339 9.26 -11.95 -54.72
CA ASP B 339 9.21 -11.57 -53.32
C ASP B 339 8.74 -12.73 -52.43
N ILE B 340 8.62 -13.94 -52.99
CA ILE B 340 8.10 -15.06 -52.22
C ILE B 340 9.08 -15.46 -51.12
N LEU B 341 10.35 -15.63 -51.46
CA LEU B 341 11.32 -16.12 -50.50
C LEU B 341 11.62 -15.08 -49.41
N GLY B 342 11.63 -13.80 -49.76
CA GLY B 342 11.85 -12.78 -48.75
C GLY B 342 10.74 -12.75 -47.71
N ASP B 343 9.49 -12.82 -48.16
CA ASP B 343 8.37 -12.91 -47.23
C ASP B 343 8.44 -14.20 -46.42
N PHE B 344 8.83 -15.30 -47.06
CA PHE B 344 8.99 -16.56 -46.35
C PHE B 344 9.96 -16.42 -45.19
N PHE B 345 11.14 -15.86 -45.45
CA PHE B 345 12.15 -15.77 -44.40
C PHE B 345 11.79 -14.74 -43.34
N GLU B 346 11.15 -13.63 -43.73
CA GLU B 346 10.72 -12.68 -42.71
C GLU B 346 9.62 -13.26 -41.85
N SER B 347 8.81 -14.17 -42.40
CA SER B 347 7.84 -14.89 -41.57
C SER B 347 8.54 -15.89 -40.65
N ILE B 348 9.61 -16.51 -41.14
CA ILE B 348 10.40 -17.39 -40.29
C ILE B 348 10.94 -16.63 -39.09
N ILE B 349 11.50 -15.43 -39.34
CA ILE B 349 11.99 -14.62 -38.23
C ILE B 349 10.84 -14.20 -37.33
N ARG B 350 9.72 -13.78 -37.93
CA ARG B 350 8.59 -13.29 -37.14
C ARG B 350 8.03 -14.36 -36.22
N ASP B 351 7.86 -15.57 -36.72
CA ASP B 351 7.30 -16.69 -35.96
C ASP B 351 8.40 -17.72 -35.76
N GLY B 352 8.98 -17.76 -34.57
CA GLY B 352 10.02 -18.71 -34.27
C GLY B 352 11.17 -18.16 -33.46
N PHE B 353 11.44 -16.86 -33.62
CA PHE B 353 12.49 -16.21 -32.84
C PHE B 353 11.90 -15.65 -31.56
N LYS B 354 12.56 -15.94 -30.43
CA LYS B 354 12.16 -15.43 -29.13
C LYS B 354 13.04 -14.23 -28.81
N GLN B 355 12.41 -13.09 -28.57
CA GLN B 355 13.12 -11.84 -28.34
C GLN B 355 12.68 -11.24 -27.01
N THR B 356 13.62 -10.58 -26.34
CA THR B 356 13.43 -10.10 -24.98
C THR B 356 14.40 -8.95 -24.73
N LYS B 357 14.61 -8.62 -23.46
CA LYS B 357 15.56 -7.57 -23.07
C LYS B 357 16.90 -7.78 -23.76
N GLY B 358 17.47 -6.71 -24.30
CA GLY B 358 18.76 -6.78 -24.94
C GLY B 358 18.69 -7.18 -26.40
N GLN B 359 17.81 -8.13 -26.73
CA GLN B 359 17.69 -8.66 -28.08
C GLN B 359 16.22 -8.63 -28.49
N PHE B 360 15.79 -7.54 -29.11
CA PHE B 360 14.44 -7.46 -29.65
C PHE B 360 14.48 -6.58 -30.90
N PHE B 361 13.46 -6.72 -31.73
CA PHE B 361 13.44 -6.11 -33.05
C PHE B 361 12.59 -4.85 -33.06
N THR B 362 13.01 -3.86 -33.85
CA THR B 362 12.23 -2.65 -34.00
C THR B 362 11.01 -2.93 -34.88
N PRO B 363 9.81 -2.61 -34.44
CA PRO B 363 8.61 -2.89 -35.25
C PRO B 363 8.65 -2.14 -36.58
N THR B 364 8.12 -2.78 -37.61
CA THR B 364 8.15 -2.20 -38.95
C THR B 364 7.49 -0.83 -39.06
N PRO B 365 6.32 -0.56 -38.46
CA PRO B 365 5.72 0.77 -38.65
C PRO B 365 6.61 1.93 -38.24
N ILE B 366 7.41 1.75 -37.19
CA ILE B 366 8.34 2.80 -36.81
C ILE B 366 9.45 2.95 -37.84
N VAL B 367 9.94 1.83 -38.38
CA VAL B 367 11.04 1.88 -39.34
C VAL B 367 10.62 2.66 -40.60
N LYS B 368 9.44 2.36 -41.12
CA LYS B 368 9.00 3.04 -42.33
C LYS B 368 8.72 4.51 -42.07
N PHE B 369 8.21 4.85 -40.88
CA PHE B 369 8.04 6.26 -40.54
C PHE B 369 9.38 6.97 -40.49
N ILE B 370 10.40 6.34 -39.91
CA ILE B 370 11.73 6.95 -39.88
C ILE B 370 12.26 7.16 -41.28
N LEU B 371 12.13 6.15 -42.14
CA LEU B 371 12.70 6.24 -43.47
C LEU B 371 11.99 7.29 -44.32
N TYR B 372 10.66 7.35 -44.23
CA TYR B 372 9.93 8.34 -45.04
C TYR B 372 10.04 9.74 -44.46
N ALA B 373 10.14 9.87 -43.14
CA ALA B 373 10.21 11.18 -42.51
C ALA B 373 11.51 11.90 -42.78
N LEU B 374 12.55 11.17 -43.18
CA LEU B 374 13.80 11.78 -43.61
C LEU B 374 13.75 12.24 -45.06
N GLN B 375 12.62 12.04 -45.75
CA GLN B 375 12.52 12.31 -47.17
C GLN B 375 13.59 11.55 -47.93
N LEU B 376 13.80 10.29 -47.55
CA LEU B 376 14.85 9.49 -48.18
C LEU B 376 14.53 9.23 -49.66
N ASP B 377 13.25 9.05 -50.00
CA ASP B 377 12.89 8.87 -51.39
C ASP B 377 13.24 10.11 -52.22
N LYS B 378 12.87 11.29 -51.74
CA LYS B 378 13.22 12.52 -52.44
C LYS B 378 14.72 12.75 -52.45
N LEU B 379 15.42 12.43 -51.36
CA LEU B 379 16.87 12.55 -51.35
C LEU B 379 17.51 11.65 -52.40
N ALA B 380 17.04 10.41 -52.51
CA ALA B 380 17.59 9.49 -53.51
C ALA B 380 17.31 9.98 -54.92
N ILE B 381 16.09 10.47 -55.17
CA ILE B 381 15.76 10.99 -56.50
C ILE B 381 16.64 12.17 -56.85
N ASP B 382 16.82 13.10 -55.90
CA ASP B 382 17.65 14.27 -56.15
C ASP B 382 19.11 13.88 -56.36
N ARG B 383 19.61 12.90 -55.58
CA ARG B 383 20.98 12.44 -55.77
C ARG B 383 21.16 11.82 -57.14
N LEU B 384 20.21 10.99 -57.57
CA LEU B 384 20.30 10.38 -58.90
C LEU B 384 20.26 11.44 -59.99
N ASN B 385 19.42 12.47 -59.82
CA ASN B 385 19.29 13.49 -60.84
C ASN B 385 20.51 14.39 -60.91
N ASN B 386 21.12 14.70 -59.77
CA ASN B 386 22.18 15.70 -59.74
C ASN B 386 23.57 15.10 -59.83
N ASP B 387 23.87 14.08 -59.03
CA ASP B 387 25.20 13.48 -58.99
C ASP B 387 25.24 12.07 -59.55
N ARG B 388 24.12 11.55 -60.06
CA ARG B 388 24.05 10.21 -60.64
C ARG B 388 24.52 9.15 -59.66
N GLU B 389 24.09 9.28 -58.41
CA GLU B 389 24.37 8.29 -57.38
C GLU B 389 23.16 8.17 -56.44
N LEU B 390 23.18 7.15 -55.62
CA LEU B 390 22.17 6.94 -54.59
C LEU B 390 22.76 7.22 -53.22
N PRO B 391 21.92 7.56 -52.23
CA PRO B 391 22.45 7.85 -50.89
C PRO B 391 23.13 6.63 -50.28
N LEU B 392 24.11 6.90 -49.44
CA LEU B 392 24.97 5.88 -48.86
C LEU B 392 24.49 5.65 -47.42
N ILE B 393 23.53 4.75 -47.25
CA ILE B 393 22.89 4.50 -45.98
C ILE B 393 23.70 3.51 -45.16
N ILE B 394 23.79 3.76 -43.85
CA ILE B 394 24.43 2.84 -42.92
C ILE B 394 23.57 2.72 -41.67
N ASP B 395 23.60 1.53 -41.07
CA ASP B 395 22.92 1.27 -39.79
C ASP B 395 23.93 0.59 -38.89
N PRO B 396 24.58 1.34 -37.98
CA PRO B 396 25.67 0.78 -37.19
C PRO B 396 25.26 -0.19 -36.10
N SER B 397 23.98 -0.51 -35.97
CA SER B 397 23.52 -1.46 -34.97
C SER B 397 22.44 -2.39 -35.54
N ALA B 398 22.52 -2.70 -36.82
CA ALA B 398 21.47 -3.46 -37.50
C ALA B 398 21.42 -4.88 -36.93
N GLY B 399 20.41 -5.15 -36.10
CA GLY B 399 20.25 -6.48 -35.56
C GLY B 399 19.81 -7.49 -36.59
N SER B 400 18.57 -7.36 -37.07
CA SER B 400 18.04 -8.23 -38.12
C SER B 400 18.04 -7.56 -39.48
N GLY B 401 18.64 -6.39 -39.61
CA GLY B 401 18.65 -5.69 -40.87
C GLY B 401 17.32 -5.09 -41.28
N THR B 402 16.43 -4.84 -40.31
CA THR B 402 15.11 -4.31 -40.65
C THR B 402 15.22 -2.96 -41.33
N PHE B 403 16.04 -2.06 -40.77
CA PHE B 403 16.18 -0.73 -41.35
C PHE B 403 16.72 -0.80 -42.77
N LEU B 404 17.73 -1.63 -42.99
CA LEU B 404 18.33 -1.74 -44.32
C LEU B 404 17.36 -2.37 -45.31
N ILE B 405 16.61 -3.39 -44.88
CA ILE B 405 15.65 -4.02 -45.78
C ILE B 405 14.55 -3.04 -46.17
N GLU B 406 14.04 -2.27 -45.20
CA GLU B 406 13.01 -1.30 -45.52
C GLU B 406 13.55 -0.18 -46.39
N ALA B 407 14.79 0.25 -46.17
CA ALA B 407 15.40 1.26 -47.03
C ALA B 407 15.55 0.76 -48.46
N MET B 408 15.96 -0.50 -48.62
CA MET B 408 16.07 -1.09 -49.95
C MET B 408 14.72 -1.13 -50.64
N LYS B 409 13.71 -1.70 -49.96
CA LYS B 409 12.40 -1.83 -50.56
C LYS B 409 11.72 -0.48 -50.77
N LEU B 410 12.15 0.56 -50.07
CA LEU B 410 11.64 1.91 -50.26
C LEU B 410 12.28 2.58 -51.46
N ILE B 411 13.62 2.55 -51.55
CA ILE B 411 14.30 3.20 -52.65
C ILE B 411 13.92 2.55 -53.97
N THR B 412 13.93 1.21 -54.02
CA THR B 412 13.59 0.54 -55.26
C THR B 412 12.17 0.88 -55.71
N LYS B 413 11.22 0.78 -54.79
CA LYS B 413 9.82 1.04 -55.14
C LYS B 413 9.61 2.49 -55.56
N GLU B 414 10.21 3.44 -54.84
CA GLU B 414 9.96 4.84 -55.14
C GLU B 414 10.61 5.25 -56.45
N VAL B 415 11.90 4.92 -56.64
CA VAL B 415 12.59 5.36 -57.84
C VAL B 415 12.10 4.62 -59.08
N LYS B 416 11.84 3.31 -58.95
CA LYS B 416 11.55 2.52 -60.13
C LYS B 416 10.07 2.55 -60.51
N TYR B 417 9.17 2.40 -59.54
CA TYR B 417 7.75 2.23 -59.83
C TYR B 417 6.93 3.48 -59.49
N LYS B 418 6.99 3.93 -58.24
CA LYS B 418 6.04 4.94 -57.78
C LYS B 418 6.37 6.33 -58.32
N GLN B 419 7.55 6.86 -57.96
CA GLN B 419 7.94 8.21 -58.34
C GLN B 419 8.95 8.22 -59.47
N ASN B 420 8.80 7.30 -60.43
CA ASN B 420 9.72 7.25 -61.56
C ASN B 420 9.61 8.47 -62.47
N HIS B 421 8.49 9.18 -62.43
CA HIS B 421 8.34 10.34 -63.29
C HIS B 421 9.21 11.50 -62.83
N LYS B 422 9.58 11.53 -61.56
CA LYS B 422 10.39 12.64 -61.05
C LYS B 422 11.78 12.64 -61.66
N VAL B 423 12.38 11.46 -61.86
CA VAL B 423 13.72 11.40 -62.41
C VAL B 423 13.70 11.80 -63.88
N LYS B 424 14.74 12.49 -64.32
CA LYS B 424 14.79 13.00 -65.68
C LYS B 424 15.10 11.88 -66.66
N SER B 425 14.94 12.18 -67.95
CA SER B 425 15.12 11.22 -69.02
C SER B 425 16.40 11.43 -69.81
N SER B 426 17.40 12.07 -69.21
CA SER B 426 18.67 12.30 -69.88
C SER B 426 19.37 10.97 -70.13
N ARG B 427 20.24 10.97 -71.15
CA ARG B 427 20.92 9.73 -71.55
C ARG B 427 21.82 9.22 -70.44
N GLN B 428 22.56 10.10 -69.77
CA GLN B 428 23.42 9.68 -68.67
C GLN B 428 22.59 9.17 -67.49
N ILE B 429 21.51 9.87 -67.16
CA ILE B 429 20.62 9.39 -66.10
C ILE B 429 20.01 8.06 -66.50
N THR B 430 19.63 7.92 -67.78
CA THR B 430 19.02 6.69 -68.24
C THR B 430 20.00 5.52 -68.14
N LYS B 431 21.26 5.72 -68.52
CA LYS B 431 22.21 4.62 -68.45
C LYS B 431 22.55 4.27 -66.99
N ARG B 432 22.65 5.29 -66.13
CA ARG B 432 22.87 5.00 -64.72
C ARG B 432 21.72 4.20 -64.14
N PHE B 433 20.48 4.60 -64.46
CA PHE B 433 19.32 3.82 -64.06
C PHE B 433 19.36 2.43 -64.67
N GLU B 434 19.98 2.29 -65.85
CA GLU B 434 20.12 0.97 -66.47
C GLU B 434 20.99 0.06 -65.63
N GLU B 435 22.19 0.54 -65.25
CA GLU B 435 23.02 -0.34 -64.42
C GLU B 435 22.55 -0.39 -62.97
N LEU B 436 21.58 0.42 -62.56
CA LEU B 436 21.07 0.31 -61.20
C LEU B 436 19.82 -0.58 -61.09
N PHE B 437 18.73 -0.23 -61.77
CA PHE B 437 17.44 -0.88 -61.56
C PHE B 437 16.89 -1.64 -62.75
N MET B 438 17.29 -1.32 -63.97
CA MET B 438 16.57 -1.78 -65.16
C MET B 438 16.41 -3.29 -65.32
N PRO B 439 17.44 -4.15 -65.09
CA PRO B 439 17.32 -5.55 -65.51
C PRO B 439 16.05 -6.25 -65.05
N ASP B 440 15.46 -5.77 -63.95
CA ASP B 440 14.11 -6.11 -63.51
C ASP B 440 14.01 -7.53 -62.96
N HIS B 441 15.09 -8.30 -63.08
N HIS B 441 15.09 -8.31 -63.06
CA HIS B 441 15.18 -9.61 -62.46
CA HIS B 441 15.14 -9.61 -62.43
C HIS B 441 15.84 -9.56 -61.10
C HIS B 441 15.86 -9.60 -61.10
N ASN B 442 16.83 -8.69 -60.94
CA ASN B 442 17.44 -8.39 -59.64
C ASN B 442 17.42 -6.87 -59.53
N GLU B 443 16.30 -6.33 -59.09
CA GLU B 443 16.16 -4.89 -58.95
C GLU B 443 16.87 -4.35 -57.72
N ASN B 444 17.15 -5.21 -56.74
CA ASN B 444 17.96 -4.83 -55.59
C ASN B 444 19.44 -5.14 -55.82
N LYS B 445 19.94 -4.68 -56.96
CA LYS B 445 21.35 -4.88 -57.32
C LYS B 445 22.22 -3.72 -56.84
N TRP B 446 21.65 -2.52 -56.72
CA TRP B 446 22.40 -1.37 -56.27
C TRP B 446 22.84 -1.51 -54.82
N ALA B 447 22.10 -2.29 -54.03
CA ALA B 447 22.35 -2.34 -52.59
C ALA B 447 23.78 -2.74 -52.27
N ARG B 448 24.33 -3.68 -53.05
CA ARG B 448 25.70 -4.14 -52.83
C ARG B 448 26.69 -3.00 -52.71
N GLU B 449 26.36 -1.84 -53.26
CA GLU B 449 27.26 -0.69 -53.20
C GLU B 449 26.84 0.33 -52.15
N TYR B 450 25.53 0.50 -51.91
CA TYR B 450 25.04 1.66 -51.19
C TYR B 450 24.36 1.33 -49.86
N LEU B 451 24.62 0.16 -49.29
CA LEU B 451 23.94 -0.24 -48.05
C LEU B 451 24.93 -0.95 -47.15
N TYR B 452 25.22 -0.37 -45.99
CA TYR B 452 26.16 -0.92 -45.03
C TYR B 452 25.42 -1.27 -43.73
N GLY B 453 26.16 -1.85 -42.80
CA GLY B 453 25.58 -2.21 -41.52
C GLY B 453 26.63 -2.84 -40.62
N CYS B 454 26.34 -2.80 -39.32
CA CYS B 454 27.25 -3.34 -38.32
C CYS B 454 26.45 -4.00 -37.21
N GLU B 455 26.83 -5.21 -36.85
CA GLU B 455 26.20 -5.95 -35.77
C GLU B 455 27.30 -6.61 -34.92
N ILE B 456 27.05 -6.71 -33.61
CA ILE B 456 28.04 -7.32 -32.74
C ILE B 456 27.78 -8.82 -32.55
N ASN B 457 26.53 -9.26 -32.71
CA ASN B 457 26.18 -10.65 -32.49
C ASN B 457 26.38 -11.45 -33.78
N PHE B 458 27.20 -12.50 -33.70
CA PHE B 458 27.51 -13.29 -34.88
C PHE B 458 26.26 -13.99 -35.42
N ASP B 459 25.43 -14.53 -34.53
CA ASP B 459 24.24 -15.25 -34.96
C ASP B 459 23.29 -14.34 -35.71
N LEU B 460 22.96 -13.18 -35.13
CA LEU B 460 22.12 -12.22 -35.82
C LEU B 460 22.82 -11.63 -37.04
N GLY B 461 24.16 -11.59 -37.05
CA GLY B 461 24.85 -11.18 -38.27
C GLY B 461 24.59 -12.14 -39.42
N THR B 462 24.70 -13.44 -39.15
CA THR B 462 24.38 -14.43 -40.18
C THR B 462 22.91 -14.36 -40.58
N ALA B 463 22.03 -14.16 -39.60
CA ALA B 463 20.61 -14.04 -39.91
C ALA B 463 20.34 -12.83 -40.82
N SER B 464 20.95 -11.69 -40.52
CA SER B 464 20.80 -10.51 -41.35
C SER B 464 21.33 -10.77 -42.75
N LYS B 465 22.50 -11.42 -42.84
CA LYS B 465 23.08 -11.67 -44.16
C LYS B 465 22.19 -12.57 -44.99
N VAL B 466 21.66 -13.65 -44.41
CA VAL B 466 20.83 -14.55 -45.20
C VAL B 466 19.50 -13.90 -45.56
N ASN B 467 18.92 -13.13 -44.64
CA ASN B 467 17.70 -12.39 -44.94
C ASN B 467 17.91 -11.45 -46.12
N MET B 468 19.00 -10.71 -46.11
CA MET B 468 19.20 -9.67 -47.11
C MET B 468 19.73 -10.25 -48.42
N ILE B 469 20.27 -11.48 -48.39
CA ILE B 469 20.49 -12.21 -49.63
C ILE B 469 19.15 -12.65 -50.24
N LEU B 470 18.26 -13.22 -49.42
CA LEU B 470 16.98 -13.67 -49.94
C LEU B 470 16.11 -12.50 -50.39
N HIS B 471 16.36 -11.29 -49.90
CA HIS B 471 15.63 -10.14 -50.39
C HIS B 471 16.23 -9.52 -51.64
N GLY B 472 17.41 -9.96 -52.07
CA GLY B 472 18.00 -9.52 -53.32
C GLY B 472 19.43 -9.01 -53.24
N ASP B 473 19.88 -8.51 -52.10
CA ASP B 473 21.24 -7.98 -52.01
C ASP B 473 22.25 -9.12 -51.92
N GLY B 474 23.51 -8.79 -52.21
CA GLY B 474 24.60 -9.73 -52.00
C GLY B 474 25.01 -9.78 -50.55
N SER B 475 24.62 -8.76 -49.79
CA SER B 475 24.88 -8.67 -48.35
C SER B 475 26.35 -8.75 -48.01
N ALA B 476 27.20 -8.17 -48.87
CA ALA B 476 28.63 -8.17 -48.61
C ALA B 476 29.03 -7.11 -47.58
N ASN B 477 28.27 -6.02 -47.48
CA ASN B 477 28.68 -4.87 -46.68
C ASN B 477 28.31 -4.99 -45.21
N ILE B 478 27.44 -5.94 -44.84
CA ILE B 478 27.08 -6.10 -43.43
C ILE B 478 28.27 -6.65 -42.66
N PHE B 479 28.64 -5.96 -41.58
CA PHE B 479 29.81 -6.29 -40.78
C PHE B 479 29.38 -6.87 -39.44
N VAL B 480 30.11 -7.88 -38.97
CA VAL B 480 29.85 -8.48 -37.67
C VAL B 480 30.97 -8.07 -36.73
N GLN B 481 31.56 -6.90 -36.98
CA GLN B 481 32.76 -6.44 -36.29
C GLN B 481 32.48 -5.28 -35.35
N ASP B 482 31.33 -5.30 -34.67
CA ASP B 482 30.96 -4.31 -33.67
C ASP B 482 30.74 -2.93 -34.28
N GLY B 483 29.86 -2.13 -33.66
CA GLY B 483 29.55 -0.82 -34.22
C GLY B 483 30.61 0.22 -33.96
N LEU B 484 31.27 0.16 -32.81
CA LEU B 484 32.14 1.23 -32.35
C LEU B 484 33.62 0.97 -32.59
N LEU B 485 33.97 -0.10 -33.29
CA LEU B 485 35.37 -0.35 -33.58
C LEU B 485 35.91 0.71 -34.54
N PRO B 486 37.21 0.96 -34.52
CA PRO B 486 37.78 1.99 -35.39
C PRO B 486 37.64 1.63 -36.86
N PHE B 487 37.70 2.67 -37.70
CA PHE B 487 37.46 2.50 -39.12
C PHE B 487 38.51 1.64 -39.80
N ARG B 488 39.65 1.40 -39.16
CA ARG B 488 40.67 0.54 -39.77
C ARG B 488 40.31 -0.93 -39.66
N PHE B 489 39.60 -1.32 -38.59
CA PHE B 489 39.31 -2.73 -38.38
C PHE B 489 38.31 -3.28 -39.37
N TYR B 490 37.41 -2.42 -39.88
CA TYR B 490 36.38 -2.88 -40.80
C TYR B 490 36.99 -3.22 -42.16
N VAL B 491 37.33 -4.48 -42.38
CA VAL B 491 37.99 -4.92 -43.59
C VAL B 491 37.24 -6.08 -44.20
N LYS B 492 37.07 -6.06 -45.52
CA LYS B 492 36.40 -7.13 -46.24
C LYS B 492 36.91 -7.15 -47.68
N GLU B 493 36.72 -8.30 -48.33
CA GLU B 493 37.44 -8.59 -49.56
C GLU B 493 37.06 -7.65 -50.70
N THR B 494 35.77 -7.32 -50.82
CA THR B 494 35.33 -6.51 -51.95
C THR B 494 35.98 -5.14 -51.92
N SER B 495 36.48 -4.69 -53.07
CA SER B 495 37.33 -3.51 -53.11
C SER B 495 36.61 -2.22 -52.70
N PRO B 496 35.41 -1.87 -53.22
CA PRO B 496 34.80 -0.60 -52.83
C PRO B 496 34.31 -0.64 -51.39
N ASN B 497 35.03 0.04 -50.50
CA ASN B 497 34.71 0.07 -49.07
C ASN B 497 34.70 1.54 -48.64
N TYR B 498 33.51 2.06 -48.33
CA TYR B 498 33.40 3.42 -47.83
C TYR B 498 33.49 3.52 -46.32
N LEU B 499 33.66 2.39 -45.63
CA LEU B 499 33.77 2.40 -44.17
C LEU B 499 35.21 2.36 -43.68
N GLU B 500 36.14 1.87 -44.51
CA GLU B 500 37.56 1.89 -44.14
C GLU B 500 38.07 3.32 -44.01
N THR B 501 37.66 4.19 -44.92
CA THR B 501 38.26 5.53 -45.01
C THR B 501 38.03 6.33 -43.74
N ALA B 502 39.07 7.04 -43.32
CA ALA B 502 38.99 7.91 -42.15
C ALA B 502 40.05 9.00 -42.27
N SER B 503 39.84 10.09 -41.55
CA SER B 503 40.76 11.21 -41.55
C SER B 503 40.49 12.06 -40.32
N PRO B 504 41.52 12.62 -39.69
CA PRO B 504 41.28 13.47 -38.52
C PRO B 504 40.55 14.75 -38.86
N ASP B 505 39.80 15.26 -37.90
CA ASP B 505 39.04 16.49 -38.05
C ASP B 505 39.53 17.52 -37.03
N ALA B 506 39.90 18.70 -37.52
CA ALA B 506 40.37 19.75 -36.62
C ALA B 506 39.26 20.20 -35.67
N LEU B 507 38.06 20.38 -36.18
CA LEU B 507 36.95 20.84 -35.35
C LEU B 507 36.58 19.80 -34.30
N TYR B 508 36.57 18.52 -34.67
CA TYR B 508 36.16 17.47 -33.73
C TYR B 508 37.13 17.35 -32.57
N GLY B 509 38.38 17.73 -32.76
CA GLY B 509 39.35 17.68 -31.67
C GLY B 509 40.65 16.98 -32.03
N ASP B 510 40.89 16.79 -33.33
CA ASP B 510 41.91 16.02 -34.07
C ASP B 510 41.49 14.56 -34.22
N LYS B 511 40.35 14.16 -33.67
CA LYS B 511 39.94 12.77 -33.79
C LYS B 511 39.50 12.46 -35.22
N GLU B 512 39.55 11.17 -35.56
CA GLU B 512 39.29 10.74 -36.93
C GLU B 512 37.80 10.59 -37.17
N VAL B 513 37.32 11.18 -38.26
CA VAL B 513 35.91 11.10 -38.67
C VAL B 513 35.86 10.57 -40.10
N ASN B 514 34.85 9.74 -40.38
CA ASN B 514 34.74 9.15 -41.71
C ASN B 514 34.20 10.15 -42.71
N GLY B 515 32.98 10.65 -42.49
CA GLY B 515 32.40 11.65 -43.36
C GLY B 515 32.11 11.17 -44.78
N LYS B 516 31.54 9.98 -44.93
CA LYS B 516 31.26 9.43 -46.24
C LYS B 516 29.80 9.07 -46.47
N PHE B 517 28.98 9.00 -45.43
CA PHE B 517 27.63 8.49 -45.54
C PHE B 517 26.61 9.62 -45.59
N ASP B 518 25.51 9.36 -46.28
CA ASP B 518 24.43 10.33 -46.43
C ASP B 518 23.37 10.20 -45.34
N VAL B 519 22.92 9.00 -45.05
CA VAL B 519 21.85 8.75 -44.08
C VAL B 519 22.32 7.73 -43.07
N VAL B 520 22.06 8.01 -41.78
CA VAL B 520 22.39 7.11 -40.69
C VAL B 520 21.11 6.89 -39.90
N VAL B 521 20.52 5.71 -40.02
CA VAL B 521 19.35 5.32 -39.25
C VAL B 521 19.73 4.13 -38.37
N SER B 522 19.28 4.15 -37.12
CA SER B 522 19.66 3.09 -36.20
C SER B 522 18.70 3.06 -35.02
N ASN B 523 18.84 2.00 -34.22
CA ASN B 523 18.11 1.82 -32.96
C ASN B 523 19.17 1.49 -31.93
N PRO B 524 19.84 2.51 -31.38
CA PRO B 524 21.02 2.27 -30.54
C PRO B 524 20.68 1.42 -29.33
N PRO B 525 21.58 0.51 -28.94
CA PRO B 525 21.35 -0.27 -27.72
C PRO B 525 21.32 0.63 -26.50
N PHE B 526 20.54 0.22 -25.50
CA PHE B 526 20.43 0.99 -24.28
C PHE B 526 21.76 0.99 -23.51
N SER B 527 22.47 -0.14 -23.52
CA SER B 527 23.77 -0.25 -22.86
C SER B 527 24.71 -0.99 -23.79
N VAL B 528 25.81 -0.33 -24.19
CA VAL B 528 26.69 -0.89 -25.20
C VAL B 528 27.46 -2.08 -24.63
N ASP B 529 27.92 -2.01 -23.38
CA ASP B 529 28.79 -3.00 -22.77
C ASP B 529 30.01 -3.26 -23.65
N LEU B 530 30.80 -2.20 -23.83
CA LEU B 530 31.89 -2.23 -24.79
C LEU B 530 32.97 -3.20 -24.33
N ASP B 531 33.52 -3.95 -25.28
CA ASP B 531 34.43 -5.05 -24.96
C ASP B 531 35.73 -4.55 -24.34
N THR B 532 36.25 -5.34 -23.39
CA THR B 532 37.47 -4.97 -22.69
C THR B 532 38.73 -5.25 -23.49
N GLN B 533 38.65 -5.99 -24.59
CA GLN B 533 39.83 -6.27 -25.38
C GLN B 533 40.41 -5.02 -26.00
N THR B 534 39.54 -4.13 -26.52
CA THR B 534 39.97 -2.90 -27.17
C THR B 534 39.31 -1.72 -26.45
N GLN B 535 39.97 -1.23 -25.40
CA GLN B 535 39.50 -0.07 -24.66
C GLN B 535 40.25 1.21 -25.01
N ARG B 536 41.13 1.18 -26.01
CA ARG B 536 41.78 2.40 -26.44
C ARG B 536 40.81 3.32 -27.18
N GLU B 537 39.76 2.76 -27.77
CA GLU B 537 38.78 3.59 -28.47
C GLU B 537 37.94 4.40 -27.50
N VAL B 538 37.81 3.93 -26.26
CA VAL B 538 37.00 4.66 -25.27
C VAL B 538 37.60 6.04 -25.02
N ARG B 539 38.92 6.11 -24.89
CA ARG B 539 39.60 7.37 -24.58
C ARG B 539 40.08 8.09 -25.84
N ASN B 540 40.85 7.41 -26.69
CA ASN B 540 41.51 8.09 -27.79
C ASN B 540 40.54 8.46 -28.91
N ALA B 541 39.61 7.57 -29.23
CA ALA B 541 38.78 7.77 -30.42
C ALA B 541 37.56 8.64 -30.15
N PHE B 542 37.07 8.67 -28.92
CA PHE B 542 35.82 9.35 -28.59
C PHE B 542 36.04 10.43 -27.55
N LEU B 543 35.30 11.53 -27.69
CA LEU B 543 35.44 12.64 -26.75
C LEU B 543 34.97 12.25 -25.35
N PHE B 544 33.78 11.68 -25.25
CA PHE B 544 33.11 11.45 -23.97
C PHE B 544 33.08 9.97 -23.61
N GLY B 545 34.15 9.24 -23.91
CA GLY B 545 34.19 7.83 -23.57
C GLY B 545 34.43 7.57 -22.10
N ASP B 546 35.00 8.53 -21.38
CA ASP B 546 35.29 8.34 -19.97
C ASP B 546 34.02 8.40 -19.12
N LYS B 547 32.94 8.96 -19.66
CA LYS B 547 31.74 9.18 -18.88
C LYS B 547 31.03 7.87 -18.57
N LYS B 548 30.14 7.93 -17.58
CA LYS B 548 29.41 6.74 -17.16
C LYS B 548 28.50 6.22 -18.26
N ASN B 549 27.80 7.12 -18.94
CA ASN B 549 26.89 6.74 -20.02
C ASN B 549 27.70 6.39 -21.25
N SER B 550 27.88 5.09 -21.50
CA SER B 550 28.65 4.63 -22.65
C SER B 550 27.79 4.43 -23.90
N GLU B 551 26.47 4.47 -23.78
CA GLU B 551 25.62 4.40 -24.96
C GLU B 551 25.63 5.71 -25.72
N ASN B 552 25.87 6.83 -25.02
CA ASN B 552 25.93 8.15 -25.66
C ASN B 552 27.14 8.24 -26.56
N LEU B 553 27.98 7.20 -26.56
CA LEU B 553 29.04 7.12 -27.55
C LEU B 553 28.48 6.96 -28.96
N PHE B 554 27.36 6.25 -29.09
CA PHE B 554 26.77 6.03 -30.41
C PHE B 554 26.51 7.35 -31.13
N ILE B 555 25.96 8.33 -30.43
CA ILE B 555 25.72 9.63 -31.04
C ILE B 555 27.00 10.18 -31.63
N GLU B 556 28.11 10.08 -30.90
CA GLU B 556 29.39 10.55 -31.43
C GLU B 556 29.75 9.80 -32.70
N ARG B 557 29.54 8.48 -32.71
CA ARG B 557 29.76 7.73 -33.95
C ARG B 557 28.95 8.29 -35.09
N TYR B 558 27.70 8.69 -34.83
CA TYR B 558 26.86 9.26 -35.87
C TYR B 558 27.43 10.57 -36.42
N TYR B 559 28.23 11.29 -35.63
CA TYR B 559 28.91 12.46 -36.17
C TYR B 559 30.02 12.07 -37.13
N GLN B 560 30.71 10.96 -36.84
CA GLN B 560 31.85 10.57 -37.66
C GLN B 560 31.41 9.99 -38.99
N LEU B 561 30.32 9.23 -39.02
CA LEU B 561 29.91 8.56 -40.25
C LEU B 561 29.26 9.53 -41.22
N LEU B 562 28.49 10.50 -40.72
CA LEU B 562 27.71 11.36 -41.59
C LEU B 562 28.60 12.31 -42.38
N LYS B 563 28.09 12.74 -43.53
CA LYS B 563 28.74 13.72 -44.38
C LYS B 563 28.22 15.12 -44.02
N GLU B 564 28.95 16.14 -44.48
CA GLU B 564 28.59 17.51 -44.15
C GLU B 564 27.27 17.84 -44.83
N GLY B 565 26.20 17.79 -44.06
CA GLY B 565 24.85 17.89 -44.59
C GLY B 565 24.05 16.59 -44.56
N GLY B 566 24.58 15.55 -43.93
CA GLY B 566 23.90 14.26 -43.91
C GLY B 566 22.73 14.25 -42.95
N ARG B 567 21.90 13.20 -43.06
CA ARG B 567 20.67 13.10 -42.32
C ARG B 567 20.76 11.99 -41.28
N LEU B 568 20.15 12.22 -40.12
CA LEU B 568 20.23 11.29 -39.00
C LEU B 568 18.84 11.13 -38.39
N GLY B 569 18.28 9.92 -38.46
CA GLY B 569 17.04 9.63 -37.78
C GLY B 569 17.17 8.42 -36.88
N VAL B 570 17.08 8.63 -35.57
CA VAL B 570 17.36 7.57 -34.60
C VAL B 570 16.28 7.57 -33.53
N VAL B 571 16.14 6.41 -32.86
CA VAL B 571 15.22 6.28 -31.73
C VAL B 571 16.05 6.38 -30.45
N LEU B 572 16.16 7.58 -29.93
CA LEU B 572 16.90 7.73 -28.70
C LEU B 572 15.97 7.55 -27.50
N PRO B 573 16.48 7.01 -26.40
CA PRO B 573 15.69 6.95 -25.17
C PRO B 573 15.37 8.35 -24.68
N GLU B 574 14.22 8.48 -24.01
CA GLU B 574 13.80 9.77 -23.49
C GLU B 574 14.80 10.33 -22.48
N SER B 575 15.53 9.45 -21.80
CA SER B 575 16.49 9.89 -20.78
C SER B 575 17.57 10.79 -21.36
N VAL B 576 17.84 10.67 -22.66
CA VAL B 576 18.81 11.54 -23.29
C VAL B 576 18.30 12.98 -23.33
N PHE B 577 16.99 13.17 -23.45
CA PHE B 577 16.43 14.50 -23.60
C PHE B 577 16.17 15.20 -22.27
N ASP B 578 15.73 14.48 -21.23
CA ASP B 578 15.46 15.10 -19.94
C ASP B 578 16.16 14.33 -18.82
N THR B 579 17.45 14.62 -18.66
CA THR B 579 18.27 14.21 -17.53
C THR B 579 19.46 15.15 -17.48
N THR B 580 19.77 15.68 -16.30
CA THR B 580 20.90 16.59 -16.18
C THR B 580 22.22 15.91 -16.54
N GLU B 581 22.35 14.63 -16.18
CA GLU B 581 23.60 13.91 -16.43
C GLU B 581 23.91 13.83 -17.92
N ASN B 582 22.89 13.86 -18.78
CA ASN B 582 23.08 13.79 -20.21
C ASN B 582 23.26 15.15 -20.86
N LYS B 583 23.29 16.24 -20.08
CA LYS B 583 23.35 17.58 -20.66
C LYS B 583 24.52 17.72 -21.62
N TYR B 584 25.65 17.11 -21.29
CA TYR B 584 26.84 17.23 -22.13
C TYR B 584 26.57 16.77 -23.55
N ILE B 585 25.80 15.69 -23.71
CA ILE B 585 25.49 15.23 -25.06
C ILE B 585 24.51 16.16 -25.74
N ARG B 586 23.59 16.76 -24.99
CA ARG B 586 22.62 17.66 -25.60
C ARG B 586 23.28 18.94 -26.08
N LEU B 587 24.32 19.39 -25.39
CA LEU B 587 25.13 20.49 -25.92
C LEU B 587 25.98 20.04 -27.09
N PHE B 588 26.30 18.75 -27.16
CA PHE B 588 27.08 18.24 -28.29
C PHE B 588 26.30 18.33 -29.58
N ILE B 589 25.06 17.82 -29.57
CA ILE B 589 24.24 17.79 -30.79
C ILE B 589 24.07 19.20 -31.34
N PHE B 590 23.65 20.13 -30.49
CA PHE B 590 23.43 21.50 -30.93
C PHE B 590 24.71 22.14 -31.46
N LYS B 591 25.88 21.63 -31.08
CA LYS B 591 27.11 22.16 -31.62
C LYS B 591 27.30 21.77 -33.08
N TYR B 592 26.97 20.51 -33.41
CA TYR B 592 27.31 19.97 -34.72
C TYR B 592 26.12 19.59 -35.58
N PHE B 593 24.93 19.46 -34.99
CA PHE B 593 23.75 19.04 -35.73
C PHE B 593 22.70 20.15 -35.72
N LYS B 594 21.87 20.15 -36.74
CA LYS B 594 20.70 21.03 -36.81
C LYS B 594 19.48 20.17 -36.48
N VAL B 595 19.09 20.18 -35.21
CA VAL B 595 17.91 19.41 -34.81
C VAL B 595 16.70 19.92 -35.58
N LYS B 596 15.91 18.98 -36.09
CA LYS B 596 14.81 19.33 -36.98
C LYS B 596 13.47 18.72 -36.60
N ALA B 597 13.46 17.64 -35.81
CA ALA B 597 12.21 17.04 -35.38
C ALA B 597 12.48 16.14 -34.19
N VAL B 598 11.65 16.26 -33.16
CA VAL B 598 11.70 15.39 -31.99
C VAL B 598 10.30 14.82 -31.82
N VAL B 599 10.07 13.63 -32.36
CA VAL B 599 8.77 12.98 -32.30
C VAL B 599 8.78 12.00 -31.14
N SER B 600 7.92 12.24 -30.16
CA SER B 600 7.81 11.33 -29.02
C SER B 600 7.01 10.10 -29.41
N LEU B 601 7.29 9.00 -28.73
CA LEU B 601 6.62 7.74 -29.01
C LEU B 601 5.93 7.22 -27.76
N PRO B 602 4.80 6.53 -27.92
CA PRO B 602 4.14 5.94 -26.76
C PRO B 602 4.95 4.79 -26.20
N GLN B 603 4.65 4.44 -24.95
CA GLN B 603 5.36 3.34 -24.30
C GLN B 603 4.83 1.98 -24.74
N VAL B 604 3.74 1.93 -25.50
CA VAL B 604 3.24 0.67 -26.03
C VAL B 604 3.98 0.24 -27.29
N THR B 605 4.91 1.08 -27.78
CA THR B 605 5.59 0.81 -29.04
C THR B 605 6.38 -0.50 -28.99
N PHE B 606 7.16 -0.68 -27.92
CA PHE B 606 8.08 -1.81 -27.82
C PHE B 606 7.54 -2.93 -26.93
N GLU B 607 6.26 -2.91 -26.59
CA GLU B 607 5.69 -3.95 -25.76
C GLU B 607 5.72 -5.30 -26.47
N PRO B 608 5.80 -6.40 -25.71
CA PRO B 608 5.93 -6.45 -24.25
C PRO B 608 7.39 -6.49 -23.78
N PHE B 609 8.32 -6.44 -24.73
CA PHE B 609 9.72 -6.70 -24.42
C PHE B 609 10.30 -5.65 -23.48
N THR B 610 9.97 -4.39 -23.69
CA THR B 610 10.46 -3.34 -22.79
C THR B 610 9.43 -2.24 -22.71
N SER B 611 9.37 -1.60 -21.54
CA SER B 611 8.44 -0.51 -21.27
C SER B 611 9.27 0.68 -20.80
N THR B 612 9.80 1.44 -21.76
CA THR B 612 10.51 2.68 -21.50
C THR B 612 10.16 3.65 -22.60
N LYS B 613 10.01 4.92 -22.25
CA LYS B 613 9.66 5.92 -23.25
C LYS B 613 10.87 6.26 -24.12
N THR B 614 10.65 6.24 -25.44
CA THR B 614 11.69 6.59 -26.40
C THR B 614 11.15 7.70 -27.30
N SER B 615 12.07 8.42 -27.93
CA SER B 615 11.72 9.52 -28.81
C SER B 615 12.55 9.44 -30.10
N LEU B 616 11.98 10.01 -31.15
CA LEU B 616 12.65 10.06 -32.45
C LEU B 616 13.41 11.37 -32.60
N LEU B 617 14.67 11.27 -32.99
CA LEU B 617 15.50 12.46 -33.26
C LEU B 617 15.84 12.47 -34.74
N PHE B 618 15.50 13.56 -35.41
CA PHE B 618 15.87 13.83 -36.79
C PHE B 618 16.76 15.06 -36.82
N ALA B 619 17.99 14.91 -37.31
CA ALA B 619 18.98 15.96 -37.29
C ALA B 619 19.73 15.96 -38.61
N GLN B 620 20.44 17.07 -38.87
CA GLN B 620 21.26 17.20 -40.06
C GLN B 620 22.61 17.77 -39.65
N LYS B 621 23.68 17.12 -40.11
CA LYS B 621 25.03 17.56 -39.77
C LYS B 621 25.28 18.95 -40.32
N LYS B 622 26.04 19.74 -39.56
CA LYS B 622 26.30 21.13 -39.91
C LYS B 622 27.64 21.27 -40.63
N THR B 623 27.66 22.14 -41.62
CA THR B 623 28.86 22.37 -42.42
C THR B 623 29.93 23.07 -41.58
N LYS B 624 31.12 23.18 -42.17
CA LYS B 624 32.26 23.76 -41.44
C LYS B 624 32.03 25.24 -41.13
N GLU B 625 31.39 25.98 -42.04
CA GLU B 625 31.17 27.40 -41.82
C GLU B 625 30.25 27.63 -40.61
N GLU B 626 29.16 26.86 -40.52
CA GLU B 626 28.23 27.05 -39.41
C GLU B 626 28.86 26.68 -38.08
N VAL B 627 29.63 25.58 -38.05
CA VAL B 627 30.22 25.18 -36.78
C VAL B 627 31.35 26.13 -36.37
N GLU B 628 32.08 26.70 -37.34
CA GLU B 628 33.09 27.68 -36.96
C GLU B 628 32.44 28.99 -36.49
N GLN B 629 31.31 29.37 -37.08
CA GLN B 629 30.55 30.50 -36.56
C GLN B 629 30.10 30.23 -35.14
N TRP B 630 29.61 29.01 -34.88
CA TRP B 630 29.24 28.63 -33.52
C TRP B 630 30.42 28.74 -32.58
N ASN B 631 31.59 28.27 -33.00
CA ASN B 631 32.78 28.32 -32.17
C ASN B 631 33.16 29.76 -31.84
N GLU B 632 33.12 30.65 -32.83
CA GLU B 632 33.53 32.03 -32.58
C GLU B 632 32.53 32.76 -31.68
N LEU B 633 31.23 32.53 -31.89
CA LEU B 633 30.24 33.14 -31.02
C LEU B 633 30.35 32.61 -29.60
N TRP B 634 30.61 31.30 -29.46
CA TRP B 634 30.84 30.71 -28.15
C TRP B 634 32.02 31.36 -27.46
N ASP B 635 33.12 31.55 -28.19
CA ASP B 635 34.31 32.15 -27.60
C ASP B 635 34.01 33.59 -27.16
N LYS B 636 33.34 34.36 -28.00
CA LYS B 636 33.04 35.75 -27.67
C LYS B 636 32.18 35.85 -26.42
N TYR B 637 31.06 35.14 -26.39
CA TYR B 637 30.16 35.25 -25.25
C TYR B 637 30.74 34.60 -24.01
N GLY B 638 31.60 33.58 -24.17
CA GLY B 638 32.28 33.03 -23.03
C GLY B 638 33.27 34.00 -22.40
N LYS B 639 34.01 34.73 -23.23
CA LYS B 639 34.89 35.77 -22.70
C LYS B 639 34.10 36.86 -22.01
N GLU B 640 32.97 37.27 -22.60
CA GLU B 640 32.15 38.31 -21.98
C GLU B 640 31.61 37.84 -20.63
N TRP B 641 31.16 36.59 -20.56
CA TRP B 641 30.71 36.02 -19.30
C TRP B 641 31.86 35.91 -18.30
N SER B 642 33.06 35.61 -18.78
CA SER B 642 34.21 35.50 -17.89
C SER B 642 34.51 36.85 -17.23
N LEU B 643 34.46 37.93 -18.01
CA LEU B 643 34.62 39.26 -17.43
C LEU B 643 33.51 39.58 -16.44
N LEU B 644 32.26 39.27 -16.82
CA LEU B 644 31.13 39.59 -15.94
C LEU B 644 31.22 38.84 -14.63
N LYS B 645 31.66 37.57 -14.65
CA LYS B 645 31.74 36.80 -13.42
C LYS B 645 32.70 37.44 -12.42
N THR B 646 33.92 37.75 -12.86
CA THR B 646 34.88 38.36 -11.97
C THR B 646 34.39 39.72 -11.47
N ARG B 647 33.83 40.53 -12.38
CA ARG B 647 33.36 41.84 -11.96
C ARG B 647 32.23 41.73 -10.92
N ILE B 648 31.27 40.85 -11.16
CA ILE B 648 30.13 40.78 -10.25
C ILE B 648 30.51 40.14 -8.92
N ASN B 649 31.45 39.19 -8.92
CA ASN B 649 31.97 38.68 -7.66
C ASN B 649 32.78 39.70 -6.88
N ASP B 650 33.49 40.60 -7.56
CA ASP B 650 34.11 41.71 -6.84
C ASP B 650 33.07 42.68 -6.29
N TYR B 651 32.00 42.89 -7.05
CA TYR B 651 30.90 43.76 -6.61
C TYR B 651 30.23 43.21 -5.35
N PHE B 652 30.02 41.89 -5.32
CA PHE B 652 29.39 41.25 -4.17
C PHE B 652 30.18 41.52 -2.89
N SER B 653 31.49 41.26 -2.94
CA SER B 653 32.32 41.27 -1.74
C SER B 653 32.27 42.62 -1.03
N TYR B 654 32.29 43.70 -1.80
CA TYR B 654 32.20 45.02 -1.18
C TYR B 654 30.75 45.39 -0.89
N PHE B 655 29.92 45.47 -1.94
CA PHE B 655 28.62 46.12 -1.80
C PHE B 655 27.66 45.33 -0.93
N VAL B 656 27.92 44.05 -0.67
CA VAL B 656 27.02 43.28 0.19
C VAL B 656 27.78 42.72 1.38
N LYS B 657 28.87 41.98 1.11
CA LYS B 657 29.63 41.40 2.22
C LYS B 657 30.30 42.46 3.07
N GLY B 658 30.64 43.60 2.48
CA GLY B 658 31.21 44.71 3.23
C GLY B 658 32.72 44.78 3.24
N ARG B 659 33.40 43.92 2.48
CA ARG B 659 34.85 43.94 2.48
C ARG B 659 35.36 45.21 1.80
N PRO B 660 36.25 45.97 2.47
CA PRO B 660 36.69 47.26 1.94
C PRO B 660 37.16 47.20 0.49
N LEU B 661 37.00 48.32 -0.18
CA LEU B 661 37.44 48.45 -1.57
C LEU B 661 38.96 48.33 -1.66
N ASN B 662 39.43 47.71 -2.74
CA ASN B 662 40.85 47.53 -2.96
C ASN B 662 41.21 47.98 -4.37
N LYS B 663 42.44 48.47 -4.52
CA LYS B 663 42.91 48.95 -5.81
C LYS B 663 43.34 47.84 -6.74
N LYS B 664 43.42 46.60 -6.24
CA LYS B 664 43.78 45.47 -7.09
C LYS B 664 42.64 45.03 -8.00
N TRP B 665 41.51 45.74 -8.00
CA TRP B 665 40.37 45.39 -8.83
C TRP B 665 40.47 46.09 -10.19
N ALA B 666 39.50 45.79 -11.05
CA ALA B 666 39.48 46.35 -12.39
C ALA B 666 39.22 47.86 -12.33
N PRO B 667 39.84 48.63 -13.24
CA PRO B 667 39.64 50.09 -13.21
C PRO B 667 38.19 50.52 -13.34
N ASP B 668 37.41 49.86 -14.21
CA ASP B 668 36.00 50.18 -14.30
C ASP B 668 35.29 49.84 -13.00
N VAL B 669 35.63 48.70 -12.41
CA VAL B 669 35.08 48.32 -11.12
C VAL B 669 35.37 49.39 -10.08
N VAL B 670 36.62 49.82 -9.98
CA VAL B 670 36.99 50.74 -8.91
C VAL B 670 36.36 52.10 -9.13
N LYS B 671 36.31 52.61 -10.36
CA LYS B 671 35.71 53.93 -10.53
C LYS B 671 34.19 53.87 -10.33
N ASP B 672 33.54 52.82 -10.83
CA ASP B 672 32.10 52.69 -10.60
C ASP B 672 31.79 52.59 -9.12
N ILE B 673 32.68 51.98 -8.34
CA ILE B 673 32.49 51.94 -6.90
C ILE B 673 32.71 53.33 -6.29
N GLN B 674 33.73 54.04 -6.76
CA GLN B 674 34.10 55.31 -6.13
C GLN B 674 33.07 56.40 -6.41
N GLU B 675 32.86 56.76 -7.68
CA GLU B 675 31.92 57.83 -7.97
C GLU B 675 30.47 57.36 -8.04
N GLY B 676 30.20 56.11 -7.67
CA GLY B 676 28.84 55.67 -7.48
C GLY B 676 27.97 55.70 -8.72
N ASN B 677 28.48 55.20 -9.85
CA ASN B 677 27.67 55.10 -11.07
C ASN B 677 26.80 53.85 -10.95
N GLU B 678 25.75 53.96 -10.14
CA GLU B 678 24.91 52.82 -9.82
C GLU B 678 24.11 52.31 -11.02
N ASP B 679 23.94 53.13 -12.05
CA ASP B 679 23.25 52.67 -13.26
C ASP B 679 24.02 51.52 -13.92
N ASN B 680 25.34 51.65 -14.04
CA ASN B 680 26.14 50.55 -14.54
C ASN B 680 26.10 49.37 -13.59
N ILE B 681 25.99 49.63 -12.28
CA ILE B 681 25.90 48.56 -11.30
C ILE B 681 24.67 47.72 -11.58
N ARG B 682 23.52 48.38 -11.81
CA ARG B 682 22.29 47.66 -12.11
C ARG B 682 22.38 46.96 -13.47
N LYS B 683 22.98 47.63 -14.46
CA LYS B 683 23.07 47.06 -15.80
C LYS B 683 23.88 45.78 -15.81
N ASN B 684 24.99 45.75 -15.05
CA ASN B 684 25.80 44.54 -14.99
C ASN B 684 25.05 43.40 -14.31
N ILE B 685 24.28 43.69 -13.26
CA ILE B 685 23.45 42.66 -12.63
C ILE B 685 22.46 42.11 -13.64
N PHE B 686 21.79 43.01 -14.37
CA PHE B 686 20.78 42.58 -15.33
C PHE B 686 21.38 41.72 -16.43
N ARG B 687 22.55 42.12 -16.95
CA ARG B 687 23.17 41.36 -18.03
C ARG B 687 23.69 40.02 -17.55
N PHE B 688 24.31 39.98 -16.36
CA PHE B 688 24.82 38.71 -15.85
C PHE B 688 23.67 37.75 -15.57
N LEU B 689 22.59 38.24 -14.98
CA LEU B 689 21.47 37.35 -14.67
C LEU B 689 20.69 36.96 -15.91
N LYS B 690 20.47 37.91 -16.83
CA LYS B 690 19.63 37.70 -18.01
C LYS B 690 18.24 37.35 -17.49
N ASP B 691 17.80 36.10 -17.58
CA ASP B 691 16.59 35.67 -16.89
C ASP B 691 16.86 35.65 -15.38
N HIS B 692 15.87 35.15 -14.63
CA HIS B 692 15.86 35.03 -13.17
C HIS B 692 15.57 36.38 -12.52
N ILE B 693 15.34 37.44 -13.30
CA ILE B 693 15.00 38.75 -12.77
C ILE B 693 13.67 39.19 -13.38
N LYS B 694 12.93 39.98 -12.63
CA LYS B 694 11.63 40.46 -13.06
C LYS B 694 11.61 41.99 -13.04
N GLU B 695 10.46 42.55 -13.38
CA GLU B 695 10.32 44.00 -13.43
C GLU B 695 10.36 44.63 -12.03
N GLU B 696 10.06 43.86 -10.99
CA GLU B 696 10.15 44.39 -9.64
C GLU B 696 11.60 44.58 -9.22
N ASP B 697 12.52 43.80 -9.80
CA ASP B 697 13.91 43.82 -9.37
C ASP B 697 14.63 45.11 -9.77
N LYS B 698 14.22 45.75 -10.86
CA LYS B 698 14.94 46.93 -11.33
C LYS B 698 14.84 48.08 -10.33
N ASN B 699 13.66 48.27 -9.72
CA ASN B 699 13.48 49.35 -8.77
C ASN B 699 14.08 49.04 -7.41
N LEU B 700 14.06 47.77 -7.00
CA LEU B 700 14.49 47.39 -5.67
C LEU B 700 16.00 47.50 -5.55
N GLU B 701 16.47 47.77 -4.33
CA GLU B 701 17.88 48.05 -4.09
C GLU B 701 18.75 46.86 -4.43
N ILE B 702 19.95 47.15 -4.96
CA ILE B 702 20.84 46.10 -5.45
C ILE B 702 21.26 45.16 -4.32
N LYS B 703 21.48 45.69 -3.12
CA LYS B 703 21.95 44.87 -2.02
C LYS B 703 20.94 43.79 -1.64
N ASP B 704 19.67 44.17 -1.54
CA ASP B 704 18.63 43.19 -1.24
C ASP B 704 18.47 42.20 -2.38
N LEU B 705 18.65 42.67 -3.62
CA LEU B 705 18.62 41.75 -4.76
C LEU B 705 19.68 40.68 -4.64
N LEU B 706 20.92 41.09 -4.33
CA LEU B 706 22.01 40.13 -4.22
C LEU B 706 21.78 39.18 -3.05
N ILE B 707 21.29 39.69 -1.92
CA ILE B 707 21.00 38.82 -0.79
C ILE B 707 19.94 37.80 -1.16
N LYS B 708 18.87 38.25 -1.84
CA LYS B 708 17.79 37.34 -2.23
C LYS B 708 18.29 36.28 -3.19
N TYR B 709 19.13 36.67 -4.15
CA TYR B 709 19.55 35.73 -5.19
C TYR B 709 20.57 34.74 -4.63
N ALA B 710 21.74 35.22 -4.20
CA ALA B 710 22.82 34.40 -3.66
C ALA B 710 22.97 33.04 -4.33
N GLU B 711 22.01 32.13 -4.11
CA GLU B 711 22.12 30.79 -4.66
C GLU B 711 22.13 30.79 -6.18
N GLU B 712 21.24 31.58 -6.79
CA GLU B 712 21.17 31.62 -8.26
C GLU B 712 22.42 32.26 -8.85
N ILE B 713 22.92 33.33 -8.24
CA ILE B 713 24.12 33.97 -8.75
C ILE B 713 25.33 33.07 -8.59
N SER B 714 25.38 32.28 -7.51
CA SER B 714 26.46 31.30 -7.36
C SER B 714 26.36 30.20 -8.40
N SER B 715 25.14 29.73 -8.68
CA SER B 715 24.96 28.70 -9.69
C SER B 715 25.38 29.19 -11.07
N ILE B 716 24.99 30.41 -11.42
CA ILE B 716 25.40 30.98 -12.70
C ILE B 716 26.91 31.20 -12.74
N SER B 717 27.51 31.58 -11.60
CA SER B 717 28.94 31.84 -11.58
C SER B 717 29.75 30.58 -11.88
N LYS B 718 29.32 29.44 -11.35
CA LYS B 718 30.05 28.19 -11.54
C LYS B 718 30.11 27.83 -13.03
N HIS B 719 31.30 27.44 -13.48
CA HIS B 719 31.48 27.04 -14.87
C HIS B 719 31.12 25.55 -15.02
N GLU B 720 31.44 25.00 -16.19
CA GLU B 720 31.02 23.65 -16.51
C GLU B 720 32.01 22.61 -16.01
N LYS B 721 31.69 21.34 -16.28
CA LYS B 721 32.47 20.20 -15.80
C LYS B 721 33.20 19.48 -16.93
N GLU B 722 32.63 19.48 -18.14
CA GLU B 722 33.25 18.73 -19.24
C GLU B 722 34.61 19.29 -19.60
N THR B 723 34.73 20.62 -19.67
CA THR B 723 35.99 21.31 -19.95
C THR B 723 36.48 20.95 -21.36
N ASP B 724 37.56 21.60 -21.81
CA ASP B 724 38.21 21.28 -23.08
C ASP B 724 37.27 21.51 -24.26
N VAL B 725 36.21 20.72 -24.35
CA VAL B 725 35.28 20.83 -25.47
C VAL B 725 34.56 22.18 -25.45
N PHE B 726 34.16 22.63 -24.26
CA PHE B 726 33.35 23.84 -24.12
C PHE B 726 34.16 25.07 -23.76
N GLY B 727 35.14 24.95 -22.88
CA GLY B 727 36.10 26.03 -22.67
C GLY B 727 35.90 26.90 -21.45
N PHE B 728 35.63 26.28 -20.29
CA PHE B 728 35.61 26.93 -18.98
C PHE B 728 34.52 27.98 -18.81
N TYR B 729 33.58 28.09 -19.74
CA TYR B 729 32.48 29.05 -19.60
C TYR B 729 31.22 28.35 -19.14
N ASN B 730 30.23 29.16 -18.77
CA ASN B 730 28.92 28.63 -18.39
C ASN B 730 28.16 28.19 -19.63
N ALA B 731 27.66 26.96 -19.62
CA ALA B 731 26.97 26.44 -20.79
C ALA B 731 25.60 27.09 -20.97
N TRP B 732 24.87 27.30 -19.87
CA TRP B 732 23.53 27.86 -19.99
C TRP B 732 23.57 29.29 -20.50
N TRP B 733 24.39 30.15 -19.88
CA TRP B 733 24.43 31.55 -20.24
C TRP B 733 24.92 31.74 -21.68
N VAL B 734 26.07 31.15 -21.99
CA VAL B 734 26.65 31.32 -23.33
C VAL B 734 25.79 30.65 -24.37
N PHE B 735 25.18 29.51 -24.03
CA PHE B 735 24.30 28.83 -24.97
C PHE B 735 23.08 29.68 -25.29
N GLY B 736 22.48 30.30 -24.28
CA GLY B 736 21.38 31.21 -24.56
C GLY B 736 21.81 32.35 -25.46
N GLU B 737 22.96 32.95 -25.16
CA GLU B 737 23.42 34.08 -25.96
C GLU B 737 23.68 33.69 -27.42
N VAL B 738 24.33 32.55 -27.64
CA VAL B 738 24.63 32.13 -29.01
C VAL B 738 23.36 31.70 -29.73
N ALA B 739 22.46 30.99 -29.04
CA ALA B 739 21.24 30.52 -29.67
C ALA B 739 20.27 31.65 -30.00
N LYS B 740 20.39 32.80 -29.33
CA LYS B 740 19.61 33.96 -29.75
C LYS B 740 19.95 34.36 -31.19
N GLU B 741 21.24 34.33 -31.54
CA GLU B 741 21.65 34.72 -32.88
C GLU B 741 21.33 33.65 -33.92
N LEU B 742 21.57 32.38 -33.60
CA LEU B 742 21.47 31.28 -34.55
C LEU B 742 20.16 30.52 -34.43
N ASP B 743 19.06 31.22 -34.15
CA ASP B 743 17.79 30.56 -33.91
C ASP B 743 17.27 29.88 -35.17
N TYR B 744 16.77 28.66 -35.00
CA TYR B 744 16.04 27.94 -36.04
C TYR B 744 14.89 27.21 -35.38
N PRO B 745 13.80 26.94 -36.11
CA PRO B 745 12.65 26.30 -35.49
C PRO B 745 12.74 24.77 -35.46
N ILE B 746 12.43 24.19 -34.31
CA ILE B 746 12.38 22.74 -34.13
C ILE B 746 10.92 22.31 -34.12
N PHE B 747 10.65 21.17 -34.74
CA PHE B 747 9.30 20.61 -34.81
C PHE B 747 9.20 19.51 -33.76
N MET B 748 8.14 19.55 -32.96
CA MET B 748 7.92 18.54 -31.94
C MET B 748 6.48 18.04 -31.99
N ALA B 749 6.31 16.73 -31.80
CA ALA B 749 4.99 16.12 -31.82
C ALA B 749 5.05 14.83 -31.03
N GLU B 750 3.87 14.33 -30.65
CA GLU B 750 3.76 13.08 -29.92
C GLU B 750 2.72 12.20 -30.57
N ALA B 751 3.01 10.90 -30.60
CA ALA B 751 2.08 9.89 -31.06
C ALA B 751 1.51 9.16 -29.85
N GLU B 752 0.19 8.98 -29.85
CA GLU B 752 -0.48 8.24 -28.79
C GLU B 752 -0.62 6.76 -29.09
N ASN B 753 -0.93 6.42 -30.35
CA ASN B 753 -0.95 5.05 -30.81
C ASN B 753 -0.02 4.93 -32.02
N VAL B 754 0.35 3.70 -32.35
CA VAL B 754 1.30 3.45 -33.43
C VAL B 754 0.75 2.42 -34.39
N GLY B 755 -0.56 2.24 -34.42
CA GLY B 755 -1.19 1.33 -35.35
C GLY B 755 -1.19 -0.13 -34.95
N TYR B 756 -0.72 -0.44 -33.75
CA TYR B 756 -0.70 -1.82 -33.28
C TYR B 756 -0.57 -1.81 -31.77
N LYS B 757 -0.90 -2.96 -31.17
CA LYS B 757 -0.65 -3.18 -29.76
C LYS B 757 -0.21 -4.63 -29.58
N ARG B 758 1.04 -4.82 -29.19
CA ARG B 758 1.65 -6.14 -29.08
C ARG B 758 1.64 -6.55 -27.60
N THR B 759 0.55 -7.18 -27.19
CA THR B 759 0.53 -7.86 -25.90
C THR B 759 1.34 -9.15 -26.00
N LYS B 760 1.58 -9.77 -24.84
CA LYS B 760 2.30 -11.04 -24.84
C LYS B 760 1.59 -12.09 -25.68
N LYS B 761 0.25 -12.02 -25.75
CA LYS B 761 -0.50 -12.98 -26.54
C LYS B 761 -0.32 -12.74 -28.03
N GLY B 762 -0.63 -11.54 -28.51
CA GLY B 762 -0.55 -11.27 -29.93
C GLY B 762 -0.88 -9.82 -30.23
N GLU B 763 -0.86 -9.50 -31.52
CA GLU B 763 -1.10 -8.15 -32.00
C GLU B 763 -2.60 -7.90 -32.16
N LYS B 764 -2.99 -6.64 -31.95
CA LYS B 764 -4.36 -6.19 -32.18
C LYS B 764 -4.26 -4.81 -32.80
N PRO B 765 -4.89 -4.60 -33.96
CA PRO B 765 -4.76 -3.31 -34.64
C PRO B 765 -5.36 -2.17 -33.83
N MET B 766 -4.75 -0.99 -33.97
CA MET B 766 -5.16 0.23 -33.30
C MET B 766 -5.01 1.40 -34.28
N PRO B 767 -5.49 2.60 -33.95
CA PRO B 767 -5.23 3.74 -34.83
C PRO B 767 -3.75 3.98 -35.00
N ASN B 768 -3.37 4.47 -36.18
CA ASN B 768 -1.95 4.58 -36.52
C ASN B 768 -1.32 5.81 -35.89
N ASP B 769 -1.88 6.99 -36.16
CA ASP B 769 -1.44 8.28 -35.62
C ASP B 769 -0.08 8.71 -36.14
N LEU B 770 0.59 7.89 -36.94
CA LEU B 770 1.90 8.22 -37.51
C LEU B 770 1.81 8.46 -39.01
N TYR B 771 1.21 7.54 -39.74
CA TYR B 771 1.05 7.65 -41.19
C TYR B 771 -0.24 6.95 -41.57
N ASP B 772 -0.70 7.22 -42.79
CA ASP B 772 -1.94 6.64 -43.30
C ASP B 772 -1.65 5.91 -44.60
N LEU B 773 -2.10 4.67 -44.70
CA LEU B 773 -1.91 3.90 -45.93
C LEU B 773 -2.74 4.51 -47.06
N GLU B 774 -2.28 4.26 -48.28
CA GLU B 774 -2.97 4.82 -49.45
C GLU B 774 -4.38 4.27 -49.58
N TYR B 775 -4.55 2.96 -49.38
CA TYR B 775 -5.81 2.25 -49.43
C TYR B 775 -6.46 2.28 -50.81
N ALA B 776 -5.82 2.90 -51.81
CA ALA B 776 -6.36 3.00 -53.16
C ALA B 776 -5.21 3.11 -54.15
N PRO B 777 -5.02 2.10 -55.00
CA PRO B 777 -3.88 2.12 -55.92
C PRO B 777 -3.95 3.31 -56.88
N SER B 778 -2.78 3.79 -57.27
CA SER B 778 -2.71 4.85 -58.26
C SER B 778 -2.75 4.31 -59.69
N THR B 779 -2.74 2.99 -59.87
CA THR B 779 -2.82 2.37 -61.19
C THR B 779 -3.81 1.23 -61.12
N LEU B 780 -5.01 1.44 -61.64
CA LEU B 780 -6.04 0.40 -61.68
C LEU B 780 -6.39 0.12 -63.13
N ASP B 781 -6.36 -1.16 -63.51
CA ASP B 781 -6.58 -1.60 -64.88
C ASP B 781 -8.01 -2.08 -65.02
N CYS B 782 -8.76 -1.48 -65.95
CA CYS B 782 -10.14 -1.90 -66.18
C CYS B 782 -10.20 -3.29 -66.80
N GLU B 783 -9.31 -3.57 -67.75
CA GLU B 783 -9.33 -4.87 -68.43
C GLU B 783 -8.89 -6.01 -67.52
N LYS B 784 -8.16 -5.72 -66.45
CA LYS B 784 -7.77 -6.77 -65.52
C LYS B 784 -8.93 -7.22 -64.65
N VAL B 785 -9.82 -6.31 -64.29
CA VAL B 785 -10.97 -6.64 -63.46
C VAL B 785 -12.21 -6.94 -64.31
N LEU B 786 -12.14 -6.65 -65.61
CA LEU B 786 -13.32 -6.78 -66.47
C LEU B 786 -13.34 -8.06 -67.29
N SER B 787 -12.32 -8.27 -68.15
CA SER B 787 -12.38 -9.37 -69.11
C SER B 787 -12.27 -10.72 -68.42
N SER B 788 -11.29 -10.88 -67.52
CA SER B 788 -11.13 -12.14 -66.83
C SER B 788 -12.34 -12.47 -65.97
N PHE B 789 -12.90 -11.45 -65.31
CA PHE B 789 -14.10 -11.67 -64.50
C PHE B 789 -15.29 -12.09 -65.36
N ASP B 790 -15.46 -11.48 -66.53
CA ASP B 790 -16.59 -11.83 -67.37
C ASP B 790 -16.39 -13.14 -68.12
N ILE B 791 -15.15 -13.63 -68.22
CA ILE B 791 -14.93 -14.90 -68.90
C ILE B 791 -15.67 -16.03 -68.18
N GLU B 792 -15.56 -16.08 -66.86
CA GLU B 792 -16.27 -17.12 -66.12
C GLU B 792 -17.77 -17.02 -66.31
N ILE B 793 -18.31 -15.80 -66.24
CA ILE B 793 -19.77 -15.64 -66.28
C ILE B 793 -20.31 -15.96 -67.66
N ASN B 794 -19.60 -15.57 -68.74
CA ASN B 794 -20.13 -15.86 -70.06
C ASN B 794 -19.89 -17.31 -70.46
N ALA B 795 -18.82 -17.95 -69.96
CA ALA B 795 -18.67 -19.38 -70.16
C ALA B 795 -19.78 -20.15 -69.46
N LEU B 796 -20.13 -19.74 -68.24
CA LEU B 796 -21.26 -20.36 -67.55
C LEU B 796 -22.58 -20.08 -68.27
N GLU B 797 -22.72 -18.90 -68.86
CA GLU B 797 -23.93 -18.61 -69.64
C GLU B 797 -24.04 -19.53 -70.85
N ALA B 798 -22.94 -19.73 -71.57
CA ALA B 798 -22.96 -20.65 -72.70
C ALA B 798 -23.25 -22.08 -72.25
N SER B 799 -22.64 -22.49 -71.13
CA SER B 799 -22.88 -23.83 -70.62
C SER B 799 -24.34 -24.04 -70.23
N LYS B 800 -24.94 -23.03 -69.57
CA LYS B 800 -26.34 -23.16 -69.18
C LYS B 800 -27.27 -23.06 -70.38
N THR B 801 -26.87 -22.35 -71.43
CA THR B 801 -27.66 -22.36 -72.66
C THR B 801 -27.65 -23.74 -73.31
N LYS B 802 -26.47 -24.36 -73.39
CA LYS B 802 -26.41 -25.72 -73.93
C LYS B 802 -27.19 -26.70 -73.06
N LEU B 803 -27.11 -26.54 -71.74
CA LEU B 803 -27.89 -27.36 -70.83
C LEU B 803 -29.38 -27.15 -71.03
N SER B 804 -29.81 -25.91 -71.27
CA SER B 804 -31.21 -25.65 -71.54
C SER B 804 -31.67 -26.33 -72.83
N VAL B 805 -30.83 -26.28 -73.87
CA VAL B 805 -31.19 -26.95 -75.13
C VAL B 805 -31.34 -28.45 -74.92
N GLU B 806 -30.37 -29.07 -74.25
CA GLU B 806 -30.44 -30.51 -74.03
C GLU B 806 -31.60 -30.86 -73.09
N LYS B 807 -31.91 -29.98 -72.13
CA LYS B 807 -33.06 -30.18 -71.26
C LYS B 807 -34.36 -30.12 -72.04
N GLY B 808 -34.46 -29.20 -73.00
CA GLY B 808 -35.63 -29.15 -73.85
C GLY B 808 -35.78 -30.40 -74.70
N LEU B 809 -34.67 -30.89 -75.25
CA LEU B 809 -34.71 -32.14 -76.02
C LEU B 809 -35.18 -33.30 -75.14
N LEU B 810 -34.66 -33.39 -73.92
CA LEU B 810 -35.12 -34.41 -72.99
C LEU B 810 -36.59 -34.22 -72.63
N GLU B 811 -37.03 -32.97 -72.51
CA GLU B 811 -38.43 -32.69 -72.21
C GLU B 811 -39.33 -33.22 -73.31
N GLU B 812 -38.96 -32.99 -74.57
CA GLU B 812 -39.76 -33.52 -75.67
C GLU B 812 -39.73 -35.05 -75.69
N LYS B 813 -38.53 -35.64 -75.53
CA LYS B 813 -38.42 -37.09 -75.61
C LYS B 813 -39.14 -37.76 -74.45
N LEU B 814 -39.43 -37.02 -73.38
CA LEU B 814 -40.29 -37.54 -72.32
C LEU B 814 -41.76 -37.18 -72.55
N LYS B 815 -42.03 -36.12 -73.30
CA LYS B 815 -43.41 -35.81 -73.66
C LYS B 815 -44.00 -36.88 -74.56
N ASP B 816 -43.21 -37.47 -75.45
CA ASP B 816 -43.72 -38.61 -76.21
C ASP B 816 -43.60 -39.93 -75.44
N LYS B 817 -43.39 -39.87 -74.13
CA LYS B 817 -43.35 -41.06 -73.28
C LYS B 817 -44.58 -41.09 -72.37
N GLU B 818 -44.71 -42.20 -71.64
CA GLU B 818 -45.86 -42.40 -70.76
C GLU B 818 -45.58 -41.81 -69.38
N ASP B 819 -46.59 -41.15 -68.83
CA ASP B 819 -46.37 -40.21 -67.73
C ASP B 819 -46.07 -40.91 -66.41
N LYS B 820 -46.70 -42.06 -66.15
CA LYS B 820 -46.61 -42.67 -64.84
C LYS B 820 -45.17 -43.01 -64.47
N GLU B 821 -44.45 -43.69 -65.37
CA GLU B 821 -43.03 -43.94 -65.13
C GLU B 821 -42.19 -42.70 -65.35
N ASN B 822 -42.72 -41.70 -66.08
CA ASN B 822 -41.96 -40.50 -66.37
C ASN B 822 -41.82 -39.63 -65.11
N GLU B 823 -42.81 -39.67 -64.23
CA GLU B 823 -42.94 -38.68 -63.16
C GLU B 823 -41.66 -38.50 -62.36
N LYS B 824 -40.98 -39.60 -62.04
CA LYS B 824 -39.78 -39.52 -61.19
C LYS B 824 -38.68 -38.71 -61.87
N ILE B 825 -38.32 -39.07 -63.10
CA ILE B 825 -37.28 -38.33 -63.80
C ILE B 825 -37.74 -36.96 -64.26
N GLN B 826 -39.05 -36.75 -64.41
CA GLN B 826 -39.57 -35.41 -64.65
C GLN B 826 -39.33 -34.51 -63.43
N LYS B 827 -39.57 -35.04 -62.23
CA LYS B 827 -39.25 -34.30 -61.02
C LYS B 827 -37.74 -34.07 -60.91
N ARG B 828 -36.94 -35.04 -61.32
CA ARG B 828 -35.49 -34.85 -61.34
C ARG B 828 -35.09 -33.74 -62.29
N LEU B 829 -35.73 -33.67 -63.46
CA LEU B 829 -35.48 -32.57 -64.39
C LEU B 829 -35.93 -31.24 -63.80
N ASN B 830 -37.01 -31.25 -63.02
CA ASN B 830 -37.42 -30.03 -62.33
C ASN B 830 -36.36 -29.59 -61.32
N LYS B 831 -35.76 -30.54 -60.61
CA LYS B 831 -34.66 -30.22 -59.71
C LYS B 831 -33.47 -29.64 -60.48
N ILE B 832 -33.18 -30.21 -61.64
CA ILE B 832 -32.10 -29.67 -62.48
C ILE B 832 -32.43 -28.24 -62.89
N SER B 833 -33.68 -27.99 -63.27
CA SER B 833 -34.10 -26.65 -63.69
C SER B 833 -33.98 -25.65 -62.55
N GLU B 834 -34.38 -26.04 -61.33
CA GLU B 834 -34.28 -25.12 -60.21
C GLU B 834 -32.83 -24.88 -59.82
N LEU B 835 -31.98 -25.90 -59.95
CA LEU B 835 -30.55 -25.68 -59.75
C LEU B 835 -30.00 -24.68 -60.77
N LEU B 836 -30.40 -24.82 -62.03
CA LEU B 836 -29.95 -23.87 -63.05
C LEU B 836 -30.45 -22.46 -62.75
N GLU B 837 -31.71 -22.32 -62.35
CA GLU B 837 -32.23 -20.98 -62.11
C GLU B 837 -31.55 -20.34 -60.89
N THR B 838 -31.27 -21.12 -59.84
CA THR B 838 -30.60 -20.54 -58.69
C THR B 838 -29.14 -20.20 -59.00
N ILE B 839 -28.44 -21.03 -59.79
CA ILE B 839 -27.05 -20.72 -60.10
C ILE B 839 -26.98 -19.45 -60.97
N GLU B 840 -27.83 -19.36 -62.00
CA GLU B 840 -27.86 -18.13 -62.78
C GLU B 840 -28.34 -16.97 -61.92
N ASN B 841 -29.08 -17.25 -60.85
CA ASN B 841 -29.47 -16.18 -59.93
C ASN B 841 -28.25 -15.59 -59.23
N GLN B 842 -27.34 -16.44 -58.72
CA GLN B 842 -26.18 -15.79 -58.08
C GLN B 842 -25.22 -15.20 -59.12
N LEU B 843 -25.18 -15.74 -60.34
CA LEU B 843 -24.43 -15.05 -61.39
C LEU B 843 -25.00 -13.67 -61.69
N ASP B 844 -26.33 -13.55 -61.76
CA ASP B 844 -26.91 -12.22 -61.93
C ASP B 844 -26.65 -11.33 -60.73
N SER B 845 -26.65 -11.91 -59.53
CA SER B 845 -26.37 -11.13 -58.33
C SER B 845 -24.95 -10.57 -58.34
N ILE B 846 -23.97 -11.38 -58.73
CA ILE B 846 -22.59 -10.88 -58.80
C ILE B 846 -22.38 -9.98 -60.01
N ARG B 847 -23.19 -10.12 -61.05
CA ARG B 847 -23.13 -9.14 -62.14
C ARG B 847 -23.55 -7.76 -61.67
N SER B 848 -24.44 -7.69 -60.67
CA SER B 848 -24.85 -6.41 -60.12
C SER B 848 -23.67 -5.70 -59.44
N LYS B 849 -22.92 -6.43 -58.62
CA LYS B 849 -21.75 -5.81 -57.99
C LYS B 849 -20.66 -5.53 -58.99
N LYS B 850 -20.56 -6.34 -60.05
CA LYS B 850 -19.68 -6.00 -61.17
C LYS B 850 -20.05 -4.65 -61.76
N LEU B 851 -21.34 -4.45 -62.01
CA LEU B 851 -21.79 -3.19 -62.57
C LEU B 851 -21.51 -2.03 -61.63
N GLU B 852 -21.72 -2.23 -60.32
CA GLU B 852 -21.52 -1.12 -59.39
C GLU B 852 -20.03 -0.78 -59.25
N VAL B 853 -19.16 -1.79 -59.26
CA VAL B 853 -17.72 -1.48 -59.17
C VAL B 853 -17.22 -0.86 -60.47
N GLU B 854 -17.82 -1.24 -61.60
CA GLU B 854 -17.50 -0.56 -62.85
C GLU B 854 -17.93 0.91 -62.79
N GLY B 855 -19.09 1.17 -62.20
CA GLY B 855 -19.52 2.54 -62.01
C GLY B 855 -18.60 3.33 -61.11
N ILE B 856 -18.12 2.70 -60.03
CA ILE B 856 -17.15 3.35 -59.15
C ILE B 856 -15.86 3.65 -59.91
N LEU B 857 -15.39 2.70 -60.72
CA LEU B 857 -14.18 2.91 -61.50
C LEU B 857 -14.36 4.08 -62.46
N GLU B 858 -15.50 4.16 -63.12
CA GLU B 858 -15.77 5.29 -64.00
C GLU B 858 -15.85 6.60 -63.24
N LYS B 859 -16.44 6.59 -62.04
CA LYS B 859 -16.60 7.82 -61.26
C LYS B 859 -15.27 8.35 -60.74
N TYR B 860 -14.40 7.47 -60.24
CA TYR B 860 -13.19 7.90 -59.54
C TYR B 860 -11.95 7.89 -60.42
N TYR B 861 -11.92 7.11 -61.50
CA TYR B 861 -10.73 6.95 -62.30
C TYR B 861 -10.91 7.57 -63.67
N GLU B 862 -9.83 8.15 -64.19
CA GLU B 862 -9.79 8.71 -65.53
C GLU B 862 -8.51 8.23 -66.20
N ASN B 863 -8.64 7.28 -67.12
CA ASN B 863 -7.49 6.67 -67.80
C ASN B 863 -6.53 6.03 -66.80
N ASN B 864 -7.10 5.22 -65.89
CA ASN B 864 -6.38 4.45 -64.89
C ASN B 864 -5.61 5.31 -63.90
N LYS B 865 -5.88 6.62 -63.87
CA LYS B 865 -5.18 7.55 -62.99
C LYS B 865 -6.14 8.13 -61.97
N LEU B 866 -5.70 8.21 -60.72
CA LEU B 866 -6.46 8.92 -59.71
C LEU B 866 -6.44 10.41 -60.00
N LYS B 867 -7.61 11.04 -59.95
CA LYS B 867 -7.70 12.46 -60.21
C LYS B 867 -7.09 13.24 -59.04
N GLU B 868 -6.74 14.50 -59.30
CA GLU B 868 -6.05 15.31 -58.31
C GLU B 868 -6.89 15.49 -57.05
N GLU B 869 -8.21 15.62 -57.19
CA GLU B 869 -9.06 15.73 -56.01
C GLU B 869 -9.13 14.42 -55.24
N TYR B 870 -8.92 13.28 -55.91
CA TYR B 870 -8.86 11.99 -55.25
C TYR B 870 -7.44 11.47 -55.09
N SER B 871 -6.43 12.25 -55.49
CA SER B 871 -5.04 11.82 -55.33
C SER B 871 -4.69 11.67 -53.86
N GLU B 872 -5.04 12.66 -53.05
CA GLU B 872 -4.83 12.60 -51.61
C GLU B 872 -6.06 11.96 -50.99
N ARG B 873 -5.88 10.76 -50.44
CA ARG B 873 -7.01 9.92 -50.03
C ARG B 873 -7.61 10.42 -48.72
N ASP B 874 -8.09 11.66 -48.75
CA ASP B 874 -8.88 12.18 -47.64
C ASP B 874 -10.34 11.76 -47.76
N ASP B 875 -10.75 11.28 -48.93
CA ASP B 875 -12.12 10.81 -49.15
C ASP B 875 -12.31 9.43 -48.53
N GLU B 876 -13.00 9.38 -47.39
CA GLU B 876 -13.24 8.10 -46.72
C GLU B 876 -14.14 7.18 -47.55
N GLU B 877 -14.91 7.76 -48.47
CA GLU B 877 -15.87 6.98 -49.25
C GLU B 877 -15.17 6.02 -50.19
N LEU B 878 -14.18 6.52 -50.96
CA LEU B 878 -13.41 5.67 -51.85
C LEU B 878 -12.61 4.63 -51.06
N ILE B 879 -12.02 5.05 -49.93
CA ILE B 879 -11.28 4.11 -49.09
C ILE B 879 -12.18 2.97 -48.65
N ASN B 880 -13.39 3.30 -48.18
CA ASN B 880 -14.32 2.27 -47.77
C ASN B 880 -14.76 1.40 -48.95
N HIS B 881 -14.79 1.96 -50.16
CA HIS B 881 -15.00 1.13 -51.33
C HIS B 881 -13.92 0.07 -51.47
N PHE B 882 -12.64 0.48 -51.38
CA PHE B 882 -11.58 -0.50 -51.62
C PHE B 882 -11.48 -1.54 -50.52
N LYS B 883 -11.62 -1.15 -49.25
CA LYS B 883 -11.52 -2.12 -48.16
C LYS B 883 -12.90 -2.66 -47.77
N HIS B 884 -13.63 -3.14 -48.76
CA HIS B 884 -14.89 -3.82 -48.52
C HIS B 884 -15.25 -4.65 -49.74
N GLY B 885 -16.14 -5.62 -49.54
CA GLY B 885 -16.62 -6.43 -50.64
C GLY B 885 -15.51 -7.22 -51.30
N VAL B 886 -15.50 -7.22 -52.64
CA VAL B 886 -14.51 -7.98 -53.40
C VAL B 886 -13.31 -7.14 -53.80
N LEU B 887 -13.29 -5.86 -53.48
CA LEU B 887 -12.17 -4.99 -53.80
C LEU B 887 -11.00 -5.14 -52.83
N TYR B 888 -11.00 -6.19 -52.00
CA TYR B 888 -9.87 -6.46 -51.13
C TYR B 888 -8.59 -6.64 -51.93
N GLN B 889 -8.69 -7.24 -53.12
CA GLN B 889 -7.53 -7.39 -53.97
C GLN B 889 -7.19 -6.06 -54.65
N TYR B 890 -5.98 -6.01 -55.21
CA TYR B 890 -5.43 -4.83 -55.88
C TYR B 890 -5.29 -3.63 -54.94
N ARG B 891 -5.35 -3.85 -53.63
CA ARG B 891 -5.18 -2.77 -52.68
C ARG B 891 -3.74 -2.25 -52.71
N SER B 892 -3.56 -1.03 -52.22
CA SER B 892 -2.24 -0.44 -52.05
C SER B 892 -2.00 -0.22 -50.57
N GLU B 893 -1.08 -0.98 -50.00
CA GLU B 893 -0.71 -0.87 -48.60
C GLU B 893 0.46 0.08 -48.38
N ASP B 894 0.88 0.80 -49.41
CA ASP B 894 1.99 1.73 -49.30
C ASP B 894 1.60 2.92 -48.44
N ILE B 895 2.61 3.62 -47.93
CA ILE B 895 2.39 4.82 -47.13
C ILE B 895 2.09 5.98 -48.06
N LEU B 896 1.06 6.75 -47.71
CA LEU B 896 0.57 7.84 -48.54
C LEU B 896 1.26 9.15 -48.16
N LEU B 897 1.84 9.82 -49.15
CA LEU B 897 2.55 11.08 -48.96
C LEU B 897 1.69 12.18 -49.56
N ARG B 898 0.89 12.84 -48.72
CA ARG B 898 -0.13 13.76 -49.22
C ARG B 898 0.46 15.07 -49.73
N ASN B 899 1.43 15.63 -49.00
CA ASN B 899 2.24 16.76 -49.46
C ASN B 899 1.46 18.07 -49.50
N LYS B 900 0.14 18.01 -49.28
CA LYS B 900 -0.66 19.23 -49.19
C LYS B 900 -1.65 19.25 -48.04
N THR B 901 -2.03 18.11 -47.48
CA THR B 901 -2.99 18.05 -46.37
C THR B 901 -2.31 17.42 -45.17
N VAL B 902 -2.47 18.04 -44.01
CA VAL B 902 -1.83 17.57 -42.78
C VAL B 902 -2.91 16.97 -41.89
N HIS B 903 -2.83 15.65 -41.68
CA HIS B 903 -3.68 14.93 -40.76
C HIS B 903 -2.91 14.14 -39.73
N LYS B 904 -1.80 13.53 -40.12
CA LYS B 904 -1.01 12.66 -39.26
C LYS B 904 0.44 13.11 -39.30
N ILE B 905 1.20 12.68 -38.28
CA ILE B 905 2.48 13.31 -37.96
C ILE B 905 3.42 13.30 -39.17
N LEU B 906 3.39 12.23 -39.96
CA LEU B 906 4.31 12.14 -41.09
C LEU B 906 4.08 13.24 -42.10
N ASP B 907 2.82 13.68 -42.27
CA ASP B 907 2.54 14.76 -43.20
C ASP B 907 3.17 16.07 -42.73
N GLU B 908 3.05 16.37 -41.42
CA GLU B 908 3.72 17.55 -40.89
C GLU B 908 5.23 17.44 -40.96
N ILE B 909 5.78 16.22 -40.83
CA ILE B 909 7.21 16.05 -41.07
C ILE B 909 7.56 16.41 -42.51
N ARG B 910 6.82 15.86 -43.46
CA ARG B 910 7.19 16.03 -44.86
C ARG B 910 6.89 17.41 -45.39
N GLN B 911 6.07 18.20 -44.69
CA GLN B 911 5.80 19.57 -45.15
C GLN B 911 6.49 20.64 -44.32
N GLY B 912 6.47 20.54 -42.99
CA GLY B 912 6.94 21.64 -42.16
C GLY B 912 8.44 21.84 -42.20
N VAL B 913 9.20 20.76 -42.09
CA VAL B 913 10.65 20.87 -41.96
C VAL B 913 11.28 20.90 -43.34
N ILE B 914 12.39 21.62 -43.44
CA ILE B 914 13.14 21.75 -44.68
C ILE B 914 14.55 21.20 -44.46
N TRP B 915 15.01 20.36 -45.37
CA TRP B 915 16.30 19.70 -45.26
C TRP B 915 17.27 20.40 -46.22
N ASP B 916 17.98 21.40 -45.72
CA ASP B 916 19.00 22.09 -46.49
C ASP B 916 19.90 22.93 -45.60
N GLY C 2 -26.07 3.09 31.05
CA GLY C 2 -27.10 2.94 32.08
C GLY C 2 -28.38 2.32 31.56
N LEU C 3 -28.34 1.01 31.32
CA LEU C 3 -29.51 0.28 30.82
C LEU C 3 -29.50 -1.10 31.48
N ILE C 4 -30.47 -1.34 32.35
CA ILE C 4 -30.58 -2.60 33.08
C ILE C 4 -31.66 -3.45 32.42
N GLN C 5 -31.34 -4.71 32.13
CA GLN C 5 -32.24 -5.58 31.39
C GLN C 5 -32.83 -6.71 32.23
N ARG C 6 -32.02 -7.36 33.06
N ARG C 6 -32.03 -7.36 33.07
CA ARG C 6 -32.48 -8.44 33.94
CA ARG C 6 -32.49 -8.44 33.94
C ARG C 6 -33.11 -9.59 33.14
C ARG C 6 -33.11 -9.59 33.14
N ARG C 7 -32.28 -10.22 32.31
CA ARG C 7 -32.72 -11.37 31.54
C ARG C 7 -32.76 -12.62 32.42
N ASN C 8 -33.16 -13.73 31.83
CA ASN C 8 -33.25 -15.02 32.51
C ASN C 8 -32.12 -15.93 32.06
N PHE C 9 -31.88 -16.98 32.85
CA PHE C 9 -30.89 -17.99 32.48
C PHE C 9 -31.33 -18.73 31.22
N SER C 10 -32.60 -19.13 31.16
CA SER C 10 -33.08 -19.93 30.04
C SER C 10 -32.98 -19.20 28.72
N THR C 11 -33.03 -17.86 28.75
CA THR C 11 -32.90 -17.09 27.52
C THR C 11 -31.50 -17.13 26.94
N PHE C 12 -30.51 -17.64 27.68
CA PHE C 12 -29.17 -17.75 27.13
C PHE C 12 -29.11 -18.80 26.02
N ALA C 13 -29.91 -19.85 26.13
CA ALA C 13 -29.94 -20.91 25.12
C ALA C 13 -30.94 -20.62 24.01
N SER C 14 -30.84 -19.43 23.43
CA SER C 14 -31.63 -19.07 22.25
C SER C 14 -30.79 -19.02 20.99
N GLU C 15 -29.48 -19.23 21.11
CA GLU C 15 -28.56 -19.21 19.98
C GLU C 15 -27.62 -20.39 20.12
N PRO C 16 -27.25 -21.04 19.00
CA PRO C 16 -26.52 -22.31 19.10
C PRO C 16 -25.17 -22.20 19.78
N SER C 17 -24.58 -21.02 19.88
CA SER C 17 -23.31 -20.83 20.57
C SER C 17 -23.49 -20.25 21.96
N VAL C 18 -24.70 -20.31 22.52
CA VAL C 18 -25.07 -19.83 23.85
C VAL C 18 -24.37 -18.54 24.22
N ARG C 19 -24.55 -17.50 23.40
CA ARG C 19 -23.98 -16.20 23.71
C ARG C 19 -24.64 -15.59 24.95
N PHE C 20 -23.89 -14.74 25.64
CA PHE C 20 -24.49 -13.86 26.64
C PHE C 20 -23.65 -12.58 26.71
N ASP C 21 -24.23 -11.49 26.22
CA ASP C 21 -23.62 -10.16 26.27
C ASP C 21 -24.74 -9.15 26.14
N PHE C 22 -24.45 -7.90 26.49
CA PHE C 22 -25.53 -6.91 26.54
C PHE C 22 -26.19 -6.75 25.18
N ASN C 23 -25.40 -6.69 24.11
CA ASN C 23 -25.99 -6.78 22.78
C ASN C 23 -26.45 -8.20 22.51
N TYR C 24 -27.52 -8.31 21.72
CA TYR C 24 -28.21 -9.56 21.38
C TYR C 24 -29.04 -10.09 22.53
N MET C 25 -28.89 -9.53 23.73
CA MET C 25 -29.84 -9.80 24.79
C MET C 25 -30.71 -8.59 25.11
N LYS C 26 -30.30 -7.40 24.67
CA LYS C 26 -31.25 -6.31 24.56
C LYS C 26 -32.33 -6.65 23.54
N SER C 27 -31.94 -7.33 22.45
CA SER C 27 -32.89 -7.73 21.42
C SER C 27 -33.75 -8.91 21.86
N VAL C 28 -33.15 -9.90 22.52
CA VAL C 28 -33.91 -11.03 23.02
C VAL C 28 -34.83 -10.55 24.13
N THR C 29 -36.13 -10.71 23.95
CA THR C 29 -37.13 -10.16 24.86
C THR C 29 -38.08 -11.25 25.32
N PRO C 30 -38.61 -11.13 26.54
CA PRO C 30 -39.59 -12.12 27.00
C PRO C 30 -40.84 -12.17 26.15
N THR C 31 -41.25 -11.03 25.58
CA THR C 31 -42.47 -11.00 24.78
C THR C 31 -42.29 -11.81 23.50
N THR C 32 -43.34 -12.53 23.13
CA THR C 32 -43.36 -13.37 21.94
C THR C 32 -44.37 -12.82 20.94
N GLU C 33 -43.97 -12.74 19.68
CA GLU C 33 -44.82 -12.23 18.62
C GLU C 33 -44.69 -13.14 17.40
N GLU C 34 -45.62 -12.97 16.46
CA GLU C 34 -45.51 -13.67 15.19
C GLU C 34 -44.31 -13.15 14.42
N TYR C 35 -43.58 -14.07 13.79
CA TYR C 35 -42.31 -13.71 13.16
C TYR C 35 -42.08 -14.56 11.93
N TYR C 36 -41.19 -14.07 11.06
CA TYR C 36 -40.76 -14.78 9.87
C TYR C 36 -39.27 -15.09 9.97
N THR C 37 -38.87 -16.18 9.33
CA THR C 37 -37.46 -16.54 9.22
C THR C 37 -36.95 -16.19 7.83
N TYR C 38 -35.66 -16.39 7.61
CA TYR C 38 -35.07 -16.10 6.31
C TYR C 38 -35.57 -17.06 5.23
N LYS C 39 -36.14 -18.20 5.62
CA LYS C 39 -36.69 -19.13 4.64
C LYS C 39 -37.82 -18.50 3.84
N SER C 40 -38.52 -17.54 4.43
CA SER C 40 -39.69 -16.94 3.80
C SER C 40 -39.41 -15.59 3.15
N LEU C 41 -38.38 -14.88 3.60
CA LEU C 41 -38.13 -13.54 3.10
C LEU C 41 -36.88 -13.42 2.23
N PHE C 42 -36.01 -14.42 2.22
CA PHE C 42 -34.73 -14.29 1.53
C PHE C 42 -34.20 -15.67 1.18
N GLU C 43 -32.99 -15.69 0.66
CA GLU C 43 -32.21 -16.92 0.47
C GLU C 43 -30.78 -16.51 0.19
N VAL C 44 -29.84 -17.11 0.92
CA VAL C 44 -28.43 -16.73 0.78
C VAL C 44 -27.84 -17.43 -0.43
N VAL C 45 -27.32 -16.66 -1.37
CA VAL C 45 -26.72 -17.18 -2.60
C VAL C 45 -25.25 -17.46 -2.31
N PRO C 46 -24.79 -18.70 -2.43
CA PRO C 46 -23.38 -18.98 -2.18
C PRO C 46 -22.48 -18.32 -3.21
N SER C 47 -21.29 -17.94 -2.77
CA SER C 47 -20.34 -17.28 -3.64
C SER C 47 -19.70 -18.27 -4.61
N THR C 48 -19.50 -17.83 -5.84
CA THR C 48 -18.85 -18.61 -6.87
C THR C 48 -17.83 -17.74 -7.60
N VAL C 49 -16.75 -18.37 -8.05
CA VAL C 49 -15.70 -17.64 -8.77
C VAL C 49 -16.02 -17.67 -10.26
N PRO C 50 -16.29 -16.53 -10.87
CA PRO C 50 -16.59 -16.50 -12.30
C PRO C 50 -15.36 -16.24 -13.15
N THR C 51 -15.35 -16.86 -14.33
CA THR C 51 -14.26 -16.68 -15.27
C THR C 51 -14.25 -15.24 -15.79
N LEU C 52 -13.04 -14.68 -15.91
CA LEU C 52 -12.89 -13.29 -16.32
C LEU C 52 -11.79 -13.18 -17.37
N ASP C 53 -12.02 -12.34 -18.37
CA ASP C 53 -10.99 -12.01 -19.35
C ASP C 53 -9.98 -11.05 -18.74
N GLU C 54 -8.70 -11.33 -18.94
CA GLU C 54 -7.66 -10.49 -18.37
C GLU C 54 -7.61 -9.13 -19.07
N SER C 55 -7.83 -9.11 -20.39
CA SER C 55 -7.69 -7.87 -21.15
C SER C 55 -8.84 -6.90 -20.84
N GLU C 56 -10.06 -7.40 -20.79
CA GLU C 56 -11.22 -6.54 -20.60
C GLU C 56 -11.22 -5.96 -19.20
N PRO C 57 -11.29 -4.64 -19.03
CA PRO C 57 -11.22 -4.07 -17.69
C PRO C 57 -12.43 -4.45 -16.84
N PHE C 58 -12.21 -4.52 -15.53
CA PHE C 58 -13.25 -4.89 -14.57
C PHE C 58 -13.37 -3.81 -13.51
N LYS C 59 -14.58 -3.67 -12.97
CA LYS C 59 -14.88 -2.72 -11.91
C LYS C 59 -14.87 -3.45 -10.58
N TYR C 60 -14.05 -2.98 -9.64
CA TYR C 60 -13.85 -3.66 -8.36
C TYR C 60 -13.93 -2.65 -7.22
N ALA C 61 -14.45 -3.10 -6.08
CA ALA C 61 -14.57 -2.28 -4.90
C ALA C 61 -14.26 -3.11 -3.65
N GLU C 62 -13.70 -2.47 -2.62
CA GLU C 62 -13.36 -3.12 -1.36
C GLU C 62 -13.93 -2.29 -0.21
N ILE C 63 -15.19 -2.54 0.13
CA ILE C 63 -15.81 -2.00 1.33
C ILE C 63 -15.77 -0.47 1.34
N GLY C 64 -14.56 0.10 1.41
CA GLY C 64 -14.44 1.54 1.52
C GLY C 64 -14.98 2.30 0.32
N HIS C 65 -14.87 1.72 -0.87
CA HIS C 65 -15.42 2.37 -2.06
C HIS C 65 -16.94 2.52 -1.96
N VAL C 66 -17.61 1.51 -1.41
CA VAL C 66 -19.04 1.61 -1.19
C VAL C 66 -19.31 2.63 -0.09
N SER C 67 -20.23 3.55 -0.36
CA SER C 67 -20.59 4.59 0.58
C SER C 67 -21.69 4.12 1.52
N LYS C 68 -21.82 4.82 2.64
CA LYS C 68 -22.85 4.47 3.62
C LYS C 68 -24.26 4.66 3.07
N ASN C 69 -24.42 5.55 2.08
CA ASN C 69 -25.74 5.82 1.53
C ASN C 69 -26.16 4.83 0.46
N GLY C 70 -25.26 3.94 0.05
CA GLY C 70 -25.64 2.87 -0.87
C GLY C 70 -25.25 3.08 -2.31
N GLU C 71 -24.29 3.96 -2.57
CA GLU C 71 -23.79 4.20 -3.92
C GLU C 71 -22.38 3.63 -4.04
N VAL C 72 -22.18 2.79 -5.04
CA VAL C 72 -20.90 2.11 -5.23
C VAL C 72 -19.99 2.99 -6.07
N PHE C 73 -18.70 3.01 -5.71
CA PHE C 73 -17.69 3.81 -6.40
C PHE C 73 -16.58 2.87 -6.88
N PRO C 74 -16.85 2.05 -7.90
CA PRO C 74 -15.87 1.05 -8.33
C PRO C 74 -14.66 1.69 -8.97
N VAL C 75 -13.54 0.96 -8.93
CA VAL C 75 -12.34 1.33 -9.66
C VAL C 75 -12.17 0.37 -10.83
N THR C 76 -11.74 0.89 -11.97
CA THR C 76 -11.60 0.12 -13.20
C THR C 76 -10.15 -0.31 -13.34
N LEU C 77 -9.93 -1.63 -13.37
CA LEU C 77 -8.57 -2.18 -13.38
C LEU C 77 -8.50 -3.33 -14.38
N SER C 78 -7.30 -3.59 -14.88
CA SER C 78 -7.06 -4.67 -15.82
C SER C 78 -5.95 -5.57 -15.30
N PHE C 79 -6.04 -6.85 -15.66
CA PHE C 79 -5.12 -7.84 -15.10
C PHE C 79 -3.68 -7.59 -15.50
N GLU C 80 -3.45 -7.25 -16.78
CA GLU C 80 -2.09 -7.15 -17.29
C GLU C 80 -1.40 -5.84 -16.91
N ASP C 81 -2.07 -4.97 -16.16
CA ASP C 81 -1.43 -3.72 -15.74
C ASP C 81 -0.23 -4.00 -14.83
N ARG C 82 -0.39 -4.93 -13.90
CA ARG C 82 0.64 -5.21 -12.88
C ARG C 82 1.03 -3.93 -12.15
N ASP C 83 0.03 -3.10 -11.86
CA ASP C 83 0.27 -1.81 -11.23
C ASP C 83 0.82 -2.01 -9.82
N GLU C 84 1.69 -1.09 -9.41
CA GLU C 84 2.37 -1.23 -8.12
C GLU C 84 1.38 -1.22 -6.96
N LEU C 85 0.41 -0.31 -7.01
CA LEU C 85 -0.64 -0.31 -6.01
C LEU C 85 -1.56 -1.51 -6.16
N ASN C 86 -1.67 -2.04 -7.37
CA ASN C 86 -2.60 -3.12 -7.67
C ASN C 86 -2.07 -4.50 -7.32
N GLU C 87 -0.83 -4.61 -6.85
CA GLU C 87 -0.25 -5.93 -6.59
C GLU C 87 -1.03 -6.67 -5.52
N ASP C 88 -1.35 -6.01 -4.41
CA ASP C 88 -2.11 -6.66 -3.34
C ASP C 88 -3.54 -6.95 -3.77
N LEU C 89 -4.16 -6.06 -4.54
CA LEU C 89 -5.50 -6.36 -5.07
C LEU C 89 -5.48 -7.59 -5.95
N PHE C 90 -4.48 -7.72 -6.84
CA PHE C 90 -4.40 -8.90 -7.68
C PHE C 90 -4.13 -10.15 -6.84
N LYS C 91 -3.26 -10.06 -5.84
CA LYS C 91 -2.99 -11.21 -5.00
C LYS C 91 -4.24 -11.67 -4.27
N LYS C 92 -5.07 -10.71 -3.82
CA LYS C 92 -6.34 -11.08 -3.22
C LYS C 92 -7.27 -11.71 -4.24
N ILE C 93 -7.37 -11.13 -5.44
CA ILE C 93 -8.33 -11.60 -6.43
C ILE C 93 -8.00 -13.01 -6.89
N GLU C 94 -6.71 -13.30 -7.14
CA GLU C 94 -6.35 -14.60 -7.71
C GLU C 94 -6.65 -15.75 -6.75
N LYS C 95 -6.80 -15.46 -5.45
CA LYS C 95 -7.15 -16.49 -4.48
C LYS C 95 -8.65 -16.72 -4.36
N GLY C 96 -9.45 -16.02 -5.17
CA GLY C 96 -10.89 -16.16 -5.12
C GLY C 96 -11.64 -15.02 -4.47
N ASP C 97 -10.96 -13.91 -4.15
CA ASP C 97 -11.61 -12.76 -3.52
C ASP C 97 -12.21 -11.84 -4.58
N ILE C 98 -13.15 -12.40 -5.35
CA ILE C 98 -13.91 -11.66 -6.34
C ILE C 98 -15.31 -12.25 -6.40
N PHE C 99 -16.26 -11.45 -6.89
CA PHE C 99 -17.66 -11.82 -6.77
C PHE C 99 -18.46 -11.12 -7.86
N LEU C 100 -19.40 -11.87 -8.47
CA LEU C 100 -20.32 -11.33 -9.46
C LEU C 100 -21.75 -11.43 -8.97
N PRO C 101 -22.31 -10.38 -8.39
CA PRO C 101 -23.72 -10.44 -7.98
C PRO C 101 -24.65 -10.52 -9.18
N GLU C 102 -25.80 -11.14 -8.97
CA GLU C 102 -26.82 -11.24 -10.00
C GLU C 102 -27.68 -9.98 -9.97
N ARG C 103 -28.79 -10.00 -10.69
CA ARG C 103 -29.69 -8.86 -10.77
C ARG C 103 -30.87 -9.07 -9.82
N GLY C 104 -31.26 -8.00 -9.14
CA GLY C 104 -32.36 -8.05 -8.21
C GLY C 104 -32.00 -8.52 -6.82
N ASN C 105 -30.71 -8.69 -6.52
CA ASN C 105 -30.27 -9.22 -5.24
C ASN C 105 -29.61 -8.13 -4.40
N ILE C 106 -29.84 -8.19 -3.09
CA ILE C 106 -29.36 -7.16 -2.17
C ILE C 106 -28.06 -7.67 -1.56
N LEU C 107 -27.01 -6.87 -1.66
CA LEU C 107 -25.73 -7.22 -1.05
C LEU C 107 -25.60 -6.56 0.32
N ILE C 108 -25.17 -7.35 1.30
CA ILE C 108 -24.99 -6.90 2.67
C ILE C 108 -23.53 -7.05 3.04
N SER C 109 -22.94 -5.99 3.57
CA SER C 109 -21.56 -6.04 4.02
C SER C 109 -21.43 -6.94 5.24
N ALA C 110 -20.31 -7.65 5.33
CA ALA C 110 -20.04 -8.54 6.45
C ALA C 110 -18.93 -8.01 7.35
N ILE C 111 -18.57 -6.74 7.20
CA ILE C 111 -17.56 -6.10 8.04
C ILE C 111 -18.13 -4.77 8.51
N ARG C 112 -18.16 -4.56 9.83
CA ARG C 112 -18.70 -3.36 10.46
C ARG C 112 -20.12 -3.10 9.96
N PRO C 113 -21.09 -3.92 10.36
CA PRO C 113 -22.48 -3.71 9.89
C PRO C 113 -23.10 -2.41 10.36
N TYR C 114 -22.54 -1.75 11.38
CA TYR C 114 -23.12 -0.52 11.88
C TYR C 114 -22.96 0.65 10.91
N LEU C 115 -22.15 0.49 9.85
CA LEU C 115 -22.00 1.53 8.85
C LEU C 115 -23.10 1.50 7.78
N ASN C 116 -23.94 0.47 7.78
CA ASN C 116 -25.07 0.36 6.86
C ASN C 116 -24.62 0.42 5.40
N LYS C 117 -23.63 -0.40 5.06
CA LYS C 117 -23.10 -0.48 3.71
C LYS C 117 -23.85 -1.55 2.91
N ILE C 118 -25.15 -1.34 2.76
CA ILE C 118 -26.02 -2.28 2.05
C ILE C 118 -26.21 -1.78 0.62
N VAL C 119 -26.04 -2.67 -0.35
CA VAL C 119 -26.07 -2.33 -1.76
C VAL C 119 -27.14 -3.16 -2.44
N LEU C 120 -27.96 -2.51 -3.26
CA LEU C 120 -28.96 -3.18 -4.07
C LEU C 120 -28.50 -3.21 -5.52
N ILE C 121 -28.51 -4.41 -6.12
CA ILE C 121 -28.16 -4.59 -7.53
C ILE C 121 -29.44 -4.90 -8.27
N LYS C 122 -29.80 -4.04 -9.23
CA LYS C 122 -31.07 -4.13 -9.92
C LYS C 122 -30.84 -4.26 -11.43
N GLU C 123 -31.88 -4.70 -12.12
CA GLU C 123 -31.78 -4.97 -13.56
C GLU C 123 -31.66 -3.70 -14.38
N ASP C 124 -31.89 -2.53 -13.79
CA ASP C 124 -31.85 -1.28 -14.55
C ASP C 124 -30.46 -1.03 -15.12
N ASP C 125 -29.42 -1.27 -14.32
CA ASP C 125 -28.06 -1.01 -14.76
C ASP C 125 -27.55 -2.21 -15.54
N LYS C 126 -27.28 -2.01 -16.83
CA LYS C 126 -26.77 -3.10 -17.67
C LYS C 126 -25.36 -3.50 -17.27
N THR C 127 -24.53 -2.54 -16.86
CA THR C 127 -23.16 -2.84 -16.47
C THR C 127 -23.13 -3.71 -15.22
N ASP C 128 -22.22 -4.67 -15.20
CA ASP C 128 -22.07 -5.60 -14.10
C ASP C 128 -20.78 -5.29 -13.36
N ILE C 129 -20.85 -5.20 -12.03
CA ILE C 129 -19.73 -4.78 -11.20
C ILE C 129 -19.19 -5.99 -10.45
N TYR C 130 -17.88 -6.19 -10.51
CA TYR C 130 -17.23 -7.22 -9.71
C TYR C 130 -17.02 -6.69 -8.29
N PHE C 131 -17.42 -7.49 -7.31
CA PHE C 131 -17.34 -7.09 -5.91
C PHE C 131 -16.38 -7.99 -5.16
N THR C 132 -15.88 -7.47 -4.04
CA THR C 132 -15.05 -8.27 -3.16
C THR C 132 -15.92 -9.27 -2.39
N LYS C 133 -15.27 -10.15 -1.65
CA LYS C 133 -15.97 -11.03 -0.73
C LYS C 133 -16.36 -10.22 0.50
N ALA C 134 -16.83 -10.92 1.54
CA ALA C 134 -17.42 -10.27 2.71
C ALA C 134 -18.65 -9.45 2.32
N PHE C 135 -19.31 -9.85 1.23
CA PHE C 135 -20.60 -9.32 0.84
C PHE C 135 -21.56 -10.49 0.75
N ILE C 136 -22.66 -10.42 1.50
CA ILE C 136 -23.59 -11.54 1.61
C ILE C 136 -24.75 -11.26 0.64
N GLN C 137 -24.72 -11.90 -0.51
CA GLN C 137 -25.81 -11.78 -1.46
C GLN C 137 -27.04 -12.53 -0.95
N ILE C 138 -28.19 -11.87 -1.01
CA ILE C 138 -29.46 -12.49 -0.66
C ILE C 138 -30.46 -12.20 -1.77
N LYS C 139 -31.22 -13.22 -2.16
CA LYS C 139 -32.21 -13.06 -3.23
C LYS C 139 -33.57 -12.82 -2.61
N PRO C 140 -34.14 -11.63 -2.75
CA PRO C 140 -35.44 -11.34 -2.11
C PRO C 140 -36.58 -12.05 -2.83
N LEU C 141 -37.22 -12.98 -2.13
CA LEU C 141 -38.43 -13.59 -2.67
C LEU C 141 -39.53 -12.55 -2.84
N ILE C 142 -39.67 -11.65 -1.86
CA ILE C 142 -40.60 -10.54 -1.93
C ILE C 142 -39.90 -9.42 -2.72
N ASN C 143 -40.65 -8.40 -3.14
CA ASN C 143 -40.12 -7.25 -3.87
C ASN C 143 -38.81 -6.78 -3.28
N SER C 144 -37.78 -6.71 -4.13
CA SER C 144 -36.43 -6.45 -3.65
C SER C 144 -36.29 -5.07 -3.04
N ARG C 145 -36.96 -4.07 -3.61
CA ARG C 145 -36.84 -2.71 -3.10
C ARG C 145 -37.39 -2.58 -1.70
N ILE C 146 -38.52 -3.24 -1.42
CA ILE C 146 -39.12 -3.15 -0.10
C ILE C 146 -38.18 -3.71 0.95
N LEU C 147 -37.59 -4.87 0.68
CA LEU C 147 -36.68 -5.48 1.64
C LEU C 147 -35.38 -4.68 1.76
N TYR C 148 -34.92 -4.08 0.66
CA TYR C 148 -33.74 -3.22 0.73
C TYR C 148 -33.99 -2.05 1.68
N TYR C 149 -35.13 -1.37 1.52
CA TYR C 149 -35.45 -0.25 2.40
C TYR C 149 -35.65 -0.70 3.84
N ALA C 150 -36.27 -1.88 4.03
CA ALA C 150 -36.48 -2.38 5.37
C ALA C 150 -35.16 -2.69 6.07
N LEU C 151 -34.25 -3.38 5.39
CA LEU C 151 -32.97 -3.72 5.99
C LEU C 151 -32.10 -2.48 6.24
N ARG C 152 -32.21 -1.46 5.38
CA ARG C 152 -31.41 -0.27 5.61
C ARG C 152 -31.88 0.52 6.83
N THR C 153 -33.18 0.53 7.10
CA THR C 153 -33.74 1.39 8.15
C THR C 153 -34.33 0.59 9.30
N ILE C 154 -35.27 -0.33 9.03
CA ILE C 154 -36.03 -0.94 10.10
C ILE C 154 -35.24 -2.04 10.79
N PHE C 155 -34.83 -3.05 10.03
CA PHE C 155 -34.19 -4.24 10.58
C PHE C 155 -32.68 -4.07 10.75
N SER C 156 -32.20 -2.82 10.82
CA SER C 156 -30.78 -2.59 11.06
C SER C 156 -30.40 -2.90 12.50
N GLU C 157 -31.30 -2.67 13.45
CA GLU C 157 -31.01 -2.99 14.85
C GLU C 157 -30.80 -4.49 15.04
N LYS C 158 -31.63 -5.31 14.39
CA LYS C 158 -31.46 -6.75 14.49
C LYS C 158 -30.14 -7.19 13.87
N ILE C 159 -29.76 -6.60 12.73
CA ILE C 159 -28.50 -6.95 12.10
C ILE C 159 -27.33 -6.56 12.99
N ASN C 160 -27.44 -5.43 13.68
CA ASN C 160 -26.39 -5.02 14.60
C ASN C 160 -26.35 -5.92 15.83
N ALA C 161 -27.50 -6.48 16.22
CA ALA C 161 -27.54 -7.36 17.38
C ALA C 161 -26.75 -8.64 17.14
N VAL C 162 -27.02 -9.31 16.02
CA VAL C 162 -26.39 -10.60 15.74
C VAL C 162 -24.95 -10.48 15.27
N SER C 163 -24.41 -9.27 15.18
CA SER C 163 -23.01 -9.10 14.86
C SER C 163 -22.15 -9.46 16.06
N ARG C 164 -21.01 -10.09 15.79
CA ARG C 164 -20.11 -10.57 16.82
C ARG C 164 -18.85 -9.71 16.80
N GLN C 165 -18.58 -9.03 17.92
CA GLN C 165 -17.42 -8.15 17.99
C GLN C 165 -16.14 -8.94 18.26
N GLY C 166 -16.08 -9.61 19.41
CA GLY C 166 -14.85 -10.27 19.79
C GLY C 166 -13.75 -9.26 20.06
N LYS C 167 -12.50 -9.73 19.93
CA LYS C 167 -11.34 -8.86 20.03
C LYS C 167 -11.08 -8.28 18.64
N GLY C 168 -11.58 -7.08 18.39
CA GLY C 168 -11.46 -6.46 17.09
C GLY C 168 -12.65 -5.59 16.72
N TYR C 169 -13.27 -5.87 15.58
CA TYR C 169 -14.37 -5.08 15.08
C TYR C 169 -15.58 -5.97 14.81
N PRO C 170 -16.79 -5.41 14.83
CA PRO C 170 -17.99 -6.22 14.58
C PRO C 170 -17.96 -6.87 13.21
N THR C 171 -18.47 -8.09 13.14
CA THR C 171 -18.56 -8.84 11.89
C THR C 171 -19.93 -9.49 11.80
N LEU C 172 -20.29 -9.89 10.59
CA LEU C 172 -21.56 -10.58 10.34
C LEU C 172 -21.27 -11.88 9.61
N LYS C 173 -22.11 -12.88 9.87
CA LYS C 173 -21.97 -14.20 9.26
C LYS C 173 -23.31 -14.65 8.70
N GLU C 174 -23.25 -15.57 7.74
CA GLU C 174 -24.46 -16.03 7.07
C GLU C 174 -25.40 -16.71 8.04
N ASP C 175 -24.87 -17.58 8.91
CA ASP C 175 -25.70 -18.26 9.89
C ASP C 175 -26.34 -17.26 10.86
N ASP C 176 -25.57 -16.27 11.31
CA ASP C 176 -26.12 -15.23 12.17
C ASP C 176 -27.21 -14.44 11.46
N LEU C 177 -27.02 -14.17 10.17
CA LEU C 177 -28.07 -13.52 9.39
C LEU C 177 -29.32 -14.37 9.35
N LYS C 178 -29.16 -15.68 9.15
CA LYS C 178 -30.29 -16.59 9.16
C LYS C 178 -30.95 -16.68 10.54
N THR C 179 -30.22 -16.33 11.60
CA THR C 179 -30.78 -16.38 12.95
C THR C 179 -31.79 -15.27 13.21
N ILE C 180 -31.74 -14.17 12.44
CA ILE C 180 -32.55 -13.01 12.74
C ILE C 180 -34.04 -13.33 12.60
N GLN C 181 -34.84 -12.80 13.52
CA GLN C 181 -36.28 -12.96 13.51
C GLN C 181 -36.93 -11.68 13.00
N PHE C 182 -37.77 -11.80 11.98
CA PHE C 182 -38.41 -10.66 11.33
C PHE C 182 -39.89 -10.65 11.69
N SER C 183 -40.38 -9.50 12.15
CA SER C 183 -41.73 -9.40 12.64
C SER C 183 -42.75 -9.62 11.52
N LYS C 184 -43.84 -10.32 11.87
CA LYS C 184 -44.92 -10.52 10.92
C LYS C 184 -45.63 -9.22 10.59
N LYS C 185 -45.91 -8.40 11.60
CA LYS C 185 -46.76 -7.23 11.41
C LYS C 185 -46.10 -6.22 10.47
N VAL C 186 -44.80 -5.96 10.66
CA VAL C 186 -44.11 -4.97 9.85
C VAL C 186 -44.09 -5.40 8.39
N ILE C 187 -43.73 -6.65 8.14
CA ILE C 187 -43.65 -7.15 6.76
C ILE C 187 -45.02 -7.17 6.12
N ASP C 188 -46.04 -7.56 6.89
CA ASP C 188 -47.40 -7.59 6.36
C ASP C 188 -47.89 -6.20 6.00
N ASN C 189 -47.60 -5.20 6.85
CA ASN C 189 -47.98 -3.83 6.54
C ASN C 189 -47.26 -3.33 5.30
N LEU C 190 -45.96 -3.63 5.19
CA LEU C 190 -45.21 -3.23 4.00
C LEU C 190 -45.79 -3.85 2.74
N LEU C 191 -46.14 -5.14 2.81
CA LEU C 191 -46.71 -5.80 1.63
C LEU C 191 -48.10 -5.25 1.29
N ALA C 192 -48.86 -4.84 2.30
CA ALA C 192 -50.19 -4.29 2.04
C ALA C 192 -50.13 -2.88 1.48
N LYS C 193 -49.14 -2.08 1.87
CA LYS C 193 -48.99 -0.71 1.38
C LYS C 193 -47.83 -0.57 0.39
N GLU C 194 -47.43 -1.67 -0.24
CA GLU C 194 -46.32 -1.68 -1.19
C GLU C 194 -46.45 -0.60 -2.26
N GLU C 195 -47.62 -0.49 -2.89
CA GLU C 195 -47.76 0.42 -4.02
C GLU C 195 -47.53 1.87 -3.59
N GLU C 196 -48.24 2.32 -2.55
CA GLU C 196 -48.08 3.68 -2.07
C GLU C 196 -46.66 3.93 -1.59
N LEU C 197 -46.09 2.98 -0.85
CA LEU C 197 -44.76 3.19 -0.30
C LEU C 197 -43.71 3.29 -1.42
N ILE C 198 -43.77 2.40 -2.40
CA ILE C 198 -42.79 2.43 -3.47
C ILE C 198 -42.95 3.70 -4.31
N SER C 199 -44.19 4.16 -4.51
CA SER C 199 -44.38 5.42 -5.22
C SER C 199 -43.76 6.58 -4.44
N ASN C 200 -43.95 6.61 -3.12
CA ASN C 200 -43.39 7.68 -2.31
C ASN C 200 -41.86 7.67 -2.36
N ILE C 201 -41.26 6.49 -2.20
CA ILE C 201 -39.80 6.41 -2.23
C ILE C 201 -39.27 6.79 -3.62
N ASP C 202 -39.99 6.40 -4.67
CA ASP C 202 -39.57 6.77 -6.01
C ASP C 202 -39.58 8.28 -6.19
N ALA C 203 -40.64 8.95 -5.72
CA ALA C 203 -40.68 10.41 -5.81
C ALA C 203 -39.57 11.06 -5.02
N LEU C 204 -39.32 10.58 -3.80
CA LEU C 204 -38.27 11.19 -2.98
C LEU C 204 -36.89 10.96 -3.58
N GLU C 205 -36.64 9.78 -4.14
CA GLU C 205 -35.36 9.53 -4.78
C GLU C 205 -35.21 10.33 -6.07
N LYS C 206 -36.31 10.60 -6.77
CA LYS C 206 -36.24 11.50 -7.93
C LYS C 206 -35.84 12.90 -7.49
N ASP C 207 -36.42 13.38 -6.38
CA ASP C 207 -36.02 14.67 -5.85
C ASP C 207 -34.54 14.67 -5.45
N ILE C 208 -34.09 13.58 -4.84
CA ILE C 208 -32.68 13.45 -4.48
C ILE C 208 -31.79 13.52 -5.71
N LYS C 209 -32.20 12.86 -6.79
CA LYS C 209 -31.39 12.88 -8.01
C LYS C 209 -31.36 14.27 -8.63
N GLU C 210 -32.46 15.02 -8.55
CA GLU C 210 -32.43 16.41 -9.00
C GLU C 210 -31.45 17.23 -8.18
N LEU C 211 -31.49 17.07 -6.86
CA LEU C 211 -30.57 17.81 -6.00
C LEU C 211 -29.12 17.43 -6.24
N LYS C 212 -28.87 16.15 -6.56
CA LYS C 212 -27.51 15.74 -6.91
C LYS C 212 -27.09 16.33 -8.25
N SER C 213 -28.02 16.42 -9.19
CA SER C 213 -27.71 17.00 -10.49
C SER C 213 -27.34 18.48 -10.35
N ILE C 214 -28.06 19.22 -9.50
CA ILE C 214 -27.77 20.63 -9.34
C ILE C 214 -26.49 20.88 -8.54
N GLN C 215 -25.97 19.87 -7.85
CA GLN C 215 -24.74 20.00 -7.10
C GLN C 215 -23.54 20.09 -8.04
N ARG C 216 -22.53 20.84 -7.62
CA ARG C 216 -21.37 21.14 -8.46
C ARG C 216 -20.10 20.71 -7.74
N SER C 217 -19.20 20.05 -8.48
CA SER C 217 -18.11 19.28 -7.89
C SER C 217 -16.97 20.17 -7.41
N LYS C 218 -16.12 19.59 -6.56
CA LYS C 218 -15.02 20.33 -5.95
C LYS C 218 -14.03 20.81 -6.99
N LYS C 219 -13.68 19.96 -7.95
CA LYS C 219 -12.72 20.34 -8.98
C LYS C 219 -13.18 21.56 -9.75
N GLU C 220 -14.47 21.58 -10.11
CA GLU C 220 -15.02 22.75 -10.80
C GLU C 220 -14.96 23.98 -9.91
N ILE C 221 -15.20 23.82 -8.61
CA ILE C 221 -15.14 24.97 -7.70
C ILE C 221 -13.74 25.57 -7.71
N VAL C 222 -12.72 24.73 -7.52
CA VAL C 222 -11.35 25.23 -7.43
C VAL C 222 -10.93 25.86 -8.76
N ASP C 223 -11.24 25.18 -9.87
CA ASP C 223 -10.85 25.69 -11.17
C ASP C 223 -11.53 27.03 -11.47
N GLU C 224 -12.82 27.14 -11.18
CA GLU C 224 -13.52 28.38 -11.46
C GLU C 224 -13.03 29.53 -10.58
N VAL C 225 -12.76 29.25 -9.30
CA VAL C 225 -12.27 30.31 -8.43
C VAL C 225 -10.91 30.80 -8.90
N PHE C 226 -10.00 29.87 -9.22
CA PHE C 226 -8.66 30.27 -9.66
C PHE C 226 -8.72 31.00 -11.00
N SER C 227 -9.54 30.52 -11.92
CA SER C 227 -9.68 31.18 -13.22
C SER C 227 -10.24 32.58 -13.06
N SER C 228 -11.25 32.75 -12.21
CA SER C 228 -11.84 34.06 -11.99
C SER C 228 -10.84 35.02 -11.37
N HIS C 229 -10.07 34.54 -10.39
CA HIS C 229 -9.09 35.40 -9.74
C HIS C 229 -7.98 35.81 -10.71
N PHE C 230 -7.47 34.85 -11.50
CA PHE C 230 -6.35 35.12 -12.39
C PHE C 230 -6.78 35.47 -13.81
N ASN C 231 -8.09 35.58 -14.07
CA ASN C 231 -8.62 35.95 -15.38
C ASN C 231 -8.22 34.97 -16.47
N ILE C 232 -7.94 33.72 -16.10
CA ILE C 232 -7.58 32.71 -17.09
C ILE C 232 -8.81 32.30 -17.89
N ASN C 233 -8.62 32.11 -19.19
CA ASN C 233 -9.68 31.67 -20.09
C ASN C 233 -9.50 30.17 -20.33
N MET C 234 -10.46 29.37 -19.86
CA MET C 234 -10.30 27.92 -19.89
C MET C 234 -10.36 27.35 -21.30
N VAL C 235 -11.19 27.93 -22.17
CA VAL C 235 -11.28 27.43 -23.54
C VAL C 235 -9.96 27.64 -24.27
N GLU C 236 -9.25 28.73 -23.97
CA GLU C 236 -7.95 28.96 -24.56
C GLU C 236 -6.96 27.86 -24.16
N LEU C 237 -6.96 27.48 -22.89
CA LEU C 237 -6.09 26.39 -22.44
C LEU C 237 -6.48 25.07 -23.10
N MET C 238 -7.78 24.78 -23.16
CA MET C 238 -8.21 23.55 -23.81
C MET C 238 -7.85 23.54 -25.29
N ALA C 239 -7.74 24.70 -25.92
CA ALA C 239 -7.23 24.75 -27.30
C ALA C 239 -5.73 24.52 -27.34
N LEU C 240 -4.98 25.15 -26.43
CA LEU C 240 -3.53 24.99 -26.42
C LEU C 240 -3.13 23.61 -25.93
N ASP C 241 -3.79 23.10 -24.89
CA ASP C 241 -3.39 21.81 -24.33
C ASP C 241 -3.63 20.67 -25.31
N SER C 242 -4.67 20.76 -26.13
CA SER C 242 -4.97 19.72 -27.12
C SER C 242 -4.44 20.18 -28.48
N GLN C 243 -3.13 20.09 -28.63
CA GLN C 243 -2.47 20.46 -29.89
C GLN C 243 -1.73 19.30 -30.52
N ARG C 244 -0.92 18.58 -29.74
CA ARG C 244 -0.09 17.45 -30.16
C ARG C 244 1.02 17.86 -31.10
N ARG C 245 1.13 19.14 -31.46
CA ARG C 245 2.22 19.66 -32.28
C ARG C 245 2.69 20.99 -31.71
N VAL C 246 3.98 21.08 -31.44
CA VAL C 246 4.60 22.29 -30.92
C VAL C 246 5.73 22.67 -31.84
N ASP C 247 5.75 23.92 -32.29
CA ASP C 247 6.87 24.44 -33.06
C ASP C 247 7.76 25.24 -32.12
N VAL C 248 8.95 24.71 -31.84
CA VAL C 248 9.84 25.26 -30.83
C VAL C 248 11.03 25.91 -31.50
N GLY C 249 11.31 27.15 -31.11
CA GLY C 249 12.51 27.82 -31.57
C GLY C 249 13.73 27.42 -30.76
N LEU C 250 14.90 27.63 -31.35
CA LEU C 250 16.14 27.32 -30.64
C LEU C 250 16.34 28.22 -29.43
N SER C 251 16.02 29.51 -29.58
CA SER C 251 16.20 30.44 -28.47
C SER C 251 15.29 30.11 -27.29
N SER C 252 14.12 29.52 -27.57
CA SER C 252 13.18 29.20 -26.50
C SER C 252 13.68 28.10 -25.58
N ILE C 253 14.70 27.34 -25.99
CA ILE C 253 15.17 26.23 -25.18
C ILE C 253 15.76 26.72 -23.86
N SER C 254 16.59 27.76 -23.93
CA SER C 254 17.29 28.25 -22.75
C SER C 254 16.53 29.42 -22.11
N SER C 255 15.35 29.10 -21.59
CA SER C 255 14.51 30.05 -20.87
C SER C 255 14.14 29.41 -19.53
N LEU C 256 14.85 29.81 -18.47
CA LEU C 256 14.65 29.26 -17.14
C LEU C 256 14.81 27.74 -17.13
N ASN C 257 15.75 27.24 -17.94
CA ASN C 257 15.93 25.80 -18.13
C ASN C 257 17.11 25.27 -17.30
N SER C 258 18.30 25.84 -17.50
CA SER C 258 19.48 25.57 -16.69
C SER C 258 20.02 24.16 -16.88
N THR C 259 19.33 23.34 -17.68
CA THR C 259 19.80 22.02 -18.02
C THR C 259 19.70 21.71 -19.51
N ILE C 260 19.25 22.66 -20.32
CA ILE C 260 19.13 22.51 -21.77
C ILE C 260 18.29 21.27 -22.07
N ARG C 261 17.12 21.17 -21.45
CA ARG C 261 16.20 20.09 -21.75
C ARG C 261 15.33 20.48 -22.93
N TYR C 262 15.36 19.68 -23.99
CA TYR C 262 14.44 19.84 -25.11
C TYR C 262 13.69 18.54 -25.29
N SER C 263 12.37 18.60 -25.20
CA SER C 263 11.51 17.45 -25.38
C SER C 263 10.11 17.97 -25.66
N TYR C 264 9.26 17.11 -26.23
CA TYR C 264 7.90 17.53 -26.52
C TYR C 264 7.14 17.87 -25.24
N ARG C 265 7.26 17.04 -24.22
N ARG C 265 7.27 17.03 -24.21
CA ARG C 265 6.51 17.26 -22.98
CA ARG C 265 6.51 17.26 -22.98
C ARG C 265 6.99 18.51 -22.26
C ARG C 265 6.99 18.51 -22.26
N TRP C 266 8.30 18.66 -22.11
CA TRP C 266 8.83 19.82 -21.40
C TRP C 266 8.50 21.11 -22.13
N ASN C 267 8.63 21.13 -23.45
CA ASN C 267 8.34 22.35 -24.20
C ASN C 267 6.84 22.64 -24.25
N LYS C 268 6.01 21.60 -24.29
CA LYS C 268 4.57 21.82 -24.18
C LYS C 268 4.21 22.42 -22.83
N MET C 269 4.80 21.89 -21.75
CA MET C 269 4.56 22.45 -20.43
C MET C 269 5.01 23.91 -20.35
N LYS C 270 6.18 24.21 -20.92
CA LYS C 270 6.67 25.58 -20.90
C LYS C 270 5.76 26.50 -21.70
N LEU C 271 5.24 26.04 -22.84
CA LEU C 271 4.32 26.85 -23.62
C LEU C 271 3.03 27.12 -22.85
N ILE C 272 2.48 26.09 -22.21
CA ILE C 272 1.25 26.28 -21.43
C ILE C 272 1.50 27.24 -20.27
N GLN C 273 2.64 27.09 -19.60
CA GLN C 273 2.97 28.00 -18.50
C GLN C 273 3.13 29.43 -18.99
N LYS C 274 3.75 29.60 -20.16
CA LYS C 274 3.89 30.93 -20.73
C LYS C 274 2.53 31.54 -21.03
N TYR C 275 1.59 30.73 -21.51
CA TYR C 275 0.24 31.25 -21.73
C TYR C 275 -0.45 31.61 -20.41
N LEU C 276 -0.29 30.75 -19.40
CA LEU C 276 -0.90 31.02 -18.10
C LEU C 276 -0.34 32.28 -17.46
N TYR C 277 0.99 32.36 -17.37
CA TYR C 277 1.66 33.43 -16.63
C TYR C 277 1.86 34.68 -17.48
N ARG C 278 1.10 34.84 -18.56
CA ARG C 278 1.23 35.99 -19.43
C ARG C 278 0.89 37.28 -18.69
N ASP C 279 -0.37 37.43 -18.28
CA ASP C 279 -0.78 38.62 -17.55
C ASP C 279 -0.33 38.56 -16.09
N ILE C 280 -0.28 37.37 -15.50
CA ILE C 280 0.14 37.22 -14.11
C ILE C 280 1.63 37.51 -13.99
N ASP C 281 2.01 38.18 -12.91
CA ASP C 281 3.38 38.52 -12.59
C ASP C 281 3.75 37.81 -11.29
N CYS C 282 4.91 38.17 -10.75
N CYS C 282 4.89 38.17 -10.73
CA CYS C 282 5.42 37.65 -9.48
CA CYS C 282 5.37 37.64 -9.45
C CYS C 282 5.58 36.13 -9.50
C CYS C 282 5.58 36.13 -9.49
N ILE C 283 5.94 35.58 -10.67
CA ILE C 283 6.19 34.16 -10.77
C ILE C 283 7.50 33.82 -10.06
N GLU C 284 7.47 32.78 -9.23
CA GLU C 284 8.61 32.46 -8.39
C GLU C 284 8.78 30.95 -8.25
N PRO C 285 10.01 30.46 -8.12
CA PRO C 285 10.20 29.02 -7.95
C PRO C 285 9.81 28.56 -6.55
N LEU C 286 9.49 27.27 -6.44
CA LEU C 286 9.17 26.67 -5.16
C LEU C 286 10.41 26.23 -4.40
N GLY C 287 11.56 26.12 -5.06
CA GLY C 287 12.77 25.72 -4.37
C GLY C 287 13.29 26.77 -3.41
N LYS C 288 12.98 28.04 -3.66
CA LYS C 288 13.44 29.10 -2.78
C LYS C 288 12.67 29.12 -1.47
N TYR C 289 11.37 28.80 -1.52
CA TYR C 289 10.49 28.90 -0.37
C TYR C 289 10.17 27.55 0.23
N ILE C 290 10.87 26.49 -0.15
CA ILE C 290 10.67 25.17 0.41
C ILE C 290 11.66 24.97 1.55
N LEU C 291 11.18 24.45 2.67
CA LEU C 291 12.06 24.16 3.79
C LEU C 291 12.53 22.72 3.77
N SER C 292 11.61 21.76 3.66
CA SER C 292 12.01 20.36 3.58
C SER C 292 10.89 19.54 2.96
N SER C 293 11.27 18.36 2.49
CA SER C 293 10.32 17.40 1.95
C SER C 293 10.72 16.01 2.42
N ASN C 294 9.78 15.30 3.04
CA ASN C 294 10.04 13.98 3.58
C ASN C 294 9.07 12.98 2.97
N ASN C 295 9.60 11.91 2.39
CA ASN C 295 8.76 10.88 1.80
C ASN C 295 8.37 9.86 2.86
N GLY C 296 7.07 9.60 2.95
CA GLY C 296 6.57 8.57 3.84
C GLY C 296 6.81 7.19 3.26
N TRP C 297 6.58 6.19 4.10
CA TRP C 297 6.79 4.81 3.70
C TRP C 297 5.81 3.92 4.46
N SER C 298 5.33 2.88 3.78
CA SER C 298 4.30 2.02 4.36
C SER C 298 4.69 0.56 4.23
N PRO C 299 4.66 -0.21 5.31
CA PRO C 299 5.02 -1.62 5.25
C PRO C 299 3.85 -2.46 4.76
N GLU C 300 4.07 -3.77 4.74
CA GLU C 300 3.03 -4.70 4.33
C GLU C 300 1.85 -4.61 5.28
N SER C 301 0.64 -4.62 4.72
CA SER C 301 -0.56 -4.45 5.52
C SER C 301 -1.72 -5.18 4.85
N VAL C 302 -2.75 -5.45 5.66
CA VAL C 302 -3.97 -6.11 5.20
C VAL C 302 -5.13 -5.25 5.67
N VAL C 303 -6.24 -5.31 4.92
CA VAL C 303 -7.45 -4.61 5.33
C VAL C 303 -7.82 -5.04 6.74
N GLY C 304 -7.82 -4.08 7.67
CA GLY C 304 -7.99 -4.41 9.07
C GLY C 304 -6.67 -4.75 9.72
N GLY C 305 -6.61 -5.89 10.40
CA GLY C 305 -5.40 -6.34 11.06
C GLY C 305 -5.23 -5.88 12.48
N GLU C 306 -6.07 -4.95 12.96
CA GLU C 306 -6.04 -4.46 14.33
C GLU C 306 -4.66 -3.92 14.70
N GLY C 307 -4.03 -3.23 13.77
CA GLY C 307 -2.76 -2.58 14.03
C GLY C 307 -2.87 -1.08 13.96
N ILE C 308 -1.74 -0.39 13.82
CA ILE C 308 -1.77 1.06 13.66
C ILE C 308 -2.37 1.40 12.30
N PRO C 309 -3.32 2.33 12.23
CA PRO C 309 -4.04 2.57 10.97
C PRO C 309 -3.15 3.18 9.90
N ILE C 310 -3.55 2.96 8.64
CA ILE C 310 -2.90 3.54 7.48
C ILE C 310 -3.97 4.11 6.56
N LEU C 311 -3.58 5.09 5.76
CA LEU C 311 -4.53 5.74 4.86
C LEU C 311 -4.60 5.00 3.52
N GLY C 312 -5.40 5.58 2.61
CA GLY C 312 -5.48 5.06 1.26
C GLY C 312 -5.38 6.21 0.26
N GLN C 313 -5.28 5.83 -1.01
CA GLN C 313 -5.16 6.85 -2.06
C GLN C 313 -6.46 7.61 -2.28
N GLU C 314 -7.59 7.07 -1.83
CA GLU C 314 -8.87 7.75 -1.99
C GLU C 314 -9.10 8.84 -0.95
N HIS C 315 -8.29 8.89 0.10
CA HIS C 315 -8.49 9.89 1.14
C HIS C 315 -8.10 11.29 0.70
N LEU C 316 -7.29 11.41 -0.34
CA LEU C 316 -6.95 12.74 -0.87
C LEU C 316 -8.15 13.35 -1.56
N GLU C 317 -8.33 14.66 -1.37
CA GLU C 317 -9.48 15.37 -1.89
C GLU C 317 -9.05 16.62 -2.64
N PHE C 318 -9.91 17.09 -3.54
CA PHE C 318 -9.60 18.28 -4.32
C PHE C 318 -9.76 19.56 -3.52
N ASP C 319 -10.58 19.54 -2.46
CA ASP C 319 -10.77 20.75 -1.66
C ASP C 319 -9.53 21.14 -0.88
N GLY C 320 -8.55 20.25 -0.78
CA GLY C 320 -7.36 20.51 0.00
C GLY C 320 -7.44 20.07 1.44
N VAL C 321 -8.45 19.30 1.82
CA VAL C 321 -8.64 18.83 3.19
C VAL C 321 -8.54 17.31 3.17
N LEU C 322 -7.65 16.77 4.01
CA LEU C 322 -7.50 15.33 4.09
C LEU C 322 -8.67 14.73 4.86
N ASN C 323 -9.51 13.97 4.16
CA ASN C 323 -10.67 13.32 4.76
C ASN C 323 -10.19 12.06 5.45
N VAL C 324 -9.90 12.17 6.75
CA VAL C 324 -9.32 11.07 7.50
C VAL C 324 -10.39 10.04 7.79
N SER C 325 -10.23 8.84 7.23
CA SER C 325 -11.13 7.72 7.48
C SER C 325 -10.42 6.42 7.14
N PRO C 326 -9.39 6.04 7.90
CA PRO C 326 -8.62 4.84 7.54
C PRO C 326 -9.49 3.59 7.58
N THR C 327 -9.21 2.68 6.64
CA THR C 327 -9.90 1.40 6.56
C THR C 327 -8.98 0.22 6.86
N LYS C 328 -7.68 0.36 6.63
CA LYS C 328 -6.72 -0.71 6.82
C LYS C 328 -5.70 -0.31 7.88
N ALA C 329 -5.01 -1.31 8.42
CA ALA C 329 -4.01 -1.07 9.46
C ALA C 329 -2.91 -2.11 9.34
N THR C 330 -1.77 -1.79 9.94
CA THR C 330 -0.60 -2.67 9.96
C THR C 330 -0.48 -3.27 11.35
N THR C 331 -0.42 -4.60 11.43
CA THR C 331 -0.38 -5.27 12.72
C THR C 331 1.02 -5.40 13.29
N LYS C 332 2.05 -5.46 12.45
CA LYS C 332 3.41 -5.60 12.96
C LYS C 332 4.01 -4.22 13.20
N THR C 333 5.06 -4.18 14.02
CA THR C 333 5.65 -2.93 14.46
C THR C 333 6.99 -2.70 13.75
N LYS C 334 7.37 -1.43 13.68
CA LYS C 334 8.61 -0.99 13.08
C LYS C 334 9.58 -0.58 14.19
N ASN C 335 10.76 -0.10 13.81
CA ASN C 335 11.71 0.39 14.79
C ASN C 335 11.53 1.89 15.05
N ASN C 336 11.30 2.67 14.00
CA ASN C 336 11.11 4.10 14.11
C ASN C 336 9.79 4.50 13.47
N MET C 337 9.00 5.29 14.20
CA MET C 337 7.73 5.79 13.68
C MET C 337 7.51 7.26 14.03
N GLU C 338 8.57 7.99 14.40
CA GLU C 338 8.40 9.33 14.96
C GLU C 338 7.75 10.28 13.97
N ASN C 339 8.20 10.27 12.71
CA ASN C 339 7.67 11.18 11.69
C ASN C 339 6.70 10.51 10.74
N PHE C 340 6.37 9.24 10.96
CA PHE C 340 5.45 8.52 10.09
C PHE C 340 3.99 8.70 10.50
N PHE C 341 3.72 9.49 11.53
CA PHE C 341 2.35 9.82 11.92
C PHE C 341 1.90 11.11 11.25
N ILE C 342 0.60 11.27 11.12
CA ILE C 342 0.02 12.46 10.52
C ILE C 342 -0.27 13.48 11.62
N GLN C 343 0.17 14.71 11.40
CA GLN C 343 -0.06 15.81 12.34
C GLN C 343 -0.98 16.85 11.71
N GLU C 344 -1.50 17.72 12.57
CA GLU C 344 -2.36 18.80 12.11
C GLU C 344 -1.56 19.85 11.35
N GLY C 345 -2.20 20.44 10.34
CA GLY C 345 -1.59 21.52 9.58
C GLY C 345 -0.38 21.11 8.79
N ASP C 346 -0.47 19.99 8.09
CA ASP C 346 0.62 19.49 7.25
C ASP C 346 0.17 19.45 5.80
N LEU C 347 1.15 19.50 4.90
CA LEU C 347 0.92 19.47 3.46
C LEU C 347 1.35 18.11 2.92
N PHE C 348 0.42 17.38 2.32
CA PHE C 348 0.66 16.05 1.80
C PHE C 348 0.52 16.07 0.29
N ILE C 349 1.52 15.52 -0.41
CA ILE C 349 1.59 15.51 -1.86
C ILE C 349 1.49 14.08 -2.35
N SER C 350 0.73 13.86 -3.42
CA SER C 350 0.56 12.53 -3.99
C SER C 350 1.67 12.28 -5.00
N ARG C 351 2.47 11.25 -4.77
CA ARG C 351 3.54 10.91 -5.70
C ARG C 351 3.02 10.06 -6.85
N GLY C 352 2.52 8.86 -6.55
CA GLY C 352 2.10 7.94 -7.58
C GLY C 352 0.60 7.73 -7.67
N ASN C 353 0.02 8.09 -8.81
CA ASN C 353 -1.41 7.91 -9.05
C ASN C 353 -1.64 8.01 -10.55
N THR C 354 -2.90 8.10 -10.95
CA THR C 354 -3.23 8.28 -12.35
C THR C 354 -2.68 9.62 -12.84
N VAL C 355 -2.51 9.72 -14.16
CA VAL C 355 -1.94 10.93 -14.75
C VAL C 355 -2.80 12.16 -14.46
N ASP C 356 -4.09 11.96 -14.20
CA ASP C 356 -4.95 13.08 -13.84
C ASP C 356 -4.73 13.47 -12.39
N LEU C 357 -4.92 12.51 -11.47
CA LEU C 357 -4.84 12.77 -10.03
C LEU C 357 -3.45 12.52 -9.48
N VAL C 358 -2.42 13.11 -10.08
CA VAL C 358 -1.04 12.94 -9.63
C VAL C 358 -0.51 14.30 -9.22
N GLY C 359 0.22 14.34 -8.12
CA GLY C 359 0.59 15.60 -7.52
C GLY C 359 -0.51 16.27 -6.74
N LEU C 360 -1.61 15.55 -6.50
CA LEU C 360 -2.71 16.09 -5.72
C LEU C 360 -2.24 16.39 -4.31
N ALA C 361 -2.62 17.56 -3.80
CA ALA C 361 -2.15 18.03 -2.51
C ALA C 361 -3.32 18.19 -1.54
N CYS C 362 -3.03 17.98 -0.26
CA CYS C 362 -4.05 18.08 0.78
C CYS C 362 -3.44 18.65 2.05
N VAL C 363 -4.31 19.20 2.90
CA VAL C 363 -3.92 19.79 4.18
C VAL C 363 -4.72 19.11 5.28
N VAL C 364 -4.03 18.71 6.35
CA VAL C 364 -4.66 18.08 7.50
C VAL C 364 -5.13 19.19 8.42
N GLU C 365 -6.45 19.32 8.60
CA GLU C 365 -7.03 20.37 9.42
C GLU C 365 -7.75 19.86 10.65
N THR C 366 -8.30 18.65 10.62
CA THR C 366 -8.97 18.10 11.79
C THR C 366 -7.94 17.62 12.82
N GLU C 367 -8.43 17.38 14.03
CA GLU C 367 -7.55 16.91 15.10
C GLU C 367 -7.14 15.46 14.84
N VAL C 368 -5.83 15.22 14.81
CA VAL C 368 -5.33 13.90 14.45
C VAL C 368 -5.64 12.88 15.54
N THR C 369 -5.58 13.29 16.81
CA THR C 369 -5.76 12.40 17.95
C THR C 369 -4.84 11.19 17.85
N GLU C 370 -5.40 10.03 17.48
CA GLU C 370 -4.59 8.83 17.33
C GLU C 370 -3.60 8.98 16.20
N ASP C 371 -2.39 8.46 16.40
CA ASP C 371 -1.37 8.49 15.36
C ASP C 371 -1.74 7.52 14.24
N ILE C 372 -1.60 7.98 13.00
CA ILE C 372 -1.97 7.18 11.83
C ILE C 372 -0.82 7.26 10.82
N ILE C 373 -0.50 6.12 10.21
CA ILE C 373 0.59 6.05 9.25
C ILE C 373 0.10 6.50 7.87
N TYR C 374 0.86 7.39 7.24
CA TYR C 374 0.57 7.83 5.88
C TYR C 374 1.45 7.07 4.89
N PRO C 375 0.87 6.52 3.82
CA PRO C 375 1.60 5.57 2.97
C PRO C 375 2.77 6.17 2.20
N ASP C 376 3.47 5.31 1.46
CA ASP C 376 4.64 5.74 0.69
C ASP C 376 4.27 6.71 -0.41
N LEU C 377 3.05 6.62 -0.96
CA LEU C 377 2.65 7.49 -2.05
C LEU C 377 2.22 8.84 -1.49
N TYR C 378 3.05 9.43 -0.64
CA TYR C 378 2.78 10.69 0.02
C TYR C 378 4.11 11.40 0.26
N ILE C 379 4.04 12.73 0.33
CA ILE C 379 5.18 13.55 0.70
C ILE C 379 4.71 14.58 1.71
N ARG C 380 5.37 14.64 2.86
CA ARG C 380 5.18 15.73 3.81
C ARG C 380 6.04 16.90 3.37
N LEU C 381 5.42 18.07 3.19
CA LEU C 381 6.09 19.23 2.62
C LEU C 381 6.05 20.35 3.65
N LYS C 382 7.23 20.77 4.12
CA LYS C 382 7.36 21.89 5.03
C LYS C 382 7.89 23.08 4.26
N ILE C 383 7.15 24.19 4.34
CA ILE C 383 7.33 25.35 3.47
C ILE C 383 7.51 26.60 4.32
N ASP C 384 7.95 27.68 3.67
CA ASP C 384 8.15 28.95 4.34
C ASP C 384 6.80 29.61 4.58
N GLU C 385 6.34 29.61 5.83
CA GLU C 385 4.99 30.07 6.13
C GLU C 385 4.83 31.57 5.97
N LYS C 386 5.93 32.32 6.01
CA LYS C 386 5.82 33.78 5.96
C LYS C 386 5.44 34.27 4.56
N VAL C 387 5.84 33.54 3.53
CA VAL C 387 5.61 33.99 2.16
C VAL C 387 4.43 33.28 1.52
N ILE C 388 4.23 31.99 1.81
CA ILE C 388 3.23 31.17 1.15
C ILE C 388 2.43 30.41 2.20
N HIS C 389 1.11 30.39 2.03
CA HIS C 389 0.22 29.74 2.97
C HIS C 389 0.06 28.26 2.62
N LYS C 390 -0.12 27.44 3.65
CA LYS C 390 -0.11 25.98 3.43
C LYS C 390 -1.26 25.54 2.54
N LYS C 391 -2.46 26.06 2.77
CA LYS C 391 -3.62 25.61 1.99
C LYS C 391 -3.61 26.18 0.58
N TYR C 392 -2.99 27.33 0.36
CA TYR C 392 -2.96 27.91 -0.98
C TYR C 392 -2.20 27.03 -1.94
N LEU C 393 -1.09 26.44 -1.50
CA LEU C 393 -0.34 25.52 -2.35
C LEU C 393 -1.18 24.30 -2.70
N ALA C 394 -1.92 23.76 -1.73
CA ALA C 394 -2.77 22.60 -2.02
C ALA C 394 -3.85 22.96 -3.02
N LEU C 395 -4.48 24.13 -2.87
CA LEU C 395 -5.50 24.55 -3.81
C LEU C 395 -4.92 24.79 -5.20
N LEU C 396 -3.73 25.35 -5.28
CA LEU C 396 -3.07 25.54 -6.58
C LEU C 396 -2.76 24.20 -7.23
N PHE C 397 -2.25 23.24 -6.46
CA PHE C 397 -1.91 21.93 -7.01
C PHE C 397 -3.16 21.21 -7.49
N ASN C 398 -4.26 21.31 -6.74
CA ASN C 398 -5.50 20.69 -7.18
C ASN C 398 -6.16 21.47 -8.32
N SER C 399 -5.79 22.73 -8.52
CA SER C 399 -6.30 23.49 -9.64
C SER C 399 -5.64 23.02 -10.93
N PHE C 400 -6.11 23.55 -12.06
CA PHE C 400 -5.50 23.22 -13.34
C PHE C 400 -4.07 23.72 -13.44
N PHE C 401 -3.71 24.75 -12.66
CA PHE C 401 -2.33 25.24 -12.64
C PHE C 401 -1.35 24.12 -12.36
N GLY C 402 -1.67 23.24 -11.41
CA GLY C 402 -0.78 22.14 -11.08
C GLY C 402 -1.08 20.90 -11.90
N ARG C 403 -2.35 20.71 -12.28
CA ARG C 403 -2.71 19.53 -13.06
C ARG C 403 -2.01 19.53 -14.42
N LEU C 404 -2.00 20.68 -15.09
CA LEU C 404 -1.35 20.75 -16.40
C LEU C 404 0.15 20.52 -16.28
N TYR C 405 0.78 21.06 -15.24
CA TYR C 405 2.20 20.84 -15.05
C TYR C 405 2.51 19.38 -14.77
N PHE C 406 1.72 18.74 -13.90
CA PHE C 406 2.04 17.38 -13.48
C PHE C 406 1.61 16.33 -14.49
N LYS C 407 0.74 16.67 -15.44
CA LYS C 407 0.41 15.69 -16.46
C LYS C 407 1.54 15.52 -17.47
N TYR C 408 2.42 16.53 -17.60
CA TYR C 408 3.57 16.43 -18.48
C TYR C 408 4.86 16.14 -17.74
N VAL C 409 4.97 16.54 -16.47
CA VAL C 409 6.19 16.27 -15.72
C VAL C 409 6.27 14.84 -15.21
N SER C 410 5.12 14.22 -14.94
CA SER C 410 5.10 12.89 -14.35
C SER C 410 5.79 11.88 -15.24
N LYS C 411 6.53 10.95 -14.62
CA LYS C 411 7.25 9.90 -15.31
C LYS C 411 6.74 8.56 -14.81
N GLY C 412 5.94 7.87 -15.62
CA GLY C 412 5.37 6.60 -15.22
C GLY C 412 5.37 5.61 -16.36
N LYS C 413 5.34 4.33 -16.00
CA LYS C 413 5.34 3.25 -16.98
C LYS C 413 3.96 2.97 -17.56
N ASN C 414 2.92 3.61 -17.05
CA ASN C 414 1.56 3.43 -17.56
C ASN C 414 0.72 4.61 -17.12
N GLN C 415 -0.39 4.83 -17.83
CA GLN C 415 -1.29 5.92 -17.48
C GLN C 415 -1.98 5.70 -16.15
N THR C 416 -1.97 4.47 -15.63
CA THR C 416 -2.65 4.20 -14.36
C THR C 416 -1.83 4.70 -13.17
N MET C 417 -0.50 4.56 -13.23
CA MET C 417 0.38 5.09 -12.20
C MET C 417 1.54 5.83 -12.84
N VAL C 418 1.68 7.11 -12.50
CA VAL C 418 2.84 7.92 -12.84
C VAL C 418 3.38 8.51 -11.55
N LYS C 419 4.71 8.49 -11.41
CA LYS C 419 5.36 8.87 -10.15
C LYS C 419 6.11 10.17 -10.35
N ILE C 420 5.76 11.18 -9.56
CA ILE C 420 6.51 12.43 -9.52
C ILE C 420 7.56 12.32 -8.41
N SER C 421 8.56 13.20 -8.46
CA SER C 421 9.60 13.23 -7.45
C SER C 421 9.74 14.63 -6.86
N SER C 422 10.77 14.84 -6.05
CA SER C 422 10.98 16.13 -5.41
C SER C 422 11.74 17.12 -6.30
N ASN C 423 12.39 16.64 -7.36
CA ASN C 423 13.17 17.53 -8.21
C ASN C 423 12.29 18.56 -8.89
N GLU C 424 11.15 18.13 -9.44
CA GLU C 424 10.25 19.07 -10.09
C GLU C 424 9.53 19.95 -9.07
N LEU C 425 9.30 19.44 -7.86
CA LEU C 425 8.78 20.31 -6.81
C LEU C 425 9.77 21.43 -6.52
N LEU C 426 11.06 21.13 -6.53
CA LEU C 426 12.06 22.18 -6.36
C LEU C 426 12.02 23.19 -7.50
N ASN C 427 11.81 22.71 -8.73
CA ASN C 427 11.91 23.55 -9.92
C ASN C 427 10.58 24.12 -10.38
N TYR C 428 9.48 23.82 -9.68
CA TYR C 428 8.17 24.30 -10.12
C TYR C 428 8.05 25.81 -9.94
N TYR C 429 7.37 26.45 -10.88
CA TYR C 429 7.16 27.90 -10.87
C TYR C 429 5.70 28.18 -10.52
N LEU C 430 5.49 29.12 -9.60
CA LEU C 430 4.16 29.41 -9.06
C LEU C 430 3.86 30.89 -9.20
N PRO C 431 2.58 31.26 -9.35
CA PRO C 431 2.19 32.65 -9.08
C PRO C 431 1.99 32.82 -7.58
N ILE C 432 2.79 33.67 -6.96
CA ILE C 432 2.74 33.84 -5.51
C ILE C 432 2.38 35.30 -5.20
N PRO C 433 1.10 35.63 -5.17
CA PRO C 433 0.69 36.99 -4.84
C PRO C 433 0.89 37.27 -3.36
N PRO C 434 0.60 38.48 -2.89
CA PRO C 434 0.68 38.74 -1.44
C PRO C 434 -0.26 37.83 -0.66
N MET C 435 0.14 37.54 0.58
CA MET C 435 -0.60 36.59 1.41
C MET C 435 -2.07 36.96 1.53
N GLU C 436 -2.38 38.25 1.47
CA GLU C 436 -3.77 38.69 1.49
C GLU C 436 -4.56 38.07 0.35
N GLU C 437 -3.97 38.04 -0.86
CA GLU C 437 -4.65 37.45 -2.00
C GLU C 437 -4.86 35.95 -1.80
N GLN C 438 -3.87 35.27 -1.21
CA GLN C 438 -4.03 33.84 -0.94
C GLN C 438 -5.17 33.58 0.03
N LEU C 439 -5.25 34.37 1.11
CA LEU C 439 -6.36 34.22 2.05
C LEU C 439 -7.70 34.53 1.39
N GLU C 440 -7.73 35.53 0.52
CA GLU C 440 -8.97 35.83 -0.20
C GLU C 440 -9.42 34.66 -1.08
N ILE C 441 -8.46 34.05 -1.79
CA ILE C 441 -8.78 32.89 -2.62
C ILE C 441 -9.31 31.75 -1.76
N VAL C 442 -8.64 31.49 -0.63
CA VAL C 442 -9.08 30.42 0.25
C VAL C 442 -10.49 30.71 0.76
N GLY C 443 -10.78 31.96 1.11
CA GLY C 443 -12.10 32.30 1.59
C GLY C 443 -13.18 32.08 0.53
N LYS C 444 -12.90 32.48 -0.72
CA LYS C 444 -13.86 32.22 -1.79
C LYS C 444 -14.12 30.73 -1.95
N ILE C 445 -13.05 29.94 -1.95
CA ILE C 445 -13.23 28.49 -2.09
C ILE C 445 -14.04 27.93 -0.94
N GLU C 446 -13.75 28.37 0.29
CA GLU C 446 -14.47 27.84 1.45
C GLU C 446 -15.94 28.19 1.40
N GLU C 447 -16.29 29.42 1.00
CA GLU C 447 -17.71 29.77 0.94
C GLU C 447 -18.43 29.01 -0.18
N GLN C 448 -17.78 28.88 -1.34
CA GLN C 448 -18.41 28.14 -2.43
C GLN C 448 -18.47 26.64 -2.15
N ILE C 449 -17.67 26.15 -1.20
CA ILE C 449 -17.80 24.76 -0.80
C ILE C 449 -18.86 24.61 0.29
N GLY C 450 -19.00 25.60 1.17
CA GLY C 450 -20.08 25.57 2.14
C GLY C 450 -21.46 25.60 1.50
N ALA C 451 -21.59 26.31 0.38
CA ALA C 451 -22.84 26.24 -0.37
C ALA C 451 -23.16 24.80 -0.77
N GLN C 452 -22.19 24.12 -1.40
CA GLN C 452 -22.42 22.74 -1.77
C GLN C 452 -22.73 21.88 -0.54
N ASN C 453 -22.09 22.19 0.60
CA ASN C 453 -22.38 21.49 1.84
C ASN C 453 -23.85 21.65 2.22
N GLU C 454 -24.41 22.83 2.00
CA GLU C 454 -25.84 23.02 2.19
C GLU C 454 -26.64 22.11 1.25
N ILE C 455 -26.19 21.95 0.00
CA ILE C 455 -26.90 21.03 -0.88
C ILE C 455 -26.88 19.60 -0.33
N GLU C 456 -25.72 19.07 0.10
CA GLU C 456 -25.84 17.68 0.55
C GLU C 456 -26.55 17.59 1.89
N LYS C 457 -26.53 18.62 2.73
CA LYS C 457 -27.32 18.52 3.95
C LYS C 457 -28.81 18.46 3.62
N GLN C 458 -29.24 19.18 2.58
CA GLN C 458 -30.59 18.95 2.06
C GLN C 458 -30.77 17.50 1.60
N ILE C 459 -29.70 16.91 1.04
CA ILE C 459 -29.79 15.53 0.57
C ILE C 459 -30.07 14.57 1.73
N GLU C 460 -29.31 14.68 2.82
CA GLU C 460 -29.64 13.81 3.96
C GLU C 460 -30.96 14.20 4.60
N GLU C 461 -31.41 15.45 4.45
CA GLU C 461 -32.78 15.75 4.89
C GLU C 461 -33.80 14.91 4.12
N LYS C 462 -33.62 14.80 2.80
CA LYS C 462 -34.49 13.94 2.00
C LYS C 462 -34.35 12.48 2.40
N ARG C 463 -33.12 12.03 2.68
CA ARG C 463 -32.92 10.64 3.13
C ARG C 463 -33.67 10.36 4.42
N ASN C 464 -33.58 11.29 5.38
CA ASN C 464 -34.32 11.13 6.62
C ASN C 464 -35.82 11.14 6.40
N GLN C 465 -36.29 11.94 5.43
CA GLN C 465 -37.70 11.90 5.09
C GLN C 465 -38.11 10.52 4.57
N ILE C 466 -37.28 9.91 3.74
CA ILE C 466 -37.56 8.56 3.27
C ILE C 466 -37.63 7.59 4.44
N ARG C 467 -36.67 7.69 5.35
CA ARG C 467 -36.65 6.81 6.52
C ARG C 467 -37.93 6.98 7.34
N VAL C 468 -38.35 8.22 7.57
CA VAL C 468 -39.54 8.47 8.36
C VAL C 468 -40.78 7.91 7.66
N ILE C 469 -40.86 8.06 6.34
CA ILE C 469 -42.00 7.50 5.61
C ILE C 469 -42.04 5.98 5.78
N ILE C 470 -40.90 5.33 5.64
CA ILE C 470 -40.85 3.87 5.77
C ILE C 470 -41.28 3.46 7.18
N GLU C 471 -40.75 4.15 8.19
CA GLU C 471 -41.06 3.79 9.57
C GLU C 471 -42.54 3.99 9.89
N GLU C 472 -43.12 5.10 9.44
CA GLU C 472 -44.53 5.35 9.72
C GLU C 472 -45.44 4.40 8.96
N THR C 473 -45.05 4.01 7.75
CA THR C 473 -45.83 3.02 7.02
C THR C 473 -45.77 1.66 7.71
N ALA C 474 -44.60 1.28 8.20
CA ALA C 474 -44.46 -0.04 8.82
C ALA C 474 -45.13 -0.11 10.18
N ARG C 475 -44.98 0.94 10.99
CA ARG C 475 -45.48 0.90 12.36
C ARG C 475 -47.00 0.76 12.40
N SER C 476 -47.70 1.48 11.53
CA SER C 476 -49.16 1.42 11.50
C SER C 476 -49.69 1.43 10.07
#